data_7WWV
#
_entry.id   7WWV
#
_cell.length_a   1.00
_cell.length_b   1.00
_cell.length_c   1.00
_cell.angle_alpha   90.00
_cell.angle_beta   90.00
_cell.angle_gamma   90.00
#
_symmetry.space_group_name_H-M   'P 1'
#
loop_
_entity.id
_entity.type
_entity.pdbx_description
1 polymer Csy1
2 polymer Csy2
3 polymer Csy3
4 polymer guide-RNA
5 polymer 'target strand DNA'
6 polymer 'non-target strand DNA'
#
loop_
_entity_poly.entity_id
_entity_poly.type
_entity_poly.pdbx_seq_one_letter_code
_entity_poly.pdbx_strand_id
1 'polypeptide(L)'
;MGSSHHHHHHSSGRENLYFQGMIKEMIEDFISKGGLIFTHSGRYTNTNNSCFIFNKNDIGVDTKVDMYTPKSAGIKNEEG
ENLWQVLNKANMFYRIYSGELGEELQYLLKSCCTAKEDVTTLPQIYFKNGEGYDILVPIGNAHNLISGTEYLWEHKYYNT
FTQKLGGSNPQNCTHACNKMRGGFKQFNCTPPQVEDNYNA
;
A
2 'polypeptide(L)'
;MGSSHHHHHHSSGRENLYFQGMRKFIIVKNVKVDGINAKSSDITVGMPPATTFCGLGETMSIKTGIVVKAVSYGSVKFEV
RGSRFNTSVTKFAWQDRGNGGKANNNSPIQPKPLADGVFTLCFEVEWEDCAEVLVDKVTNFINTARIAGGTIASFNKPFV
KVAKDAEELASVKNAMMPCYVVVDCGVEVNIFEDAVNRKLQPMVNGYKKLEKIVDNKHMRDKFTPAYLATPTYTMIGYKM
VSNVDNFDQALWQYGENTKVKTIGGIYND
;
B
3 'polypeptide(L)'
;MGSSHHHHHHSSGRENLYFQGMTKLKAPAVLAYSRKINPTNALMFAVNWSDRDNTTAVMVGTKTVAGTQSVRGNPNDADK
GNIQTVNFANLPHNKNTLLVKYNVKFVGDVFKAELGGGEYSNTLQTALENTDFGTLAYRYVYNIAAGRTLWRNRVGAESI
ETVITVNDQTFTFSDLLVNEFDEDVDVAEIADMVAGVLSGEGFVTLKVEHYMLLGEGSEVFPSQEFVENSKLSKQLFDLN
GQAAMHDQKIGNAIRTIDTWYEDATTPIAVEPYGSVVRNGVAYRAGNKTDLFTLMDGAVNGKSLTEEDQMFVTANLIRGG
VFGGGKD
;
C,D,E,F,G,H
4 'polyribonucleotide' CUUAAAGAGUCAACCCUUUGCUUAUCUUCCCUAUUUAAAUGUUAGCAGCCGCAUAGGCUG M
5 'polydeoxyribonucleotide'
;(DC)(DG)(DT)(DT)(DT)(DA)(DC)(DA)(DG)(DC)(DA)(DA)(DT)(DT)(DT)(DA)(DA)(DA)(DT)(DA)
(DG)(DG)(DG)(DA)(DA)(DG)(DA)(DT)(DA)(DA)(DG)(DC)(DA)(DA)(DA)(DG)(DG)(DG)(DT)(DT)
(DG)(DA)(DC)(DG)(DA)(DA)(DA)(DG)(DC)(DC)(DC)(DT)(DT)(DT)(DG)(DT)(DC)(DC)(DC)(DT)
;
O
6 'polydeoxyribonucleotide'
;(DA)(DG)(DG)(DG)(DA)(DC)(DA)(DA)(DA)(DG)(DG)(DG)(DC)(DT)(DT)(DT)(DC)(DA)(DG)(DA)
(DG)(DG)(DA)(DA)(DA)(DC)(DC)(DC)(DA)(DT)(DC)(DC)(DG)(DC)(DT)(DG)(DG)(DA)(DT)(DT)
(DG)(DC)(DC)(DC)(DC)(DG)(DG)(DG)(DG)(DT)(DG)(DC)(DT)(DG)(DT)(DA)(DA)(DA)(DC)(DG)
;
N
#
# COMPACT_ATOMS: atom_id res chain seq x y z
N MET A 22 60.27 -37.61 30.16
CA MET A 22 59.11 -37.21 29.37
C MET A 22 59.05 -35.69 29.23
N ILE A 23 59.59 -34.98 30.21
CA ILE A 23 59.59 -33.52 30.18
C ILE A 23 60.99 -32.94 30.13
N LYS A 24 61.98 -33.59 30.76
CA LYS A 24 63.31 -33.02 30.84
C LYS A 24 63.98 -32.91 29.47
N GLU A 25 63.92 -33.98 28.67
CA GLU A 25 64.58 -33.99 27.38
C GLU A 25 64.14 -32.81 26.52
N MET A 26 62.85 -32.48 26.55
CA MET A 26 62.37 -31.30 25.86
C MET A 26 62.96 -30.02 26.46
N ILE A 27 63.28 -30.01 27.75
CA ILE A 27 63.91 -28.85 28.36
C ILE A 27 65.35 -28.67 27.86
N GLU A 28 66.12 -29.75 27.76
CA GLU A 28 67.42 -29.61 27.10
C GLU A 28 67.26 -29.21 25.64
N ASP A 29 66.21 -29.70 24.97
CA ASP A 29 65.94 -29.27 23.61
C ASP A 29 65.71 -27.76 23.53
N PHE A 30 64.95 -27.20 24.47
CA PHE A 30 64.69 -25.76 24.45
C PHE A 30 65.95 -24.96 24.79
N ILE A 31 66.67 -25.37 25.83
CA ILE A 31 67.84 -24.60 26.24
C ILE A 31 69.00 -24.74 25.27
N SER A 32 69.00 -25.77 24.43
CA SER A 32 70.05 -25.89 23.41
C SER A 32 69.97 -24.74 22.42
N LYS A 33 68.77 -24.37 21.99
CA LYS A 33 68.57 -23.24 21.10
C LYS A 33 68.36 -21.97 21.92
N GLY A 34 68.31 -20.83 21.25
CA GLY A 34 68.12 -19.56 21.91
C GLY A 34 66.67 -19.29 22.27
N GLY A 35 66.04 -20.21 22.98
CA GLY A 35 64.65 -20.06 23.36
C GLY A 35 64.47 -19.18 24.57
N LEU A 36 63.24 -18.66 24.72
CA LEU A 36 62.88 -17.78 25.82
C LEU A 36 61.43 -18.00 26.19
N ILE A 37 61.15 -17.91 27.49
CA ILE A 37 59.79 -17.99 28.03
C ILE A 37 59.35 -16.58 28.38
N PHE A 38 58.13 -16.22 27.98
CA PHE A 38 57.63 -14.88 28.22
C PHE A 38 56.11 -14.92 28.38
N THR A 39 55.60 -13.90 29.07
CA THR A 39 54.17 -13.67 29.23
C THR A 39 53.67 -12.45 28.46
N HIS A 40 54.52 -11.44 28.26
CA HIS A 40 54.19 -10.25 27.50
C HIS A 40 55.27 -10.00 26.48
N SER A 41 54.87 -9.62 25.26
CA SER A 41 55.83 -9.32 24.21
C SER A 41 55.23 -8.34 23.22
N GLY A 42 56.10 -7.66 22.50
CA GLY A 42 55.70 -6.75 21.44
C GLY A 42 55.74 -7.33 20.05
N ARG A 43 56.11 -8.60 19.90
CA ARG A 43 56.14 -9.26 18.60
C ARG A 43 54.77 -9.47 18.01
N TYR A 44 53.70 -9.34 18.79
CA TYR A 44 52.35 -9.47 18.29
C TYR A 44 51.89 -8.24 17.52
N THR A 45 52.61 -7.12 17.63
CA THR A 45 52.31 -5.94 16.84
C THR A 45 53.16 -5.83 15.58
N ASN A 46 54.43 -6.22 15.65
CA ASN A 46 55.31 -6.25 14.48
C ASN A 46 56.17 -7.50 14.55
N THR A 47 56.25 -8.22 13.44
CA THR A 47 57.03 -9.45 13.38
C THR A 47 58.53 -9.23 13.58
N ASN A 48 59.05 -8.07 13.20
CA ASN A 48 60.48 -7.80 13.32
C ASN A 48 60.92 -7.52 14.75
N ASN A 49 59.99 -7.31 15.67
CA ASN A 49 60.34 -7.05 17.05
C ASN A 49 60.88 -8.30 17.73
N SER A 50 61.74 -8.11 18.72
CA SER A 50 62.33 -9.20 19.49
C SER A 50 62.38 -8.85 20.96
N CYS A 51 61.29 -8.30 21.49
CA CYS A 51 61.22 -7.91 22.90
C CYS A 51 60.46 -8.96 23.69
N PHE A 52 61.13 -9.53 24.69
CA PHE A 52 60.55 -10.58 25.52
C PHE A 52 60.83 -10.28 26.99
N ILE A 53 59.80 -10.30 27.82
CA ILE A 53 59.93 -10.08 29.26
C ILE A 53 59.03 -11.09 29.97
N PHE A 54 59.41 -11.48 31.18
CA PHE A 54 58.65 -12.42 31.99
C PHE A 54 58.16 -11.72 33.26
N ASN A 55 56.90 -11.95 33.61
CA ASN A 55 56.30 -11.39 34.81
C ASN A 55 56.03 -12.52 35.80
N LYS A 56 56.51 -12.36 37.04
CA LYS A 56 56.36 -13.42 38.03
C LYS A 56 55.08 -13.27 38.84
N ASN A 57 54.56 -12.05 38.99
CA ASN A 57 53.36 -11.82 39.80
C ASN A 57 52.09 -12.27 39.09
N ASP A 58 52.14 -12.49 37.78
CA ASP A 58 50.97 -12.89 37.01
C ASP A 58 50.83 -14.40 36.88
N ILE A 59 51.71 -15.18 37.49
CA ILE A 59 51.66 -16.63 37.40
C ILE A 59 50.55 -17.14 38.31
N GLY A 60 49.65 -17.94 37.75
CA GLY A 60 48.55 -18.50 38.52
C GLY A 60 48.25 -19.94 38.16
N VAL A 61 47.07 -20.41 38.56
CA VAL A 61 46.69 -21.80 38.28
C VAL A 61 46.42 -21.99 36.79
N ASP A 62 45.71 -21.06 36.16
CA ASP A 62 45.33 -21.17 34.76
C ASP A 62 45.95 -20.06 33.91
N THR A 63 47.23 -19.78 34.11
CA THR A 63 47.91 -18.74 33.35
C THR A 63 48.65 -19.35 32.17
N LYS A 64 48.33 -18.89 30.97
CA LYS A 64 48.98 -19.37 29.76
C LYS A 64 50.19 -18.51 29.43
N VAL A 65 51.28 -19.15 29.02
CA VAL A 65 52.51 -18.46 28.71
C VAL A 65 52.92 -18.81 27.28
N ASP A 66 53.91 -18.07 26.77
CA ASP A 66 54.39 -18.26 25.41
C ASP A 66 55.90 -18.42 25.42
N MET A 67 56.42 -18.96 24.33
CA MET A 67 57.84 -19.24 24.17
C MET A 67 58.28 -18.93 22.75
N TYR A 68 59.56 -18.58 22.61
CA TYR A 68 60.10 -18.25 21.31
C TYR A 68 61.45 -18.93 21.13
N THR A 69 61.62 -19.61 19.99
CA THR A 69 62.89 -20.16 19.56
C THR A 69 63.03 -19.89 18.06
N PRO A 70 64.26 -19.75 17.57
CA PRO A 70 64.45 -19.44 16.14
C PRO A 70 63.81 -20.49 15.24
N LYS A 71 62.98 -20.01 14.32
CA LYS A 71 62.27 -20.81 13.31
C LYS A 71 61.25 -21.77 13.92
N SER A 72 61.11 -21.79 15.25
CA SER A 72 60.14 -22.63 15.95
C SER A 72 60.25 -24.09 15.52
N ALA A 73 61.48 -24.59 15.44
CA ALA A 73 61.70 -25.94 14.93
C ALA A 73 61.39 -27.01 15.97
N GLY A 74 62.18 -27.03 17.05
CA GLY A 74 62.04 -27.99 18.12
C GLY A 74 62.06 -29.43 17.63
N ILE A 75 61.70 -30.35 18.52
CA ILE A 75 61.50 -31.76 18.18
C ILE A 75 60.20 -32.23 18.84
N LYS A 76 59.36 -32.89 18.06
CA LYS A 76 58.07 -33.37 18.51
C LYS A 76 58.23 -34.68 19.28
N ASN A 77 57.24 -34.98 20.12
CA ASN A 77 57.25 -36.19 20.92
C ASN A 77 56.83 -37.39 20.07
N GLU A 78 56.84 -38.57 20.69
CA GLU A 78 56.45 -39.78 19.97
C GLU A 78 54.99 -39.74 19.54
N GLU A 79 54.10 -39.25 20.40
CA GLU A 79 52.73 -38.99 19.97
C GLU A 79 52.64 -37.72 19.13
N GLY A 80 53.56 -36.79 19.36
CA GLY A 80 53.65 -35.55 18.62
C GLY A 80 53.10 -34.38 19.42
N GLU A 81 54.00 -33.67 20.11
CA GLU A 81 53.67 -32.50 20.91
C GLU A 81 54.91 -31.64 21.01
N ASN A 82 54.70 -30.33 21.07
CA ASN A 82 55.77 -29.38 21.37
C ASN A 82 55.60 -28.88 22.80
N LEU A 83 56.55 -28.06 23.27
CA LEU A 83 56.46 -27.52 24.63
C LEU A 83 55.24 -26.64 24.83
N TRP A 84 54.86 -25.84 23.83
CA TRP A 84 53.74 -24.93 24.04
C TRP A 84 52.47 -25.73 24.31
N GLN A 85 52.26 -26.83 23.60
CA GLN A 85 51.13 -27.71 23.87
C GLN A 85 51.29 -28.48 25.17
N VAL A 86 52.50 -28.95 25.48
CA VAL A 86 52.70 -29.78 26.66
C VAL A 86 52.47 -28.98 27.94
N LEU A 87 53.08 -27.82 28.06
CA LEU A 87 52.97 -27.02 29.28
C LEU A 87 51.60 -26.38 29.44
N ASN A 88 50.85 -26.19 28.35
CA ASN A 88 49.56 -25.53 28.39
C ASN A 88 48.40 -26.49 28.18
N LYS A 89 48.60 -27.79 28.40
CA LYS A 89 47.53 -28.75 28.20
C LYS A 89 46.61 -28.83 29.41
N ALA A 90 47.15 -29.21 30.57
CA ALA A 90 46.40 -29.41 31.79
C ALA A 90 47.12 -28.78 32.98
N ASN A 91 47.73 -27.62 32.74
CA ASN A 91 48.33 -26.80 33.79
C ASN A 91 49.48 -27.51 34.50
N MET A 92 50.36 -28.15 33.72
CA MET A 92 51.61 -28.63 34.30
C MET A 92 52.63 -27.53 34.49
N PHE A 93 52.40 -26.35 33.90
CA PHE A 93 53.32 -25.23 34.11
C PHE A 93 53.34 -24.80 35.59
N TYR A 94 52.16 -24.61 36.17
CA TYR A 94 52.07 -24.31 37.59
C TYR A 94 52.48 -25.49 38.45
N ARG A 95 52.25 -26.71 37.98
CA ARG A 95 52.71 -27.92 38.66
C ARG A 95 54.23 -28.02 38.71
N ILE A 96 54.93 -27.34 37.80
CA ILE A 96 56.39 -27.35 37.76
C ILE A 96 56.97 -26.07 38.34
N TYR A 97 56.34 -24.92 38.07
CA TYR A 97 56.83 -23.66 38.61
C TYR A 97 56.82 -23.65 40.13
N SER A 98 55.75 -24.16 40.75
CA SER A 98 55.72 -24.27 42.20
C SER A 98 56.78 -25.21 42.72
N GLY A 99 56.99 -26.34 42.03
CA GLY A 99 58.01 -27.29 42.42
C GLY A 99 57.45 -28.62 42.89
N GLU A 100 56.25 -28.96 42.45
CA GLU A 100 55.63 -30.23 42.83
C GLU A 100 56.26 -31.43 42.14
N LEU A 101 57.04 -31.21 41.08
CA LEU A 101 57.73 -32.29 40.39
C LEU A 101 59.19 -32.37 40.77
N GLY A 102 59.62 -31.65 41.80
CA GLY A 102 61.00 -31.67 42.23
C GLY A 102 61.73 -30.37 41.93
N GLU A 103 62.97 -30.31 42.41
CA GLU A 103 63.82 -29.15 42.24
C GLU A 103 64.81 -29.31 41.09
N GLU A 104 64.65 -30.36 40.29
CA GLU A 104 65.50 -30.59 39.13
C GLU A 104 64.93 -29.97 37.87
N LEU A 105 63.60 -29.96 37.72
CA LEU A 105 62.93 -29.33 36.59
C LEU A 105 62.46 -27.92 36.93
N GLN A 106 62.79 -27.43 38.12
CA GLN A 106 62.38 -26.12 38.59
C GLN A 106 63.42 -25.03 38.32
N TYR A 107 64.70 -25.33 38.52
CA TYR A 107 65.75 -24.35 38.27
C TYR A 107 65.97 -24.14 36.77
N LEU A 108 65.97 -25.22 36.01
CA LEU A 108 66.20 -25.13 34.57
C LEU A 108 65.11 -24.33 33.86
N LEU A 109 63.84 -24.54 34.21
CA LEU A 109 62.76 -23.76 33.61
C LEU A 109 62.85 -22.30 34.00
N LYS A 110 63.15 -22.01 35.27
CA LYS A 110 63.30 -20.62 35.71
C LYS A 110 64.52 -19.94 35.12
N SER A 111 65.50 -20.70 34.65
CA SER A 111 66.67 -20.08 34.01
C SER A 111 66.29 -19.41 32.68
N CYS A 112 65.25 -19.91 32.01
CA CYS A 112 64.83 -19.36 30.73
C CYS A 112 64.05 -18.06 30.85
N CYS A 113 63.56 -17.72 32.04
CA CYS A 113 62.76 -16.52 32.24
C CYS A 113 63.68 -15.31 32.43
N THR A 114 64.22 -14.84 31.30
CA THR A 114 65.08 -13.67 31.28
C THR A 114 64.50 -12.62 30.35
N ALA A 115 64.65 -11.36 30.76
CA ALA A 115 64.14 -10.24 30.00
C ALA A 115 65.01 -9.95 28.78
N LYS A 116 64.40 -9.33 27.77
CA LYS A 116 65.10 -8.94 26.56
C LYS A 116 64.47 -7.65 26.04
N GLU A 117 65.23 -6.57 26.06
CA GLU A 117 64.72 -5.26 25.71
C GLU A 117 64.88 -4.98 24.22
N ASP A 118 63.80 -4.51 23.60
CA ASP A 118 63.80 -4.14 22.19
C ASP A 118 62.68 -3.15 21.95
N VAL A 119 63.03 -1.94 21.51
CA VAL A 119 62.06 -0.87 21.32
C VAL A 119 61.94 -0.44 19.87
N THR A 120 62.69 -1.03 18.95
CA THR A 120 62.62 -0.63 17.55
C THR A 120 61.27 -0.99 16.95
N THR A 121 60.66 -0.01 16.28
CA THR A 121 59.34 -0.15 15.65
C THR A 121 58.26 -0.50 16.66
N LEU A 122 58.18 0.25 17.76
CA LEU A 122 57.10 0.12 18.73
C LEU A 122 56.46 1.48 18.96
N PRO A 123 55.16 1.50 19.31
CA PRO A 123 54.52 2.77 19.65
C PRO A 123 55.09 3.36 20.93
N GLN A 124 55.10 4.68 21.00
CA GLN A 124 55.58 5.41 22.17
C GLN A 124 54.61 6.56 22.43
N ILE A 125 53.98 6.55 23.60
CA ILE A 125 52.94 7.52 23.91
C ILE A 125 53.25 8.21 25.23
N TYR A 126 52.87 9.48 25.31
CA TYR A 126 53.06 10.28 26.51
C TYR A 126 51.83 10.17 27.40
N PHE A 127 52.05 9.93 28.70
CA PHE A 127 50.98 9.80 29.67
C PHE A 127 51.24 10.72 30.85
N LYS A 128 50.18 11.37 31.33
CA LYS A 128 50.29 12.28 32.46
C LYS A 128 50.45 11.50 33.75
N ASN A 129 51.48 11.85 34.52
CA ASN A 129 51.77 11.22 35.81
C ASN A 129 52.02 12.34 36.83
N GLY A 130 50.94 12.81 37.44
CA GLY A 130 51.03 13.92 38.38
C GLY A 130 51.54 15.18 37.72
N GLU A 131 52.67 15.69 38.19
CA GLU A 131 53.34 16.84 37.57
C GLU A 131 54.48 16.29 36.72
N GLY A 132 54.23 16.17 35.43
CA GLY A 132 55.20 15.64 34.49
C GLY A 132 54.55 14.64 33.54
N TYR A 133 55.40 14.03 32.72
CA TYR A 133 54.96 13.07 31.72
C TYR A 133 55.85 11.83 31.77
N ASP A 134 55.29 10.71 31.30
CA ASP A 134 56.03 9.47 31.17
C ASP A 134 55.79 8.90 29.78
N ILE A 135 56.87 8.44 29.15
CA ILE A 135 56.80 7.85 27.81
C ILE A 135 56.68 6.34 27.96
N LEU A 136 55.71 5.75 27.27
CA LEU A 136 55.38 4.35 27.41
C LEU A 136 55.41 3.65 26.07
N VAL A 137 55.80 2.37 26.09
CA VAL A 137 55.80 1.52 24.92
C VAL A 137 54.82 0.36 25.15
N PRO A 138 53.61 0.44 24.60
CA PRO A 138 52.63 -0.63 24.85
C PRO A 138 53.02 -1.92 24.16
N ILE A 139 52.79 -3.04 24.85
CA ILE A 139 53.02 -4.37 24.32
C ILE A 139 51.83 -5.24 24.69
N GLY A 140 51.68 -6.34 23.94
CA GLY A 140 50.57 -7.25 24.15
C GLY A 140 50.88 -8.36 25.14
N ASN A 141 49.82 -8.96 25.67
CA ASN A 141 49.95 -10.06 26.62
C ASN A 141 49.64 -11.38 25.94
N ALA A 142 50.51 -12.37 26.15
CA ALA A 142 50.34 -13.68 25.54
C ALA A 142 49.20 -14.49 26.16
N HIS A 143 48.98 -14.38 27.46
CA HIS A 143 47.92 -15.15 28.11
C HIS A 143 46.54 -14.75 27.62
N ASN A 144 46.30 -13.44 27.44
CA ASN A 144 44.98 -12.97 27.08
C ASN A 144 44.49 -13.51 25.76
N LEU A 145 45.34 -13.54 24.73
CA LEU A 145 44.89 -14.00 23.42
C LEU A 145 44.45 -15.46 23.44
N ILE A 146 45.31 -16.34 23.94
CA ILE A 146 44.99 -17.77 23.97
C ILE A 146 43.81 -18.04 24.88
N SER A 147 43.82 -17.44 26.08
CA SER A 147 42.72 -17.63 27.02
C SER A 147 41.38 -17.16 26.45
N GLY A 148 41.32 -15.95 25.89
CA GLY A 148 40.08 -15.48 25.30
C GLY A 148 39.62 -16.30 24.13
N THR A 149 40.53 -16.70 23.24
CA THR A 149 40.14 -17.52 22.11
C THR A 149 39.54 -18.85 22.57
N GLU A 150 40.24 -19.56 23.46
CA GLU A 150 39.75 -20.86 23.92
C GLU A 150 38.45 -20.71 24.71
N TYR A 151 38.32 -19.67 25.53
CA TYR A 151 37.13 -19.51 26.35
C TYR A 151 35.94 -19.07 25.52
N LEU A 152 36.17 -18.31 24.46
CA LEU A 152 35.07 -17.72 23.71
C LEU A 152 34.64 -18.58 22.54
N TRP A 153 35.50 -19.48 22.05
CA TRP A 153 35.09 -20.33 20.95
C TRP A 153 33.97 -21.29 21.36
N GLU A 154 33.89 -21.64 22.64
CA GLU A 154 32.91 -22.60 23.12
C GLU A 154 31.71 -21.94 23.82
N HIS A 155 31.67 -20.61 23.86
CA HIS A 155 30.55 -19.90 24.46
C HIS A 155 29.64 -19.23 23.43
N LYS A 156 29.95 -19.37 22.14
CA LYS A 156 29.09 -18.88 21.07
C LYS A 156 28.85 -17.37 21.16
N TYR A 157 29.94 -16.61 21.11
CA TYR A 157 29.88 -15.15 21.11
C TYR A 157 30.19 -14.68 19.69
N TYR A 158 29.13 -14.47 18.91
CA TYR A 158 29.26 -14.14 17.49
C TYR A 158 29.25 -12.61 17.29
N ASN A 159 30.15 -11.95 18.01
CA ASN A 159 30.33 -10.50 17.91
C ASN A 159 31.82 -10.17 17.95
N THR A 160 32.61 -10.92 17.18
CA THR A 160 34.06 -10.81 17.23
C THR A 160 34.64 -10.87 15.83
N PHE A 161 35.86 -10.36 15.69
CA PHE A 161 36.62 -10.42 14.46
C PHE A 161 37.52 -11.66 14.49
N THR A 162 38.44 -11.76 13.54
CA THR A 162 39.41 -12.84 13.50
C THR A 162 40.66 -12.34 12.79
N GLN A 163 41.80 -12.43 13.46
CA GLN A 163 43.07 -11.93 12.93
C GLN A 163 44.10 -13.05 12.94
N LYS A 164 44.86 -13.15 11.85
CA LYS A 164 45.89 -14.17 11.72
C LYS A 164 47.26 -13.48 11.62
N LEU A 165 48.20 -13.93 12.44
CA LEU A 165 49.54 -13.37 12.47
C LEU A 165 50.51 -14.22 11.67
N GLY A 166 51.65 -13.64 11.33
CA GLY A 166 52.68 -14.34 10.58
C GLY A 166 52.58 -14.14 9.08
N GLY A 167 51.48 -14.61 8.48
CA GLY A 167 51.28 -14.46 7.06
C GLY A 167 51.40 -15.77 6.30
N SER A 168 52.15 -15.74 5.19
CA SER A 168 52.35 -16.96 4.41
C SER A 168 53.16 -17.99 5.18
N ASN A 169 54.09 -17.53 6.02
CA ASN A 169 54.94 -18.40 6.82
C ASN A 169 54.83 -17.96 8.27
N PRO A 170 53.79 -18.39 8.99
CA PRO A 170 53.59 -17.96 10.38
C PRO A 170 54.42 -18.71 11.42
N GLN A 171 55.44 -19.46 11.01
CA GLN A 171 56.25 -20.22 11.92
C GLN A 171 57.46 -19.46 12.44
N ASN A 172 57.61 -18.19 12.06
CA ASN A 172 58.75 -17.38 12.48
C ASN A 172 58.36 -16.25 13.42
N CYS A 173 57.12 -16.21 13.89
CA CYS A 173 56.68 -15.15 14.81
C CYS A 173 56.68 -15.62 16.26
N THR A 174 55.89 -16.65 16.58
CA THR A 174 55.79 -17.17 17.93
C THR A 174 55.52 -18.67 17.84
N HIS A 175 55.39 -19.30 19.00
CA HIS A 175 54.98 -20.70 19.05
C HIS A 175 53.46 -20.86 19.08
N ALA A 176 52.74 -19.89 19.65
CA ALA A 176 51.28 -19.96 19.68
C ALA A 176 50.70 -19.74 18.28
N CYS A 177 51.27 -18.80 17.52
CA CYS A 177 50.78 -18.56 16.16
C CYS A 177 51.03 -19.75 15.25
N ASN A 178 52.15 -20.46 15.45
CA ASN A 178 52.46 -21.62 14.62
C ASN A 178 51.44 -22.73 14.81
N LYS A 179 51.00 -22.97 16.04
CA LYS A 179 50.04 -24.03 16.32
C LYS A 179 48.60 -23.58 16.19
N MET A 180 48.28 -22.34 16.56
CA MET A 180 46.94 -21.80 16.43
C MET A 180 46.85 -21.05 15.12
N ARG A 181 46.81 -21.81 14.02
CA ARG A 181 46.76 -21.22 12.69
C ARG A 181 45.37 -20.78 12.28
N GLY A 182 44.35 -21.10 13.07
CA GLY A 182 43.01 -20.63 12.77
C GLY A 182 42.87 -19.13 12.88
N GLY A 183 43.54 -18.53 13.84
CA GLY A 183 43.52 -17.08 14.03
C GLY A 183 42.96 -16.69 15.39
N PHE A 184 43.61 -15.71 15.99
CA PHE A 184 43.16 -15.16 17.26
C PHE A 184 41.88 -14.34 17.07
N LYS A 185 41.18 -14.14 18.18
CA LYS A 185 39.89 -13.46 18.19
C LYS A 185 40.02 -12.09 18.84
N GLN A 186 39.29 -11.12 18.31
CA GLN A 186 39.31 -9.75 18.82
C GLN A 186 37.88 -9.27 19.02
N PHE A 187 37.67 -8.46 20.05
CA PHE A 187 36.33 -7.95 20.33
C PHE A 187 35.94 -6.90 19.30
N ASN A 188 34.70 -6.99 18.81
CA ASN A 188 34.16 -6.00 17.89
C ASN A 188 33.52 -4.88 18.70
N CYS A 189 34.19 -3.73 18.77
CA CYS A 189 33.75 -2.61 19.59
C CYS A 189 33.01 -1.55 18.76
N THR A 190 32.24 -1.98 17.76
CA THR A 190 31.47 -1.04 16.97
C THR A 190 30.30 -0.52 17.77
N PRO A 191 30.19 0.80 17.97
CA PRO A 191 29.09 1.34 18.77
C PRO A 191 27.82 1.45 17.95
N PRO A 192 26.66 1.56 18.60
CA PRO A 192 25.44 1.86 17.85
C PRO A 192 25.53 3.24 17.21
N GLN A 193 24.90 3.36 16.05
CA GLN A 193 24.95 4.58 15.26
C GLN A 193 23.58 5.21 15.18
N VAL A 194 23.57 6.54 15.05
CA VAL A 194 22.32 7.29 15.02
C VAL A 194 21.68 7.10 13.65
N GLU A 195 20.56 6.37 13.61
CA GLU A 195 19.84 6.17 12.36
C GLU A 195 19.23 7.50 11.90
N ASP A 196 19.32 7.78 10.61
CA ASP A 196 18.91 9.07 10.06
C ASP A 196 17.47 8.98 9.56
N ASN A 197 16.99 10.08 8.99
CA ASN A 197 15.62 10.20 8.46
C ASN A 197 14.56 10.01 9.55
N TYR A 198 14.90 10.29 10.80
CA TYR A 198 13.95 10.18 11.90
C TYR A 198 14.48 11.03 13.06
N ASN A 199 13.84 10.91 14.23
CA ASN A 199 14.22 11.74 15.37
C ASN A 199 15.62 11.39 15.87
N ALA A 200 15.92 10.10 15.95
CA ALA A 200 17.21 9.64 16.46
C ALA A 200 17.54 8.24 15.95
N MET B 22 32.71 22.42 36.41
CA MET B 22 31.37 22.43 35.83
C MET B 22 30.90 23.85 35.59
N ARG B 23 31.76 24.67 34.99
CA ARG B 23 31.44 26.07 34.74
C ARG B 23 31.35 26.41 33.26
N LYS B 24 32.39 26.13 32.48
CA LYS B 24 32.44 26.49 31.07
C LYS B 24 32.66 25.24 30.23
N PHE B 25 31.80 25.05 29.23
CA PHE B 25 31.91 23.92 28.32
C PHE B 25 31.95 24.45 26.90
N ILE B 26 32.68 23.76 26.02
CA ILE B 26 32.71 24.10 24.60
C ILE B 26 32.33 22.84 23.81
N ILE B 27 31.49 23.01 22.80
CA ILE B 27 30.89 21.91 22.05
C ILE B 27 31.39 22.00 20.62
N VAL B 28 31.86 20.87 20.08
CA VAL B 28 32.16 20.75 18.66
C VAL B 28 31.48 19.48 18.16
N LYS B 29 30.44 19.64 17.33
CA LYS B 29 29.61 18.53 16.91
C LYS B 29 29.74 18.30 15.41
N ASN B 30 29.48 17.05 15.00
CA ASN B 30 29.54 16.63 13.61
C ASN B 30 30.94 16.85 13.02
N VAL B 31 31.92 16.17 13.59
CA VAL B 31 33.30 16.20 13.12
C VAL B 31 33.55 14.93 12.32
N LYS B 32 33.96 15.09 11.06
CA LYS B 32 34.19 13.97 10.15
C LYS B 32 35.67 13.65 10.12
N VAL B 33 36.04 12.42 10.46
CA VAL B 33 37.41 11.95 10.46
C VAL B 33 37.49 10.68 9.63
N ASP B 34 38.49 10.62 8.74
CA ASP B 34 38.67 9.48 7.84
C ASP B 34 40.02 8.83 8.11
N GLY B 35 40.05 7.50 8.09
CA GLY B 35 41.29 6.78 8.32
C GLY B 35 41.67 6.62 9.77
N ILE B 36 40.69 6.46 10.66
CA ILE B 36 40.96 6.28 12.09
C ILE B 36 41.58 4.91 12.31
N ASN B 37 42.61 4.86 13.13
CA ASN B 37 43.26 3.60 13.48
CA ASN B 37 43.26 3.60 13.48
C ASN B 37 42.33 2.83 14.41
N ALA B 38 41.62 1.84 13.86
CA ALA B 38 40.64 1.09 14.63
C ALA B 38 41.27 0.14 15.65
N LYS B 39 42.56 -0.15 15.55
CA LYS B 39 43.22 -1.09 16.45
C LYS B 39 43.72 -0.33 17.68
N SER B 40 42.99 -0.46 18.79
CA SER B 40 43.41 0.14 20.05
C SER B 40 44.24 -0.78 20.91
N SER B 41 44.08 -2.10 20.76
CA SER B 41 44.88 -3.08 21.48
C SER B 41 44.85 -4.38 20.69
N ASP B 42 45.40 -5.44 21.28
CA ASP B 42 45.46 -6.73 20.60
C ASP B 42 44.12 -7.45 20.57
N ILE B 43 43.14 -7.01 21.36
CA ILE B 43 41.84 -7.66 21.42
C ILE B 43 40.69 -6.68 21.22
N THR B 44 40.97 -5.38 21.09
CA THR B 44 39.92 -4.38 20.92
C THR B 44 40.12 -3.69 19.57
N VAL B 45 39.13 -3.82 18.70
CA VAL B 45 39.14 -3.18 17.39
C VAL B 45 37.83 -2.40 17.25
N GLY B 46 37.94 -1.10 16.98
CA GLY B 46 36.77 -0.27 16.86
C GLY B 46 36.97 1.14 17.36
N MET B 47 36.12 1.58 18.29
CA MET B 47 36.22 2.94 18.81
C MET B 47 37.54 3.13 19.56
N PRO B 48 38.18 4.29 19.41
CA PRO B 48 39.33 4.58 20.27
C PRO B 48 38.90 4.68 21.71
N PRO B 49 39.75 4.30 22.65
CA PRO B 49 39.42 4.40 24.07
C PRO B 49 39.42 5.86 24.52
N ALA B 50 38.91 6.07 25.74
CA ALA B 50 38.89 7.41 26.32
C ALA B 50 40.29 7.98 26.51
N THR B 51 41.32 7.12 26.55
CA THR B 51 42.69 7.61 26.64
C THR B 51 43.07 8.46 25.44
N THR B 52 42.60 8.10 24.24
CA THR B 52 42.91 8.87 23.05
C THR B 52 42.35 10.29 23.15
N PHE B 53 41.10 10.42 23.59
CA PHE B 53 40.50 11.74 23.72
C PHE B 53 41.11 12.54 24.88
N CYS B 54 41.47 11.87 25.98
CA CYS B 54 42.17 12.56 27.05
C CYS B 54 43.52 13.08 26.59
N GLY B 55 44.26 12.28 25.81
CA GLY B 55 45.50 12.75 25.22
C GLY B 55 45.31 13.89 24.23
N LEU B 56 44.24 13.85 23.44
CA LEU B 56 43.93 14.97 22.55
C LEU B 56 43.66 16.24 23.35
N GLY B 57 42.90 16.13 24.44
CA GLY B 57 42.67 17.29 25.29
C GLY B 57 43.95 17.81 25.94
N GLU B 58 44.82 16.91 26.39
CA GLU B 58 46.10 17.34 26.95
C GLU B 58 46.97 18.03 25.91
N THR B 59 46.97 17.51 24.68
CA THR B 59 47.70 18.15 23.59
C THR B 59 47.15 19.53 23.30
N MET B 60 45.82 19.69 23.28
CA MET B 60 45.23 21.00 23.10
C MET B 60 45.63 21.94 24.22
N SER B 61 45.63 21.46 25.46
CA SER B 61 46.01 22.30 26.59
C SER B 61 47.47 22.75 26.51
N ILE B 62 48.38 21.84 26.18
CA ILE B 62 49.80 22.21 26.14
C ILE B 62 50.09 23.11 24.95
N LYS B 63 49.49 22.85 23.79
CA LYS B 63 49.79 23.65 22.60
C LYS B 63 49.14 25.03 22.67
N THR B 64 47.88 25.10 23.14
CA THR B 64 47.13 26.34 23.15
C THR B 64 47.38 27.18 24.40
N GLY B 65 47.74 26.55 25.52
CA GLY B 65 47.95 27.28 26.75
C GLY B 65 46.71 27.48 27.59
N ILE B 66 45.66 26.68 27.36
CA ILE B 66 44.42 26.79 28.11
C ILE B 66 44.17 25.48 28.84
N VAL B 67 43.88 25.59 30.13
CA VAL B 67 43.70 24.43 31.00
C VAL B 67 42.37 23.77 30.64
N VAL B 68 42.41 22.48 30.36
CA VAL B 68 41.22 21.69 30.03
C VAL B 68 41.03 20.65 31.12
N LYS B 69 39.82 20.58 31.67
CA LYS B 69 39.55 19.70 32.82
C LYS B 69 39.14 18.31 32.37
N ALA B 70 38.06 18.19 31.60
CA ALA B 70 37.51 16.90 31.25
C ALA B 70 37.08 16.90 29.78
N VAL B 71 37.03 15.71 29.21
CA VAL B 71 36.66 15.51 27.81
C VAL B 71 35.52 14.51 27.74
N SER B 72 34.56 14.76 26.86
CA SER B 72 33.46 13.84 26.61
C SER B 72 33.33 13.63 25.11
N TYR B 73 33.12 12.37 24.70
CA TYR B 73 33.02 12.02 23.30
C TYR B 73 31.78 11.19 23.05
N GLY B 74 31.13 11.48 21.92
CA GLY B 74 29.97 10.73 21.51
C GLY B 74 30.10 10.30 20.06
N SER B 75 29.61 9.09 19.78
CA SER B 75 29.74 8.47 18.47
C SER B 75 28.46 8.72 17.68
N VAL B 76 28.56 9.53 16.63
CA VAL B 76 27.44 9.78 15.73
C VAL B 76 27.38 8.68 14.70
N LYS B 77 28.51 8.42 14.03
CA LYS B 77 28.61 7.34 13.06
C LYS B 77 29.95 6.65 13.22
N PHE B 78 29.99 5.36 12.90
CA PHE B 78 31.24 4.62 12.93
C PHE B 78 31.09 3.36 12.08
N GLU B 79 32.15 3.02 11.36
CA GLU B 79 32.15 1.82 10.51
C GLU B 79 33.57 1.37 10.29
N VAL B 80 33.85 0.11 10.61
CA VAL B 80 35.16 -0.48 10.33
C VAL B 80 35.17 -0.98 8.89
N ARG B 81 36.22 -0.64 8.16
CA ARG B 81 36.31 -0.96 6.74
C ARG B 81 36.30 -2.47 6.54
N GLY B 82 35.46 -2.94 5.60
CA GLY B 82 35.44 -4.34 5.26
C GLY B 82 34.09 -5.02 5.42
N SER B 83 34.09 -6.17 6.09
CA SER B 83 32.89 -6.99 6.22
C SER B 83 32.58 -7.28 7.68
N ARG B 84 31.64 -8.20 7.92
CA ARG B 84 31.27 -8.55 9.29
C ARG B 84 32.47 -9.13 10.04
N PHE B 85 33.21 -10.03 9.41
CA PHE B 85 34.44 -10.58 9.96
C PHE B 85 35.58 -10.28 8.99
N ASN B 86 36.82 -10.43 9.48
CA ASN B 86 38.01 -10.26 8.65
C ASN B 86 38.04 -8.86 8.02
N THR B 87 38.25 -7.86 8.88
CA THR B 87 37.98 -6.47 8.55
C THR B 87 38.64 -6.01 7.27
N SER B 88 39.97 -5.91 7.24
CA SER B 88 40.65 -5.39 6.06
C SER B 88 42.15 -5.50 6.27
N VAL B 89 42.89 -5.32 5.16
CA VAL B 89 44.34 -5.29 5.15
C VAL B 89 44.77 -4.12 4.28
N THR B 90 45.70 -3.31 4.79
CA THR B 90 46.23 -2.19 4.04
C THR B 90 47.58 -2.55 3.42
N LYS B 91 47.73 -2.23 2.14
CA LYS B 91 48.95 -2.56 1.41
C LYS B 91 50.13 -1.75 1.94
N PHE B 92 51.26 -2.41 2.06
CA PHE B 92 52.48 -1.80 2.60
C PHE B 92 53.45 -1.48 1.46
N ALA B 93 54.52 -0.76 1.82
CA ALA B 93 55.51 -0.33 0.84
C ALA B 93 56.91 -0.47 1.44
N TRP B 94 57.90 -0.53 0.55
CA TRP B 94 59.30 -0.62 0.96
C TRP B 94 59.78 0.77 1.38
N GLN B 95 60.17 0.90 2.65
CA GLN B 95 60.62 2.18 3.18
C GLN B 95 61.80 2.08 4.14
N ASP B 96 62.46 0.93 4.23
CA ASP B 96 63.61 0.77 5.12
C ASP B 96 64.90 0.63 4.32
N ARG B 97 66.02 0.89 4.98
CA ARG B 97 67.33 0.84 4.34
C ARG B 97 68.02 -0.50 4.63
N GLY B 98 67.45 -1.57 4.09
CA GLY B 98 68.04 -2.90 4.18
C GLY B 98 67.82 -3.71 2.92
N ASN B 99 67.17 -3.11 1.93
CA ASN B 99 66.74 -3.79 0.73
C ASN B 99 67.21 -3.04 -0.51
N GLY B 100 66.65 -3.41 -1.66
CA GLY B 100 67.01 -2.80 -2.92
C GLY B 100 67.09 -3.81 -4.04
N GLY B 101 67.34 -5.07 -3.70
CA GLY B 101 67.37 -6.13 -4.70
C GLY B 101 66.05 -6.87 -4.79
N LYS B 102 65.52 -7.28 -3.64
CA LYS B 102 64.23 -7.95 -3.58
C LYS B 102 63.08 -6.99 -3.30
N ALA B 103 63.36 -5.69 -3.19
CA ALA B 103 62.32 -4.70 -2.91
C ALA B 103 61.61 -4.28 -4.20
N ASN B 104 60.96 -5.26 -4.83
CA ASN B 104 60.23 -5.01 -6.05
C ASN B 104 58.89 -5.75 -6.15
N ASN B 105 58.47 -6.48 -5.12
CA ASN B 105 57.24 -7.26 -5.22
C ASN B 105 56.63 -7.49 -3.84
N ASN B 106 55.61 -6.71 -3.50
CA ASN B 106 54.63 -7.07 -2.47
C ASN B 106 55.28 -7.33 -1.12
N SER B 107 55.78 -6.25 -0.53
CA SER B 107 56.33 -6.24 0.83
C SER B 107 55.35 -6.88 1.82
N PRO B 108 55.83 -7.43 2.94
CA PRO B 108 54.95 -8.11 3.89
C PRO B 108 53.88 -7.18 4.47
N ILE B 109 52.98 -7.78 5.24
CA ILE B 109 51.73 -7.12 5.61
C ILE B 109 51.85 -6.32 6.90
N GLN B 110 52.11 -7.01 8.03
CA GLN B 110 52.05 -6.38 9.35
C GLN B 110 50.71 -5.66 9.52
N PRO B 111 49.63 -6.39 9.75
CA PRO B 111 48.28 -5.82 9.58
C PRO B 111 48.01 -4.63 10.49
N LYS B 112 47.20 -3.70 9.97
CA LYS B 112 46.80 -2.48 10.66
C LYS B 112 45.42 -2.04 10.17
N PRO B 113 44.37 -2.32 10.94
CA PRO B 113 43.01 -1.98 10.48
C PRO B 113 42.75 -0.48 10.49
N LEU B 114 41.78 -0.08 9.67
CA LEU B 114 41.33 1.30 9.57
C LEU B 114 39.81 1.34 9.61
N ALA B 115 39.28 2.50 9.99
CA ALA B 115 37.84 2.69 10.08
C ALA B 115 37.51 4.15 9.77
N ASP B 116 36.22 4.45 9.65
CA ASP B 116 35.75 5.79 9.38
C ASP B 116 34.60 6.13 10.31
N GLY B 117 34.65 7.31 10.93
CA GLY B 117 33.65 7.68 11.90
C GLY B 117 33.45 9.19 11.99
N VAL B 118 32.28 9.55 12.52
CA VAL B 118 31.89 10.93 12.79
C VAL B 118 31.53 11.02 14.27
N PHE B 119 32.17 11.95 14.98
CA PHE B 119 32.03 12.06 16.43
C PHE B 119 31.58 13.46 16.82
N THR B 120 31.36 13.62 18.14
CA THR B 120 31.01 14.91 18.74
C THR B 120 31.77 15.02 20.05
N LEU B 121 32.37 16.18 20.30
CA LEU B 121 33.24 16.38 21.45
C LEU B 121 32.77 17.54 22.32
N CYS B 122 32.93 17.32 23.63
CA CYS B 122 32.65 18.34 24.64
C CYS B 122 33.89 18.52 25.48
N PHE B 123 34.32 19.76 25.68
CA PHE B 123 35.52 20.06 26.45
C PHE B 123 35.18 20.98 27.62
N GLU B 124 35.60 20.58 28.82
CA GLU B 124 35.48 21.43 30.00
C GLU B 124 36.66 22.39 30.02
N VAL B 125 36.37 23.69 29.99
CA VAL B 125 37.41 24.71 29.88
C VAL B 125 37.29 25.66 31.07
N GLU B 126 38.45 26.10 31.56
CA GLU B 126 38.53 27.07 32.64
C GLU B 126 39.15 28.34 32.07
N TRP B 127 38.32 29.23 31.54
CA TRP B 127 38.80 30.43 30.88
C TRP B 127 37.72 31.50 30.99
N GLU B 128 38.11 32.70 31.45
CA GLU B 128 37.14 33.76 31.68
C GLU B 128 37.59 35.10 31.10
N ASP B 129 38.62 35.12 30.25
CA ASP B 129 39.11 36.36 29.69
C ASP B 129 38.09 37.00 28.75
N CYS B 130 37.42 36.18 27.94
CA CYS B 130 36.46 36.66 26.95
C CYS B 130 35.49 35.54 26.64
N ALA B 131 34.74 35.69 25.55
CA ALA B 131 33.77 34.69 25.12
C ALA B 131 33.97 34.22 23.69
N GLU B 132 34.53 35.07 22.82
CA GLU B 132 34.67 34.73 21.41
C GLU B 132 36.10 34.34 21.04
N VAL B 133 37.10 34.71 21.84
CA VAL B 133 38.47 34.35 21.54
C VAL B 133 38.68 32.84 21.64
N LEU B 134 37.98 32.19 22.58
CA LEU B 134 38.11 30.74 22.74
C LEU B 134 37.69 30.00 21.48
N VAL B 135 36.61 30.45 20.82
CA VAL B 135 36.15 29.79 19.61
C VAL B 135 37.23 29.83 18.54
N ASP B 136 37.84 31.00 18.33
CA ASP B 136 38.91 31.14 17.36
C ASP B 136 40.14 30.31 17.72
N LYS B 137 40.56 30.31 18.98
CA LYS B 137 41.74 29.54 19.37
C LYS B 137 41.49 28.04 19.25
N VAL B 138 40.26 27.59 19.50
CA VAL B 138 39.94 26.18 19.31
C VAL B 138 39.91 25.83 17.83
N THR B 139 39.28 26.67 17.02
CA THR B 139 39.21 26.41 15.58
C THR B 139 40.60 26.38 14.94
N ASN B 140 41.51 27.21 15.43
CA ASN B 140 42.89 27.17 14.95
C ASN B 140 43.56 25.84 15.23
N PHE B 141 43.37 25.26 16.43
CA PHE B 141 43.98 23.97 16.76
C PHE B 141 43.32 22.81 16.05
N ILE B 142 41.99 22.82 15.92
CA ILE B 142 41.29 21.71 15.27
C ILE B 142 41.68 21.57 13.81
N ASN B 143 41.93 22.69 13.11
CA ASN B 143 42.27 22.62 11.69
C ASN B 143 43.58 21.88 11.46
N THR B 144 44.43 21.76 12.48
CA THR B 144 45.71 21.07 12.35
C THR B 144 45.86 19.93 13.34
N ALA B 145 44.77 19.32 13.80
CA ALA B 145 44.84 18.26 14.77
C ALA B 145 44.48 16.92 14.13
N ARG B 146 44.63 15.84 14.91
CA ARG B 146 44.31 14.49 14.48
C ARG B 146 43.49 13.79 15.55
N ILE B 147 42.77 12.75 15.13
CA ILE B 147 42.01 11.91 16.05
C ILE B 147 42.43 10.47 15.77
N ALA B 148 43.27 9.91 16.64
CA ALA B 148 43.76 8.54 16.52
C ALA B 148 44.44 8.31 15.17
N GLY B 149 45.13 9.32 14.67
CA GLY B 149 45.84 9.23 13.41
C GLY B 149 45.03 9.59 12.18
N GLY B 150 43.73 9.82 12.33
CA GLY B 150 42.91 10.19 11.20
C GLY B 150 43.03 11.66 10.82
N THR B 151 42.43 12.01 9.69
CA THR B 151 42.42 13.37 9.19
C THR B 151 41.01 13.94 9.32
N ILE B 152 40.91 15.14 9.88
CA ILE B 152 39.62 15.78 10.09
C ILE B 152 39.16 16.38 8.78
N ALA B 153 37.95 16.01 8.34
CA ALA B 153 37.41 16.51 7.08
C ALA B 153 36.63 17.80 7.27
N SER B 154 35.69 17.83 8.20
CA SER B 154 34.88 19.02 8.44
C SER B 154 34.34 18.97 9.86
N PHE B 155 33.93 20.14 10.35
CA PHE B 155 33.35 20.27 11.68
C PHE B 155 32.54 21.54 11.74
N ASN B 156 31.65 21.61 12.74
CA ASN B 156 30.80 22.77 12.92
C ASN B 156 31.49 23.82 13.77
N LYS B 157 30.93 25.01 13.78
CA LYS B 157 31.50 26.12 14.54
C LYS B 157 31.31 25.85 16.03
N PRO B 158 32.37 25.94 16.84
CA PRO B 158 32.22 25.68 18.28
C PRO B 158 31.38 26.75 18.95
N PHE B 159 30.69 26.35 20.02
CA PHE B 159 29.94 27.28 20.85
C PHE B 159 30.15 26.91 22.31
N VAL B 160 29.99 27.93 23.17
CA VAL B 160 30.31 27.84 24.59
C VAL B 160 29.03 27.89 25.41
N LYS B 161 28.93 27.01 26.38
CA LYS B 161 27.82 26.97 27.33
C LYS B 161 28.34 27.21 28.74
N VAL B 162 27.52 27.86 29.55
CA VAL B 162 27.88 28.26 30.91
C VAL B 162 26.95 27.53 31.88
N ALA B 163 27.54 26.86 32.87
CA ALA B 163 26.80 26.15 33.91
C ALA B 163 27.17 26.72 35.26
N LYS B 164 26.16 27.12 36.04
CA LYS B 164 26.38 27.63 37.39
C LYS B 164 26.03 26.64 38.48
N ASP B 165 25.19 25.65 38.19
CA ASP B 165 24.74 24.69 39.20
C ASP B 165 24.45 23.36 38.51
N ALA B 166 24.02 22.37 39.30
CA ALA B 166 23.78 21.03 38.78
C ALA B 166 22.51 20.91 37.96
N GLU B 167 21.49 21.73 38.25
CA GLU B 167 20.22 21.64 37.53
C GLU B 167 20.33 22.06 36.07
N GLU B 168 21.15 23.07 35.77
CA GLU B 168 21.33 23.51 34.39
C GLU B 168 22.40 22.71 33.67
N LEU B 169 23.08 21.79 34.34
CA LEU B 169 23.97 20.86 33.66
C LEU B 169 23.20 19.98 32.68
N ALA B 170 21.92 19.74 32.93
CA ALA B 170 21.10 19.01 31.98
C ALA B 170 20.99 19.73 30.64
N SER B 171 20.94 21.06 30.65
CA SER B 171 20.88 21.81 29.40
C SER B 171 22.15 21.66 28.56
N VAL B 172 23.32 21.81 29.18
CA VAL B 172 24.57 21.65 28.44
C VAL B 172 24.74 20.20 28.00
N LYS B 173 24.22 19.25 28.80
CA LYS B 173 24.23 17.86 28.36
C LYS B 173 23.36 17.66 27.12
N ASN B 174 22.14 18.20 27.14
CA ASN B 174 21.22 18.10 26.02
C ASN B 174 21.69 18.87 24.80
N ALA B 175 22.61 19.82 24.96
CA ALA B 175 23.17 20.55 23.83
C ALA B 175 24.01 19.65 22.91
N MET B 176 24.35 18.44 23.35
CA MET B 176 25.18 17.53 22.58
C MET B 176 24.38 16.61 21.66
N MET B 177 23.06 16.75 21.63
CA MET B 177 22.24 15.90 20.79
C MET B 177 22.55 16.12 19.32
N PRO B 178 22.49 15.07 18.48
CA PRO B 178 22.32 13.66 18.88
C PRO B 178 23.62 12.85 18.81
N CYS B 179 23.88 12.03 19.83
CA CYS B 179 25.05 11.16 19.83
C CYS B 179 24.89 10.13 20.96
N TYR B 180 25.81 9.17 20.97
CA TYR B 180 25.83 8.10 21.97
C TYR B 180 27.09 8.25 22.81
N VAL B 181 26.92 8.37 24.13
CA VAL B 181 28.03 8.64 25.03
C VAL B 181 28.43 7.36 25.75
N VAL B 182 29.72 7.25 26.08
CA VAL B 182 30.28 6.08 26.77
C VAL B 182 30.20 6.34 28.27
N VAL B 183 29.66 5.37 29.00
CA VAL B 183 29.60 5.42 30.46
C VAL B 183 30.33 4.19 31.01
N ASP B 184 30.81 4.32 32.24
CA ASP B 184 31.61 3.29 32.89
C ASP B 184 30.72 2.45 33.80
N CYS B 185 30.85 1.13 33.70
CA CYS B 185 30.09 0.21 34.52
C CYS B 185 30.97 -0.65 35.43
N GLY B 186 32.28 -0.62 35.24
CA GLY B 186 33.19 -1.39 36.07
C GLY B 186 33.29 -2.85 35.66
N VAL B 187 34.28 -3.52 36.22
CA VAL B 187 34.53 -4.94 35.93
C VAL B 187 34.18 -5.75 37.17
N GLU B 188 33.58 -6.92 36.96
CA GLU B 188 33.20 -7.80 38.07
C GLU B 188 34.29 -8.83 38.34
N VAL B 189 34.60 -9.66 37.35
CA VAL B 189 35.67 -10.65 37.48
C VAL B 189 36.74 -10.34 36.44
N ASN B 190 36.37 -10.41 35.17
CA ASN B 190 37.26 -10.06 34.07
C ASN B 190 36.41 -9.78 32.84
N ILE B 191 37.03 -9.19 31.83
CA ILE B 191 36.26 -8.77 30.65
C ILE B 191 35.72 -9.97 29.88
N PHE B 192 36.46 -11.09 29.82
CA PHE B 192 36.02 -12.23 29.05
C PHE B 192 34.74 -12.86 29.58
N GLU B 193 34.63 -13.05 30.90
CA GLU B 193 33.41 -13.61 31.47
C GLU B 193 32.29 -12.58 31.54
N ASP B 194 32.61 -11.33 31.83
CA ASP B 194 31.59 -10.29 31.91
C ASP B 194 30.94 -10.00 30.55
N ALA B 195 31.72 -10.03 29.46
CA ALA B 195 31.17 -9.76 28.15
C ALA B 195 30.11 -10.79 27.75
N VAL B 196 30.35 -12.06 28.04
CA VAL B 196 29.39 -13.10 27.72
C VAL B 196 28.15 -12.99 28.60
N ASN B 197 28.35 -12.75 29.90
CA ASN B 197 27.24 -12.73 30.84
C ASN B 197 26.53 -11.38 30.86
N ARG B 198 27.27 -10.31 31.21
CA ARG B 198 26.65 -9.00 31.35
C ARG B 198 26.31 -8.36 30.01
N LYS B 199 26.94 -8.82 28.92
CA LYS B 199 26.70 -8.29 27.58
C LYS B 199 27.10 -6.81 27.47
N LEU B 200 28.36 -6.53 27.79
CA LEU B 200 28.98 -5.23 27.61
C LEU B 200 30.28 -5.39 26.83
N GLN B 201 30.89 -4.26 26.49
CA GLN B 201 32.10 -4.25 25.68
C GLN B 201 33.27 -3.71 26.49
N PRO B 202 34.45 -4.31 26.39
CA PRO B 202 35.60 -3.82 27.16
C PRO B 202 36.15 -2.53 26.57
N MET B 203 37.04 -1.90 27.35
CA MET B 203 37.70 -0.68 26.93
C MET B 203 38.97 -0.50 27.75
N VAL B 204 39.93 0.24 27.18
CA VAL B 204 41.20 0.49 27.85
C VAL B 204 41.11 1.79 28.62
N ASN B 205 41.42 1.73 29.92
CA ASN B 205 41.33 2.89 30.79
C ASN B 205 42.68 3.35 31.35
N GLY B 206 43.73 2.58 31.14
CA GLY B 206 45.03 2.95 31.65
C GLY B 206 46.07 1.91 31.29
N TYR B 207 47.30 2.18 31.74
CA TYR B 207 48.43 1.29 31.48
C TYR B 207 49.11 0.93 32.80
N LYS B 208 49.62 -0.29 32.86
CA LYS B 208 50.36 -0.78 34.02
C LYS B 208 51.82 -0.94 33.63
N LYS B 209 52.71 -0.39 34.46
CA LYS B 209 54.14 -0.42 34.17
C LYS B 209 54.74 -1.75 34.56
N LEU B 210 55.62 -2.30 33.72
CA LEU B 210 56.28 -3.57 34.02
C LEU B 210 57.73 -3.39 34.47
N GLU B 211 58.58 -2.77 33.63
CA GLU B 211 59.97 -2.61 33.99
C GLU B 211 60.56 -1.42 33.22
N LYS B 212 61.55 -0.78 33.85
CA LYS B 212 62.10 0.49 33.36
C LYS B 212 63.06 0.29 32.21
N ILE B 213 63.01 1.20 31.24
CA ILE B 213 63.95 1.18 30.12
C ILE B 213 65.30 1.68 30.60
N VAL B 214 66.35 0.93 30.29
CA VAL B 214 67.70 1.31 30.69
C VAL B 214 68.39 2.11 29.58
N ASP B 215 68.50 1.51 28.40
CA ASP B 215 69.15 2.14 27.26
C ASP B 215 68.23 3.20 26.67
N ASN B 216 68.70 4.45 26.66
CA ASN B 216 67.92 5.59 26.22
C ASN B 216 68.44 6.13 24.89
N LYS B 217 68.81 5.24 23.98
CA LYS B 217 69.39 5.66 22.70
C LYS B 217 68.30 5.90 21.66
N HIS B 218 67.44 4.91 21.44
CA HIS B 218 66.45 4.96 20.37
C HIS B 218 65.14 5.61 20.79
N MET B 219 65.03 6.06 22.03
CA MET B 219 63.80 6.69 22.49
C MET B 219 63.67 8.09 21.92
N ARG B 220 62.42 8.55 21.81
CA ARG B 220 62.13 9.86 21.24
C ARG B 220 62.48 11.00 22.18
N ASP B 221 62.76 10.72 23.45
CA ASP B 221 63.15 11.75 24.41
C ASP B 221 64.16 11.16 25.38
N LYS B 222 65.21 11.92 25.68
CA LYS B 222 66.26 11.48 26.59
C LYS B 222 66.12 12.07 27.98
N PHE B 223 65.03 12.79 28.25
CA PHE B 223 64.82 13.40 29.56
C PHE B 223 63.65 12.73 30.28
N THR B 224 62.61 12.37 29.53
CA THR B 224 61.45 11.74 30.13
C THR B 224 61.76 10.28 30.47
N PRO B 225 61.50 9.85 31.70
CA PRO B 225 61.69 8.42 32.04
C PRO B 225 60.80 7.53 31.18
N ALA B 226 61.32 6.37 30.82
CA ALA B 226 60.65 5.45 29.92
C ALA B 226 60.26 4.16 30.65
N TYR B 227 59.16 3.56 30.23
CA TYR B 227 58.60 2.39 30.90
C TYR B 227 57.98 1.45 29.87
N LEU B 228 57.91 0.18 30.22
CA LEU B 228 57.13 -0.80 29.47
C LEU B 228 55.79 -1.00 30.15
N ALA B 229 54.70 -0.83 29.40
CA ALA B 229 53.36 -0.83 29.96
C ALA B 229 52.46 -1.76 29.16
N THR B 230 51.43 -2.26 29.84
CA THR B 230 50.39 -3.07 29.21
C THR B 230 49.02 -2.48 29.55
N PRO B 231 48.07 -2.57 28.62
CA PRO B 231 46.76 -1.96 28.87
C PRO B 231 45.98 -2.69 29.95
N THR B 232 45.17 -1.92 30.68
CA THR B 232 44.24 -2.45 31.67
C THR B 232 42.81 -2.25 31.16
N TYR B 233 42.00 -3.29 31.29
CA TYR B 233 40.70 -3.34 30.64
C TYR B 233 39.57 -3.10 31.65
N THR B 234 38.60 -2.32 31.20
CA THR B 234 37.38 -2.09 31.96
C THR B 234 36.20 -2.15 30.99
N MET B 235 35.02 -2.46 31.53
CA MET B 235 33.84 -2.66 30.73
C MET B 235 32.99 -1.38 30.72
N ILE B 236 32.49 -1.02 29.54
CA ILE B 236 31.78 0.24 29.33
C ILE B 236 30.43 -0.05 28.70
N GLY B 237 29.64 1.01 28.58
CA GLY B 237 28.35 0.91 27.92
C GLY B 237 28.07 2.17 27.12
N TYR B 238 27.16 2.04 26.16
CA TYR B 238 26.77 3.15 25.28
C TYR B 238 25.36 3.58 25.62
N LYS B 239 25.17 4.87 25.89
CA LYS B 239 23.88 5.38 26.32
C LYS B 239 23.52 6.63 25.54
N MET B 240 22.22 6.81 25.29
CA MET B 240 21.73 8.03 24.68
C MET B 240 21.96 9.21 25.62
N VAL B 241 22.20 10.38 25.03
CA VAL B 241 22.49 11.56 25.84
C VAL B 241 21.30 11.95 26.71
N SER B 242 20.09 11.91 26.16
CA SER B 242 18.90 12.30 26.92
C SER B 242 18.57 11.32 28.03
N ASN B 243 19.19 10.14 28.05
CA ASN B 243 18.92 9.13 29.06
C ASN B 243 20.00 9.07 30.13
N VAL B 244 20.91 10.02 30.16
CA VAL B 244 21.95 10.06 31.19
C VAL B 244 21.39 10.69 32.44
N ASP B 245 21.55 10.01 33.58
CA ASP B 245 21.06 10.54 34.84
C ASP B 245 21.93 11.70 35.33
N ASN B 246 23.21 11.43 35.57
CA ASN B 246 24.16 12.44 36.02
C ASN B 246 25.19 12.67 34.94
N PHE B 247 25.38 13.94 34.56
CA PHE B 247 26.35 14.29 33.52
C PHE B 247 27.79 14.09 33.97
N ASP B 248 28.04 14.07 35.28
CA ASP B 248 29.40 13.86 35.78
C ASP B 248 29.92 12.46 35.50
N GLN B 249 29.04 11.52 35.17
CA GLN B 249 29.44 10.16 34.82
C GLN B 249 29.90 10.04 33.37
N ALA B 250 29.71 11.08 32.56
CA ALA B 250 30.05 11.05 31.15
C ALA B 250 31.30 11.87 30.82
N LEU B 251 32.03 12.32 31.83
CA LEU B 251 33.26 13.08 31.63
C LEU B 251 34.44 12.28 32.16
N TRP B 252 35.52 12.24 31.39
CA TRP B 252 36.70 11.45 31.72
C TRP B 252 37.89 12.37 31.96
N GLN B 253 38.77 11.95 32.86
CA GLN B 253 40.00 12.69 33.13
C GLN B 253 41.04 11.75 33.70
N TYR B 254 42.30 12.21 33.66
CA TYR B 254 43.41 11.42 34.16
C TYR B 254 43.25 11.15 35.65
N GLY B 255 43.66 9.95 36.07
CA GLY B 255 43.54 9.55 37.46
C GLY B 255 44.86 9.13 38.07
N GLU B 256 44.80 8.37 39.16
CA GLU B 256 45.99 7.93 39.86
C GLU B 256 46.47 6.58 39.31
N ASN B 257 47.76 6.32 39.49
CA ASN B 257 48.39 5.07 39.09
C ASN B 257 48.21 4.82 37.59
N THR B 258 48.38 5.87 36.79
CA THR B 258 48.28 5.80 35.32
C THR B 258 46.96 5.18 34.88
N LYS B 259 45.86 5.87 35.21
CA LYS B 259 44.52 5.43 34.84
C LYS B 259 43.69 6.65 34.43
N VAL B 260 42.61 6.37 33.71
CA VAL B 260 41.63 7.38 33.34
C VAL B 260 40.29 7.02 33.96
N LYS B 261 39.70 7.98 34.67
CA LYS B 261 38.50 7.71 35.44
C LYS B 261 37.49 8.82 35.18
N THR B 262 36.23 8.51 35.46
CA THR B 262 35.15 9.48 35.31
C THR B 262 34.82 10.12 36.65
N ILE B 263 34.25 11.34 36.57
CA ILE B 263 33.93 12.10 37.78
C ILE B 263 32.87 11.38 38.59
N GLY B 264 31.82 10.87 37.94
CA GLY B 264 30.70 10.27 38.63
C GLY B 264 30.90 8.85 39.08
N GLY B 265 32.05 8.24 38.80
CA GLY B 265 32.28 6.88 39.21
C GLY B 265 31.46 5.87 38.41
N ILE B 266 31.19 4.72 39.02
CA ILE B 266 30.44 3.68 38.36
C ILE B 266 29.02 4.15 38.09
N TYR B 267 28.57 4.00 36.85
CA TYR B 267 27.26 4.46 36.45
C TYR B 267 26.19 3.51 36.99
N ASN B 268 25.17 4.07 37.64
CA ASN B 268 24.05 3.30 38.16
C ASN B 268 22.75 3.98 37.75
N ASP B 269 21.78 3.19 37.33
CA ASP B 269 20.48 3.73 36.92
C ASP B 269 19.68 4.23 38.12
N LYS C 24 -33.40 23.83 42.28
CA LYS C 24 -33.55 25.19 41.79
C LYS C 24 -34.53 25.23 40.62
N LEU C 25 -34.91 24.05 40.14
CA LEU C 25 -35.87 23.89 39.04
C LEU C 25 -35.40 24.66 37.79
N LYS C 26 -34.25 24.25 37.29
CA LYS C 26 -33.69 24.87 36.09
C LYS C 26 -34.47 24.44 34.85
N ALA C 27 -34.37 25.24 33.80
CA ALA C 27 -35.07 24.95 32.56
C ALA C 27 -34.51 23.68 31.90
N PRO C 28 -35.36 22.92 31.22
CA PRO C 28 -34.88 21.71 30.54
C PRO C 28 -34.01 22.06 29.34
N ALA C 29 -33.31 21.03 28.83
CA ALA C 29 -32.42 21.24 27.70
C ALA C 29 -33.19 21.68 26.46
N VAL C 30 -34.35 21.08 26.20
CA VAL C 30 -35.19 21.42 25.06
C VAL C 30 -36.49 21.99 25.60
N LEU C 31 -36.85 23.19 25.14
CA LEU C 31 -38.08 23.85 25.55
C LEU C 31 -38.45 24.90 24.52
N ALA C 32 -39.58 24.70 23.85
CA ALA C 32 -40.03 25.63 22.82
C ALA C 32 -41.55 25.68 22.83
N TYR C 33 -42.08 26.80 22.32
CA TYR C 33 -43.52 27.00 22.22
C TYR C 33 -43.86 27.45 20.80
N SER C 34 -45.06 27.08 20.36
CA SER C 34 -45.50 27.39 19.02
C SER C 34 -46.03 28.82 18.95
N ARG C 35 -46.50 29.22 17.77
CA ARG C 35 -47.02 30.56 17.55
C ARG C 35 -48.54 30.53 17.59
N LYS C 36 -49.13 31.36 18.47
CA LYS C 36 -50.57 31.35 18.69
C LYS C 36 -51.32 32.38 17.85
N ILE C 37 -50.62 33.18 17.05
CA ILE C 37 -51.26 34.13 16.14
C ILE C 37 -50.79 33.80 14.72
N ASN C 38 -51.74 33.65 13.81
CA ASN C 38 -51.44 33.24 12.44
C ASN C 38 -51.94 34.29 11.46
N PRO C 39 -51.05 35.11 10.90
CA PRO C 39 -51.45 36.03 9.83
C PRO C 39 -51.32 35.37 8.46
N THR C 40 -52.05 35.91 7.50
CA THR C 40 -52.05 35.44 6.13
C THR C 40 -51.34 36.44 5.23
N ASN C 41 -50.86 35.96 4.09
CA ASN C 41 -50.22 36.82 3.12
C ASN C 41 -51.22 37.80 2.54
N ALA C 42 -51.12 39.07 2.93
CA ALA C 42 -52.06 40.09 2.48
C ALA C 42 -51.90 40.34 0.98
N LEU C 43 -53.03 40.49 0.31
CA LEU C 43 -53.06 40.73 -1.13
C LEU C 43 -53.65 42.11 -1.42
N MET C 44 -53.11 42.75 -2.45
CA MET C 44 -53.46 44.12 -2.80
C MET C 44 -54.19 44.14 -4.14
N PHE C 45 -55.19 45.02 -4.24
CA PHE C 45 -55.96 45.22 -5.46
C PHE C 45 -56.23 46.72 -5.61
N ALA C 46 -56.50 47.12 -6.85
CA ALA C 46 -56.79 48.53 -7.16
C ALA C 46 -58.28 48.68 -7.40
N VAL C 47 -58.93 49.56 -6.64
CA VAL C 47 -60.35 49.83 -6.75
C VAL C 47 -60.56 51.36 -6.72
N ASN C 48 -61.81 51.76 -6.81
CA ASN C 48 -62.19 53.16 -6.75
C ASN C 48 -62.80 53.49 -5.40
N TRP C 49 -62.89 54.80 -5.12
CA TRP C 49 -63.42 55.25 -3.83
C TRP C 49 -64.87 54.87 -3.64
N SER C 50 -65.71 55.03 -4.66
CA SER C 50 -67.12 54.68 -4.58
C SER C 50 -67.46 53.42 -5.37
N ASP C 51 -66.47 52.71 -5.89
CA ASP C 51 -66.67 51.50 -6.68
C ASP C 51 -65.81 50.36 -6.14
N ARG C 52 -65.87 50.16 -4.82
CA ARG C 52 -65.05 49.17 -4.14
C ARG C 52 -65.61 47.75 -4.27
N ASP C 53 -66.52 47.51 -5.21
CA ASP C 53 -67.06 46.17 -5.42
C ASP C 53 -66.15 45.34 -6.31
N ASN C 54 -65.87 45.82 -7.52
CA ASN C 54 -64.98 45.11 -8.44
C ASN C 54 -63.54 45.48 -8.15
N THR C 55 -62.65 44.50 -8.21
CA THR C 55 -61.25 44.68 -7.91
C THR C 55 -60.39 44.33 -9.12
N THR C 56 -59.23 44.96 -9.20
CA THR C 56 -58.27 44.72 -10.28
C THR C 56 -56.90 44.44 -9.67
N ALA C 57 -56.18 43.50 -10.27
CA ALA C 57 -54.87 43.11 -9.77
C ALA C 57 -53.82 44.15 -10.15
N VAL C 58 -52.70 44.12 -9.42
CA VAL C 58 -51.60 45.04 -9.62
C VAL C 58 -50.38 44.21 -10.03
N MET C 59 -49.75 44.60 -11.15
CA MET C 59 -48.59 43.88 -11.63
C MET C 59 -47.31 44.55 -11.11
N VAL C 60 -46.16 43.98 -11.47
CA VAL C 60 -44.88 44.50 -11.01
C VAL C 60 -44.01 44.92 -12.20
N GLY C 61 -43.65 43.96 -13.04
CA GLY C 61 -42.78 44.25 -14.17
C GLY C 61 -41.34 44.50 -13.74
N THR C 62 -40.56 45.00 -14.69
CA THR C 62 -39.15 45.28 -14.47
C THR C 62 -38.78 46.55 -15.23
N LYS C 63 -37.94 47.39 -14.61
CA LYS C 63 -37.52 48.64 -15.23
C LYS C 63 -36.01 48.80 -15.05
N THR C 64 -35.44 49.72 -15.83
CA THR C 64 -34.02 50.04 -15.77
C THR C 64 -33.88 51.54 -15.48
N VAL C 65 -33.01 51.87 -14.53
CA VAL C 65 -32.81 53.25 -14.10
C VAL C 65 -31.33 53.61 -14.23
N ALA C 66 -31.08 54.90 -14.36
CA ALA C 66 -29.74 55.46 -14.48
C ALA C 66 -29.54 56.56 -13.44
N GLY C 67 -28.31 56.69 -12.99
CA GLY C 67 -27.97 57.67 -11.99
C GLY C 67 -26.48 57.83 -11.81
N THR C 68 -26.10 58.52 -10.75
CA THR C 68 -24.71 58.77 -10.41
C THR C 68 -24.25 57.81 -9.32
N GLN C 69 -22.99 57.92 -8.95
CA GLN C 69 -22.37 57.09 -7.92
C GLN C 69 -22.07 57.97 -6.71
N SER C 70 -22.78 57.73 -5.61
CA SER C 70 -22.61 58.49 -4.37
C SER C 70 -22.10 57.52 -3.30
N VAL C 71 -20.78 57.37 -3.23
CA VAL C 71 -20.13 56.51 -2.26
C VAL C 71 -19.21 57.36 -1.39
N ARG C 72 -19.40 57.26 -0.08
CA ARG C 72 -18.58 58.03 0.86
C ARG C 72 -17.16 57.49 0.87
N GLY C 73 -16.18 58.39 0.81
CA GLY C 73 -14.78 58.01 0.83
C GLY C 73 -14.17 57.75 -0.53
N ASN C 74 -14.95 57.81 -1.61
CA ASN C 74 -14.45 57.57 -2.97
C ASN C 74 -14.87 58.75 -3.85
N PRO C 75 -14.15 59.87 -3.76
CA PRO C 75 -14.51 61.05 -4.58
C PRO C 75 -13.92 61.03 -5.98
N ASN C 76 -12.92 60.20 -6.24
CA ASN C 76 -12.26 60.20 -7.55
C ASN C 76 -13.13 59.59 -8.64
N ASP C 77 -14.09 58.73 -8.30
CA ASP C 77 -14.96 58.08 -9.27
C ASP C 77 -16.41 58.54 -9.12
N ALA C 78 -16.63 59.80 -8.77
CA ALA C 78 -17.96 60.34 -8.60
C ALA C 78 -18.53 60.93 -9.90
N ASP C 79 -17.74 60.99 -10.96
CA ASP C 79 -18.18 61.54 -12.24
C ASP C 79 -18.64 60.46 -13.21
N LYS C 80 -18.67 59.20 -12.79
CA LYS C 80 -19.09 58.10 -13.65
C LYS C 80 -20.57 57.80 -13.46
N GLY C 81 -21.14 57.08 -14.44
CA GLY C 81 -22.54 56.74 -14.41
C GLY C 81 -22.84 55.50 -13.59
N ASN C 82 -24.11 55.12 -13.60
CA ASN C 82 -24.57 53.97 -12.84
C ASN C 82 -25.89 53.48 -13.44
N ILE C 83 -25.93 52.20 -13.81
CA ILE C 83 -27.10 51.59 -14.44
C ILE C 83 -27.59 50.48 -13.52
N GLN C 84 -28.89 50.49 -13.20
CA GLN C 84 -29.48 49.49 -12.33
C GLN C 84 -30.74 48.93 -12.96
N THR C 85 -31.05 47.67 -12.63
CA THR C 85 -32.27 47.02 -13.07
C THR C 85 -33.06 46.64 -11.82
N VAL C 86 -34.28 47.19 -11.69
CA VAL C 86 -35.08 47.04 -10.49
C VAL C 86 -36.51 46.70 -10.87
N ASN C 87 -37.34 46.51 -9.85
CA ASN C 87 -38.77 46.26 -10.00
C ASN C 87 -39.55 47.40 -9.36
N PHE C 88 -40.63 47.79 -10.02
CA PHE C 88 -41.51 48.85 -9.53
C PHE C 88 -42.93 48.31 -9.41
N ALA C 89 -43.79 49.08 -8.77
CA ALA C 89 -45.19 48.70 -8.63
C ALA C 89 -46.00 49.93 -8.30
N ASN C 90 -46.90 50.32 -9.20
CA ASN C 90 -47.76 51.48 -8.98
C ASN C 90 -49.18 51.14 -9.39
N LEU C 91 -50.13 51.76 -8.70
CA LEU C 91 -51.54 51.52 -8.99
C LEU C 91 -51.91 52.10 -10.36
N PRO C 92 -52.80 51.44 -11.09
CA PRO C 92 -53.11 51.87 -12.46
C PRO C 92 -53.78 53.23 -12.50
N HIS C 93 -53.70 53.86 -13.67
CA HIS C 93 -54.19 55.22 -13.86
C HIS C 93 -55.71 55.33 -13.89
N ASN C 94 -56.42 54.20 -13.89
CA ASN C 94 -57.88 54.21 -13.86
C ASN C 94 -58.47 54.00 -12.48
N LYS C 95 -57.64 53.81 -11.46
CA LYS C 95 -58.09 53.63 -10.09
C LYS C 95 -57.45 54.69 -9.20
N ASN C 96 -57.99 54.85 -8.00
CA ASN C 96 -57.47 55.86 -7.07
C ASN C 96 -57.35 55.33 -5.65
N THR C 97 -57.80 54.09 -5.41
CA THR C 97 -57.73 53.53 -4.06
C THR C 97 -57.15 52.12 -4.11
N LEU C 98 -56.49 51.73 -3.03
CA LEU C 98 -55.95 50.39 -2.91
C LEU C 98 -56.65 49.65 -1.77
N LEU C 99 -57.03 48.40 -2.04
CA LEU C 99 -57.62 47.53 -1.02
C LEU C 99 -56.65 46.39 -0.75
N VAL C 100 -56.21 46.27 0.51
CA VAL C 100 -55.31 45.19 0.91
C VAL C 100 -56.02 44.34 1.96
N LYS C 101 -56.02 43.03 1.74
CA LYS C 101 -56.83 42.13 2.55
C LYS C 101 -56.00 40.96 3.06
N TYR C 102 -56.37 40.46 4.24
CA TYR C 102 -55.74 39.30 4.83
C TYR C 102 -56.65 38.72 5.91
N ASN C 103 -56.18 37.62 6.51
CA ASN C 103 -56.89 36.95 7.59
C ASN C 103 -55.95 36.74 8.76
N VAL C 104 -56.50 36.83 9.98
CA VAL C 104 -55.75 36.65 11.21
C VAL C 104 -56.46 35.61 12.07
N LYS C 105 -55.73 34.60 12.52
CA LYS C 105 -56.29 33.52 13.32
C LYS C 105 -55.68 33.55 14.71
N PHE C 106 -56.53 33.47 15.73
CA PHE C 106 -56.11 33.40 17.12
C PHE C 106 -56.43 32.02 17.66
N VAL C 107 -55.43 31.38 18.27
CA VAL C 107 -55.57 30.04 18.82
C VAL C 107 -55.15 30.07 20.29
N GLY C 108 -55.97 29.44 21.13
CA GLY C 108 -55.74 29.35 22.55
C GLY C 108 -54.75 28.28 22.92
N ASP C 109 -55.04 27.57 24.02
CA ASP C 109 -54.19 26.51 24.54
C ASP C 109 -52.78 27.02 24.83
N VAL C 110 -52.72 28.20 25.45
CA VAL C 110 -51.47 28.82 25.84
C VAL C 110 -50.97 28.10 27.09
N PHE C 111 -49.71 28.33 27.48
CA PHE C 111 -49.08 27.69 28.63
C PHE C 111 -48.99 26.17 28.44
N LYS C 112 -48.75 25.73 27.19
CA LYS C 112 -48.60 24.32 26.88
C LYS C 112 -47.41 24.17 25.93
N ALA C 113 -46.29 23.69 26.45
CA ALA C 113 -45.10 23.52 25.63
C ALA C 113 -45.13 22.17 24.91
N GLU C 114 -44.91 22.23 23.60
CA GLU C 114 -44.86 21.00 22.80
C GLU C 114 -43.48 20.35 22.86
N LEU C 115 -42.44 21.11 23.19
CA LEU C 115 -41.10 20.58 23.32
C LEU C 115 -40.73 20.57 24.80
N GLY C 116 -40.81 19.39 25.42
CA GLY C 116 -40.42 19.23 26.81
C GLY C 116 -41.30 20.00 27.77
N GLY C 117 -41.02 19.81 29.06
CA GLY C 117 -41.73 20.52 30.10
C GLY C 117 -42.80 19.71 30.77
N GLY C 118 -42.49 19.12 31.94
CA GLY C 118 -43.47 18.41 32.72
C GLY C 118 -43.61 19.00 34.12
N GLU C 119 -42.55 19.63 34.59
CA GLU C 119 -42.55 20.32 35.88
C GLU C 119 -42.30 21.81 35.74
N TYR C 120 -41.30 22.21 34.96
CA TYR C 120 -41.00 23.62 34.76
C TYR C 120 -42.15 24.33 34.05
N SER C 121 -42.68 23.73 32.98
CA SER C 121 -43.83 24.30 32.29
C SER C 121 -45.06 24.33 33.17
N ASN C 122 -45.31 23.27 33.93
CA ASN C 122 -46.44 23.26 34.85
C ASN C 122 -46.30 24.30 35.95
N THR C 123 -45.09 24.46 36.51
CA THR C 123 -44.87 25.50 37.51
C THR C 123 -45.07 26.89 36.94
N LEU C 124 -44.58 27.14 35.72
CA LEU C 124 -44.82 28.42 35.08
C LEU C 124 -46.30 28.65 34.83
N GLN C 125 -47.04 27.61 34.41
CA GLN C 125 -48.48 27.75 34.23
C GLN C 125 -49.16 28.10 35.54
N THR C 126 -48.78 27.44 36.63
CA THR C 126 -49.37 27.75 37.93
C THR C 126 -49.05 29.16 38.37
N ALA C 127 -47.83 29.64 38.13
CA ALA C 127 -47.46 30.99 38.54
C ALA C 127 -48.19 32.06 37.74
N LEU C 128 -48.67 31.72 36.54
CA LEU C 128 -49.31 32.69 35.66
C LEU C 128 -50.83 32.68 35.92
N GLU C 129 -51.58 33.31 35.02
CA GLU C 129 -53.02 33.56 35.01
C GLU C 129 -53.50 34.27 36.28
N ASN C 130 -52.62 34.88 37.07
CA ASN C 130 -53.02 35.75 38.15
C ASN C 130 -53.32 37.17 37.67
N THR C 131 -52.94 37.50 36.43
CA THR C 131 -53.22 38.80 35.86
C THR C 131 -54.33 38.70 34.82
N ASP C 132 -54.57 39.82 34.13
CA ASP C 132 -55.69 39.93 33.20
C ASP C 132 -55.17 39.91 31.77
N PHE C 133 -55.79 39.08 30.93
CA PHE C 133 -55.53 39.06 29.50
C PHE C 133 -56.20 40.21 28.76
N GLY C 134 -57.01 41.01 29.45
CA GLY C 134 -57.78 42.05 28.78
C GLY C 134 -56.90 43.08 28.11
N THR C 135 -55.82 43.50 28.76
CA THR C 135 -54.92 44.48 28.15
C THR C 135 -54.27 43.96 26.88
N LEU C 136 -53.76 42.72 26.91
CA LEU C 136 -53.15 42.14 25.72
C LEU C 136 -54.17 42.00 24.59
N ALA C 137 -55.38 41.53 24.92
CA ALA C 137 -56.42 41.41 23.92
C ALA C 137 -56.82 42.75 23.33
N TYR C 138 -56.93 43.79 24.16
CA TYR C 138 -57.25 45.12 23.67
C TYR C 138 -56.16 45.65 22.75
N ARG C 139 -54.90 45.50 23.15
CA ARG C 139 -53.79 46.00 22.33
C ARG C 139 -53.64 45.27 21.01
N TYR C 140 -53.81 43.94 21.00
CA TYR C 140 -53.70 43.19 19.75
C TYR C 140 -54.75 43.64 18.75
N VAL C 141 -55.99 43.84 19.22
CA VAL C 141 -57.05 44.32 18.34
C VAL C 141 -56.82 45.77 17.91
N TYR C 142 -56.34 46.62 18.83
CA TYR C 142 -56.12 48.02 18.49
C TYR C 142 -55.02 48.18 17.46
N ASN C 143 -53.97 47.36 17.50
CA ASN C 143 -52.92 47.46 16.50
C ASN C 143 -53.46 47.21 15.09
N ILE C 144 -54.32 46.21 14.93
CA ILE C 144 -54.93 45.97 13.63
C ILE C 144 -55.92 47.07 13.27
N ALA C 145 -56.74 47.51 14.23
CA ALA C 145 -57.79 48.48 13.94
C ALA C 145 -57.21 49.83 13.52
N ALA C 146 -56.16 50.30 14.20
CA ALA C 146 -55.61 51.62 13.92
C ALA C 146 -54.92 51.68 12.56
N GLY C 147 -54.61 50.53 11.97
CA GLY C 147 -53.93 50.52 10.69
C GLY C 147 -52.43 50.42 10.81
N ARG C 148 -51.95 50.08 12.01
CA ARG C 148 -50.51 49.92 12.21
C ARG C 148 -49.93 48.78 11.38
N THR C 149 -50.74 47.78 11.04
CA THR C 149 -50.26 46.69 10.18
C THR C 149 -49.81 47.22 8.82
N LEU C 150 -50.43 48.29 8.33
CA LEU C 150 -50.04 48.91 7.08
C LEU C 150 -48.66 49.54 7.24
N TRP C 151 -47.74 49.18 6.35
CA TRP C 151 -46.36 49.65 6.41
C TRP C 151 -46.20 51.04 5.79
N ARG C 152 -44.96 51.39 5.47
CA ARG C 152 -44.55 52.72 5.02
C ARG C 152 -45.48 53.34 3.98
N ASN C 153 -46.22 52.51 3.25
CA ASN C 153 -47.17 53.02 2.26
C ASN C 153 -48.34 53.77 2.88
N ARG C 154 -48.35 53.97 4.20
CA ARG C 154 -49.41 54.75 4.83
C ARG C 154 -49.42 56.18 4.33
N VAL C 155 -48.25 56.78 4.16
CA VAL C 155 -48.14 58.19 3.78
C VAL C 155 -48.74 58.40 2.39
N GLY C 156 -49.14 59.64 2.12
CA GLY C 156 -49.76 60.00 0.87
C GLY C 156 -51.25 59.81 0.80
N ALA C 157 -51.88 59.28 1.85
CA ALA C 157 -53.32 59.06 1.88
C ALA C 157 -53.95 59.93 2.96
N GLU C 158 -55.01 60.64 2.58
CA GLU C 158 -55.71 61.52 3.51
C GLU C 158 -56.85 60.83 4.24
N SER C 159 -57.24 59.63 3.84
CA SER C 159 -58.33 58.91 4.48
C SER C 159 -58.00 57.42 4.48
N ILE C 160 -58.12 56.80 5.64
CA ILE C 160 -57.81 55.38 5.83
C ILE C 160 -59.05 54.71 6.38
N GLU C 161 -59.46 53.60 5.75
CA GLU C 161 -60.60 52.83 6.21
C GLU C 161 -60.17 51.40 6.52
N THR C 162 -60.76 50.81 7.56
CA THR C 162 -60.51 49.42 7.92
C THR C 162 -61.84 48.71 8.08
N VAL C 163 -61.99 47.56 7.43
CA VAL C 163 -63.17 46.72 7.57
C VAL C 163 -62.73 45.41 8.22
N ILE C 164 -63.31 45.11 9.38
CA ILE C 164 -62.96 43.91 10.14
C ILE C 164 -64.20 43.07 10.31
N THR C 165 -64.12 41.80 9.91
CA THR C 165 -65.26 40.90 9.90
C THR C 165 -64.95 39.66 10.73
N VAL C 166 -65.87 39.31 11.62
CA VAL C 166 -65.76 38.09 12.42
C VAL C 166 -67.16 37.67 12.86
N ASN C 167 -67.43 36.36 12.76
CA ASN C 167 -68.71 35.78 13.20
C ASN C 167 -69.91 36.50 12.59
N ASP C 168 -69.82 36.77 11.28
CA ASP C 168 -70.89 37.44 10.53
C ASP C 168 -71.25 38.78 11.17
N GLN C 169 -70.22 39.56 11.52
CA GLN C 169 -70.42 40.87 12.13
C GLN C 169 -69.28 41.76 11.66
N THR C 170 -69.63 42.79 10.87
CA THR C 170 -68.63 43.67 10.28
C THR C 170 -68.55 44.99 11.05
N PHE C 171 -67.32 45.51 11.14
CA PHE C 171 -67.06 46.78 11.79
C PHE C 171 -66.17 47.63 10.90
N THR C 172 -66.45 48.94 10.88
CA THR C 172 -65.68 49.89 10.10
C THR C 172 -64.93 50.82 11.03
N PHE C 173 -63.68 51.11 10.68
CA PHE C 173 -62.79 51.90 11.53
C PHE C 173 -62.10 52.97 10.69
N SER C 174 -62.07 54.18 11.25
CA SER C 174 -61.32 55.31 10.71
C SER C 174 -60.60 56.04 11.81
N ASP C 175 -60.10 55.30 12.79
CA ASP C 175 -59.49 55.87 13.99
C ASP C 175 -58.04 56.23 13.71
N LEU C 176 -57.66 57.46 14.08
CA LEU C 176 -56.30 57.94 13.96
C LEU C 176 -55.58 57.74 15.29
N LEU C 177 -54.40 58.35 15.43
CA LEU C 177 -53.59 58.27 16.65
C LEU C 177 -53.22 56.82 16.96
N VAL C 178 -52.42 56.25 16.05
CA VAL C 178 -51.98 54.86 16.21
C VAL C 178 -51.18 54.70 17.50
N ASN C 179 -50.37 55.71 17.85
CA ASN C 179 -49.69 55.70 19.14
C ASN C 179 -50.61 56.23 20.23
N GLU C 180 -50.15 56.10 21.48
CA GLU C 180 -50.90 56.56 22.65
C GLU C 180 -52.26 55.88 22.72
N PHE C 181 -52.21 54.56 22.95
CA PHE C 181 -53.39 53.72 23.02
C PHE C 181 -54.47 54.34 23.90
N ASP C 182 -55.61 54.65 23.30
CA ASP C 182 -56.71 55.30 23.99
C ASP C 182 -57.88 54.32 24.12
N GLU C 183 -58.97 54.81 24.72
CA GLU C 183 -60.16 54.01 24.93
C GLU C 183 -61.11 54.15 23.75
N ASP C 184 -61.80 53.06 23.42
CA ASP C 184 -62.78 53.05 22.34
C ASP C 184 -63.87 52.06 22.67
N VAL C 185 -65.03 52.24 22.03
CA VAL C 185 -66.19 51.39 22.32
C VAL C 185 -66.22 50.13 21.45
N ASP C 186 -66.07 50.26 20.14
CA ASP C 186 -66.15 49.11 19.25
C ASP C 186 -64.98 48.16 19.44
N VAL C 187 -63.82 48.67 19.82
CA VAL C 187 -62.65 47.81 20.04
C VAL C 187 -62.92 46.85 21.19
N ALA C 188 -63.63 47.28 22.22
CA ALA C 188 -63.94 46.42 23.35
C ALA C 188 -64.79 45.22 22.96
N GLU C 189 -65.74 45.38 22.04
CA GLU C 189 -66.61 44.30 21.61
C GLU C 189 -65.85 43.18 20.91
N ILE C 190 -64.61 43.42 20.48
CA ILE C 190 -63.77 42.35 19.94
C ILE C 190 -62.72 41.92 20.95
N ALA C 191 -62.21 42.88 21.73
CA ALA C 191 -61.19 42.57 22.73
C ALA C 191 -61.72 41.65 23.82
N ASP C 192 -63.01 41.77 24.17
CA ASP C 192 -63.58 40.87 25.15
C ASP C 192 -63.59 39.42 24.67
N MET C 193 -63.89 39.19 23.39
CA MET C 193 -63.84 37.83 22.84
C MET C 193 -62.40 37.35 22.68
N VAL C 194 -61.48 38.26 22.31
CA VAL C 194 -60.08 37.87 22.20
C VAL C 194 -59.51 37.46 23.56
N ALA C 195 -59.86 38.19 24.61
CA ALA C 195 -59.49 37.77 25.96
C ALA C 195 -60.12 36.44 26.33
N GLY C 196 -61.30 36.14 25.77
CA GLY C 196 -61.93 34.84 25.99
C GLY C 196 -61.29 33.70 25.23
N VAL C 197 -60.57 33.99 24.15
CA VAL C 197 -59.92 32.92 23.40
C VAL C 197 -58.47 32.75 23.84
N LEU C 198 -57.86 33.80 24.38
CA LEU C 198 -56.46 33.70 24.80
C LEU C 198 -56.30 32.77 26.00
N SER C 199 -57.21 32.81 26.97
CA SER C 199 -57.08 31.96 28.14
C SER C 199 -57.81 30.63 27.98
N GLY C 200 -57.58 29.98 26.84
CA GLY C 200 -57.91 28.58 26.65
C GLY C 200 -59.25 28.30 25.99
N GLU C 201 -59.23 28.11 24.68
CA GLU C 201 -60.31 27.49 23.91
C GLU C 201 -59.77 27.28 22.50
N GLY C 202 -60.66 27.00 21.54
CA GLY C 202 -60.23 26.75 20.18
C GLY C 202 -59.84 28.01 19.43
N PHE C 203 -60.27 28.12 18.17
CA PHE C 203 -59.74 29.13 17.27
C PHE C 203 -60.81 30.16 16.93
N VAL C 204 -60.35 31.37 16.62
CA VAL C 204 -61.20 32.43 16.09
C VAL C 204 -60.48 33.11 14.94
N THR C 205 -61.18 33.23 13.81
CA THR C 205 -60.61 33.78 12.59
C THR C 205 -61.28 35.10 12.26
N LEU C 206 -60.48 36.09 11.88
CA LEU C 206 -60.96 37.43 11.53
C LEU C 206 -60.46 37.79 10.13
N LYS C 207 -61.27 38.54 9.39
CA LYS C 207 -60.92 38.98 8.04
C LYS C 207 -60.73 40.49 8.10
N VAL C 208 -59.57 40.97 7.62
CA VAL C 208 -59.20 42.38 7.71
C VAL C 208 -58.97 42.92 6.31
N GLU C 209 -59.58 44.07 6.02
CA GLU C 209 -59.38 44.77 4.76
C GLU C 209 -59.06 46.23 5.05
N HIS C 210 -58.17 46.81 4.26
CA HIS C 210 -57.78 48.21 4.40
C HIS C 210 -57.92 48.93 3.07
N TYR C 211 -58.57 50.09 3.14
CA TYR C 211 -58.73 51.01 2.01
C TYR C 211 -57.89 52.25 2.26
N MET C 212 -57.14 52.67 1.24
CA MET C 212 -56.30 53.85 1.32
C MET C 212 -56.62 54.78 0.17
N LEU C 213 -56.08 56.00 0.24
CA LEU C 213 -56.37 57.07 -0.70
C LEU C 213 -55.07 57.71 -1.19
N LEU C 214 -54.14 56.87 -1.68
CA LEU C 214 -52.88 57.38 -2.18
C LEU C 214 -53.10 58.34 -3.34
N GLY C 215 -53.97 57.98 -4.27
CA GLY C 215 -54.27 58.85 -5.40
C GLY C 215 -54.12 58.17 -6.74
N GLU C 216 -54.00 58.97 -7.80
CA GLU C 216 -53.86 58.45 -9.16
C GLU C 216 -52.39 58.20 -9.48
N GLY C 217 -52.05 56.96 -9.83
CA GLY C 217 -50.71 56.63 -10.26
C GLY C 217 -49.67 56.57 -9.17
N SER C 218 -50.08 56.59 -7.89
CA SER C 218 -49.12 56.55 -6.80
C SER C 218 -48.44 55.19 -6.73
N GLU C 219 -47.15 55.22 -6.40
CA GLU C 219 -46.35 54.01 -6.29
C GLU C 219 -46.60 53.33 -4.95
N VAL C 220 -46.69 52.01 -4.97
CA VAL C 220 -46.95 51.22 -3.78
C VAL C 220 -45.63 50.62 -3.30
N PHE C 221 -45.65 50.12 -2.05
CA PHE C 221 -44.46 49.59 -1.41
C PHE C 221 -44.76 48.20 -0.85
N PRO C 222 -44.73 47.17 -1.68
CA PRO C 222 -44.89 45.80 -1.18
C PRO C 222 -43.61 45.32 -0.51
N SER C 223 -43.64 44.09 -0.03
CA SER C 223 -42.53 43.52 0.72
C SER C 223 -41.38 43.14 -0.20
N GLN C 224 -40.16 43.26 0.31
CA GLN C 224 -38.97 42.88 -0.43
C GLN C 224 -38.49 41.49 0.00
N GLU C 225 -37.41 41.03 -0.63
CA GLU C 225 -36.83 39.73 -0.33
C GLU C 225 -35.32 39.87 -0.18
N PHE C 226 -34.72 38.92 0.52
CA PHE C 226 -33.27 38.83 0.61
C PHE C 226 -32.75 37.96 -0.53
N VAL C 227 -31.89 38.53 -1.38
CA VAL C 227 -31.35 37.83 -2.53
C VAL C 227 -29.85 38.09 -2.61
N GLU C 228 -29.13 37.10 -3.13
CA GLU C 228 -27.69 37.21 -3.34
C GLU C 228 -27.44 38.01 -4.62
N ASN C 229 -26.18 38.05 -5.06
CA ASN C 229 -25.82 38.80 -6.26
C ASN C 229 -26.45 38.15 -7.49
N SER C 230 -27.07 38.97 -8.34
CA SER C 230 -27.71 38.51 -9.55
C SER C 230 -27.84 39.69 -10.51
N LYS C 231 -28.59 39.48 -11.59
CA LYS C 231 -28.84 40.57 -12.54
C LYS C 231 -29.70 41.67 -11.94
N LEU C 232 -30.58 41.34 -11.00
CA LEU C 232 -31.47 42.30 -10.38
C LEU C 232 -30.97 42.69 -9.00
N SER C 233 -30.93 44.01 -8.75
CA SER C 233 -30.45 44.54 -7.49
C SER C 233 -31.50 44.58 -6.40
N LYS C 234 -32.78 44.72 -6.75
CA LYS C 234 -33.85 44.80 -5.77
C LYS C 234 -35.13 44.30 -6.40
N GLN C 235 -35.58 43.12 -5.99
CA GLN C 235 -36.83 42.54 -6.46
C GLN C 235 -37.87 42.57 -5.34
N LEU C 236 -39.12 42.33 -5.71
CA LEU C 236 -40.25 42.41 -4.81
C LEU C 236 -40.98 41.08 -4.74
N PHE C 237 -41.53 40.78 -3.58
CA PHE C 237 -42.25 39.54 -3.36
C PHE C 237 -43.59 39.59 -4.08
N ASP C 238 -43.90 38.54 -4.84
CA ASP C 238 -45.14 38.47 -5.60
C ASP C 238 -45.55 37.03 -5.75
N LEU C 239 -46.86 36.79 -5.75
CA LEU C 239 -47.44 35.47 -5.95
C LEU C 239 -48.19 35.47 -7.27
N ASN C 240 -47.71 34.66 -8.22
CA ASN C 240 -48.31 34.57 -9.55
C ASN C 240 -48.38 35.93 -10.23
N GLY C 241 -47.34 36.74 -10.05
CA GLY C 241 -47.26 38.04 -10.67
C GLY C 241 -48.00 39.15 -9.95
N GLN C 242 -48.61 38.87 -8.80
CA GLN C 242 -49.35 39.86 -8.03
C GLN C 242 -48.58 40.21 -6.78
N ALA C 243 -48.36 41.51 -6.55
CA ALA C 243 -47.61 41.96 -5.39
C ALA C 243 -48.36 41.66 -4.11
N ALA C 244 -47.63 41.19 -3.10
CA ALA C 244 -48.20 40.84 -1.81
C ALA C 244 -47.20 41.22 -0.71
N MET C 245 -47.52 40.81 0.52
CA MET C 245 -46.67 41.07 1.67
C MET C 245 -46.46 39.78 2.46
N HIS C 246 -45.26 39.64 3.02
CA HIS C 246 -44.95 38.47 3.83
C HIS C 246 -45.80 38.46 5.10
N ASP C 247 -46.12 37.25 5.56
CA ASP C 247 -46.87 37.09 6.80
C ASP C 247 -46.09 37.57 8.03
N GLN C 248 -44.75 37.49 7.99
CA GLN C 248 -43.95 38.02 9.07
C GLN C 248 -44.13 39.53 9.22
N LYS C 249 -44.19 40.25 8.10
CA LYS C 249 -44.46 41.68 8.14
C LYS C 249 -45.81 41.99 8.77
N ILE C 250 -46.84 41.23 8.42
CA ILE C 250 -48.16 41.45 9.00
C ILE C 250 -48.14 41.16 10.49
N GLY C 251 -47.50 40.06 10.89
CA GLY C 251 -47.54 39.64 12.28
C GLY C 251 -46.65 40.45 13.21
N ASN C 252 -45.58 41.04 12.69
CA ASN C 252 -44.67 41.79 13.56
C ASN C 252 -45.28 43.09 14.04
N ALA C 253 -46.04 43.77 13.19
CA ALA C 253 -46.63 45.05 13.57
C ALA C 253 -47.70 44.92 14.64
N ILE C 254 -48.35 43.75 14.73
CA ILE C 254 -49.41 43.57 15.71
C ILE C 254 -48.87 43.55 17.13
N ARG C 255 -47.70 42.94 17.33
CA ARG C 255 -47.16 42.69 18.66
C ARG C 255 -46.32 43.83 19.21
N THR C 256 -46.37 45.01 18.59
CA THR C 256 -45.63 46.17 19.08
C THR C 256 -46.43 46.85 20.19
N ILE C 257 -46.38 46.22 21.37
CA ILE C 257 -47.16 46.66 22.53
C ILE C 257 -46.29 46.85 23.77
N ASP C 258 -44.97 46.89 23.63
CA ASP C 258 -44.08 46.90 24.79
C ASP C 258 -43.90 48.33 25.29
N THR C 259 -44.91 48.84 25.99
CA THR C 259 -44.84 50.13 26.67
C THR C 259 -44.52 49.95 28.14
N TRP C 260 -43.69 48.97 28.47
CA TRP C 260 -43.64 48.41 29.81
C TRP C 260 -42.22 48.35 30.36
N TYR C 261 -41.42 49.37 30.08
CA TYR C 261 -40.08 49.52 30.63
C TYR C 261 -39.79 50.99 30.91
N GLU C 262 -38.51 51.28 31.14
CA GLU C 262 -38.13 52.56 31.75
C GLU C 262 -38.47 53.78 30.89
N ASP C 263 -38.25 53.73 29.59
CA ASP C 263 -38.35 54.92 28.74
C ASP C 263 -38.77 54.49 27.34
N ALA C 264 -38.51 55.35 26.36
CA ALA C 264 -38.65 55.02 24.94
C ALA C 264 -40.09 54.65 24.58
N THR C 265 -40.95 55.68 24.65
CA THR C 265 -42.32 55.58 24.16
C THR C 265 -42.29 55.31 22.65
N THR C 266 -43.47 55.18 22.05
CA THR C 266 -43.61 54.61 20.70
C THR C 266 -42.97 53.23 20.70
N PRO C 267 -43.65 52.24 21.29
CA PRO C 267 -42.98 51.00 21.69
C PRO C 267 -42.45 50.14 20.54
N ILE C 268 -41.84 49.02 20.92
CA ILE C 268 -41.30 48.06 19.97
C ILE C 268 -42.00 46.72 20.17
N ALA C 269 -41.66 45.73 19.33
CA ALA C 269 -42.27 44.42 19.41
C ALA C 269 -41.68 43.61 20.55
N VAL C 270 -42.43 42.62 21.02
CA VAL C 270 -41.98 41.76 22.10
C VAL C 270 -40.97 40.76 21.55
N GLU C 271 -39.89 40.53 22.30
CA GLU C 271 -38.80 39.68 21.87
C GLU C 271 -37.88 39.43 23.05
N PRO C 272 -37.39 38.20 23.23
CA PRO C 272 -36.35 37.97 24.24
C PRO C 272 -35.12 38.81 23.93
N TYR C 273 -34.68 39.59 24.93
CA TYR C 273 -33.71 40.65 24.73
C TYR C 273 -34.16 41.58 23.60
N GLY C 274 -35.30 42.22 23.85
CA GLY C 274 -35.97 43.01 22.84
C GLY C 274 -35.11 44.10 22.24
N SER C 275 -34.69 43.90 20.99
CA SER C 275 -33.77 44.80 20.32
C SER C 275 -34.29 45.11 18.92
N VAL C 276 -33.91 46.28 18.43
CA VAL C 276 -34.25 46.72 17.08
C VAL C 276 -32.97 46.79 16.28
N VAL C 277 -32.77 45.80 15.40
CA VAL C 277 -31.58 45.79 14.55
C VAL C 277 -31.53 47.01 13.64
N ARG C 278 -32.69 47.57 13.29
CA ARG C 278 -32.72 48.77 12.46
C ARG C 278 -32.03 49.94 13.16
N ASN C 279 -32.31 50.15 14.44
CA ASN C 279 -31.70 51.23 15.19
C ASN C 279 -30.34 50.86 15.78
N GLY C 280 -30.03 49.58 15.88
CA GLY C 280 -28.76 49.13 16.43
C GLY C 280 -28.67 49.13 17.93
N VAL C 281 -29.74 49.48 18.63
CA VAL C 281 -29.75 49.51 20.08
C VAL C 281 -30.52 48.31 20.60
N ALA C 282 -30.09 47.80 21.76
CA ALA C 282 -30.69 46.61 22.36
C ALA C 282 -31.34 46.99 23.68
N TYR C 283 -32.65 47.24 23.65
CA TYR C 283 -33.38 47.48 24.87
C TYR C 283 -33.50 46.19 25.69
N ARG C 284 -33.81 46.34 26.97
CA ARG C 284 -33.96 45.22 27.89
C ARG C 284 -32.73 44.31 27.86
N ALA C 285 -31.56 44.95 27.90
CA ALA C 285 -30.29 44.24 27.86
C ALA C 285 -29.96 43.64 29.22
N GLY C 286 -28.72 43.22 29.42
CA GLY C 286 -28.34 42.57 30.66
C GLY C 286 -28.27 43.54 31.83
N ASN C 287 -29.43 44.07 32.23
CA ASN C 287 -29.55 44.96 33.38
C ASN C 287 -30.61 44.43 34.34
N LYS C 288 -30.55 43.12 34.61
CA LYS C 288 -31.49 42.45 35.51
C LYS C 288 -32.93 42.54 35.02
N THR C 289 -33.11 42.69 33.71
CA THR C 289 -34.44 42.65 33.10
C THR C 289 -34.32 41.86 31.79
N ASP C 290 -34.48 40.54 31.90
CA ASP C 290 -34.43 39.63 30.77
C ASP C 290 -35.57 38.62 30.90
N LEU C 291 -36.11 38.21 29.76
CA LEU C 291 -37.24 37.27 29.78
C LEU C 291 -36.84 35.95 30.43
N PHE C 292 -35.64 35.45 30.11
CA PHE C 292 -35.16 34.22 30.73
C PHE C 292 -34.97 34.37 32.24
N THR C 293 -34.47 35.52 32.69
CA THR C 293 -34.33 35.75 34.13
C THR C 293 -35.69 35.78 34.82
N LEU C 294 -36.68 36.43 34.20
CA LEU C 294 -38.03 36.43 34.77
C LEU C 294 -38.63 35.03 34.80
N MET C 295 -38.39 34.20 33.78
CA MET C 295 -38.88 32.83 33.82
C MET C 295 -38.28 32.06 34.99
N ASP C 296 -36.97 32.22 35.22
CA ASP C 296 -36.34 31.54 36.35
C ASP C 296 -36.85 32.06 37.68
N GLY C 297 -37.07 33.38 37.79
CA GLY C 297 -37.49 33.95 39.06
C GLY C 297 -38.94 33.66 39.41
N ALA C 298 -39.83 33.58 38.41
CA ALA C 298 -41.24 33.37 38.68
C ALA C 298 -41.50 32.01 39.32
N VAL C 299 -40.83 30.97 38.82
CA VAL C 299 -41.07 29.63 39.35
C VAL C 299 -40.35 29.39 40.67
N ASN C 300 -39.28 30.13 40.96
CA ASN C 300 -38.50 29.91 42.18
C ASN C 300 -38.93 30.89 43.27
N GLY C 301 -40.13 30.66 43.79
CA GLY C 301 -40.59 31.40 44.94
C GLY C 301 -41.28 32.72 44.63
N LYS C 302 -40.54 33.81 44.76
CA LYS C 302 -41.11 35.15 44.62
C LYS C 302 -41.69 35.35 43.23
N SER C 303 -42.90 35.89 43.17
CA SER C 303 -43.58 36.12 41.90
C SER C 303 -43.11 37.43 41.28
N LEU C 304 -43.79 37.85 40.22
CA LEU C 304 -43.46 39.07 39.50
C LEU C 304 -44.59 40.08 39.64
N THR C 305 -44.39 41.25 39.04
CA THR C 305 -45.38 42.31 39.07
C THR C 305 -46.37 42.11 37.91
N GLU C 306 -47.38 42.99 37.83
CA GLU C 306 -48.36 42.89 36.76
C GLU C 306 -47.72 43.13 35.39
N GLU C 307 -46.86 44.16 35.29
CA GLU C 307 -46.18 44.43 34.02
C GLU C 307 -45.25 43.31 33.61
N ASP C 308 -44.52 42.71 34.56
CA ASP C 308 -43.66 41.58 34.25
C ASP C 308 -44.44 40.38 33.75
N GLN C 309 -45.60 40.10 34.36
CA GLN C 309 -46.46 39.03 33.86
C GLN C 309 -46.98 39.34 32.46
N MET C 310 -47.36 40.60 32.23
CA MET C 310 -47.85 41.03 30.92
C MET C 310 -46.76 41.02 29.84
N PHE C 311 -45.49 40.95 30.23
CA PHE C 311 -44.41 40.77 29.27
C PHE C 311 -44.06 39.31 29.06
N VAL C 312 -44.05 38.53 30.15
CA VAL C 312 -43.78 37.10 30.04
C VAL C 312 -44.86 36.42 29.20
N THR C 313 -46.13 36.73 29.47
CA THR C 313 -47.22 36.15 28.69
C THR C 313 -47.16 36.60 27.23
N ALA C 314 -46.86 37.88 26.99
CA ALA C 314 -46.75 38.38 25.62
C ALA C 314 -45.65 37.69 24.85
N ASN C 315 -44.48 37.45 25.46
CA ASN C 315 -43.42 36.70 24.82
C ASN C 315 -43.73 35.22 24.70
N LEU C 316 -44.54 34.66 25.60
CA LEU C 316 -44.93 33.27 25.54
C LEU C 316 -45.94 32.98 24.45
N ILE C 317 -46.84 33.92 24.15
CA ILE C 317 -47.74 33.75 23.02
C ILE C 317 -46.94 33.65 21.72
N ARG C 318 -45.94 34.51 21.55
CA ARG C 318 -45.02 34.38 20.45
C ARG C 318 -44.20 33.11 20.60
N GLY C 319 -43.89 32.46 19.47
CA GLY C 319 -43.17 31.21 19.47
C GLY C 319 -41.71 31.37 19.83
N GLY C 320 -40.91 30.38 19.45
CA GLY C 320 -39.49 30.39 19.71
C GLY C 320 -39.07 29.22 20.59
N VAL C 321 -37.77 29.14 20.80
CA VAL C 321 -37.16 28.11 21.64
C VAL C 321 -36.38 28.79 22.76
N PHE C 322 -36.58 28.33 23.98
CA PHE C 322 -35.94 28.90 25.17
C PHE C 322 -35.27 27.75 25.93
N GLY C 323 -33.95 27.64 25.79
CA GLY C 323 -33.22 26.60 26.47
C GLY C 323 -31.76 26.53 26.08
N GLY C 324 -30.98 25.72 26.81
CA GLY C 324 -29.57 25.58 26.54
C GLY C 324 -28.74 25.37 27.79
N LYS D 24 -36.55 -22.42 32.59
CA LYS D 24 -37.08 -21.08 32.79
C LYS D 24 -37.68 -20.54 31.49
N LEU D 25 -37.35 -21.20 30.38
CA LEU D 25 -37.86 -20.84 29.05
C LEU D 25 -37.52 -19.39 28.71
N LYS D 26 -36.22 -19.12 28.65
CA LYS D 26 -35.75 -17.79 28.30
C LYS D 26 -35.96 -17.52 26.81
N ALA D 27 -36.13 -16.24 26.48
CA ALA D 27 -36.34 -15.85 25.10
C ALA D 27 -35.08 -16.07 24.28
N PRO D 28 -35.22 -16.43 23.00
CA PRO D 28 -34.05 -16.62 22.14
C PRO D 28 -33.34 -15.30 21.89
N ALA D 29 -32.04 -15.42 21.60
CA ALA D 29 -31.22 -14.23 21.39
C ALA D 29 -31.69 -13.42 20.20
N VAL D 30 -32.21 -14.09 19.17
CA VAL D 30 -32.73 -13.44 17.97
C VAL D 30 -34.22 -13.69 17.92
N LEU D 31 -35.02 -12.64 18.08
CA LEU D 31 -36.47 -12.75 18.06
C LEU D 31 -37.05 -11.42 17.61
N ALA D 32 -37.96 -11.46 16.66
CA ALA D 32 -38.53 -10.23 16.11
C ALA D 32 -39.91 -10.52 15.52
N TYR D 33 -40.68 -9.45 15.31
CA TYR D 33 -42.02 -9.53 14.75
C TYR D 33 -42.17 -8.49 13.66
N SER D 34 -43.10 -8.73 12.74
CA SER D 34 -43.34 -7.84 11.63
C SER D 34 -44.44 -6.84 11.97
N ARG D 35 -44.60 -5.83 11.11
CA ARG D 35 -45.58 -4.78 11.30
C ARG D 35 -46.91 -5.20 10.67
N LYS D 36 -47.95 -5.27 11.48
CA LYS D 36 -49.25 -5.73 11.04
C LYS D 36 -50.20 -4.62 10.63
N ILE D 37 -49.78 -3.36 10.71
CA ILE D 37 -50.58 -2.22 10.25
C ILE D 37 -49.70 -1.45 9.27
N ASN D 38 -50.10 -1.43 8.00
CA ASN D 38 -49.27 -0.84 6.95
C ASN D 38 -49.96 0.41 6.39
N PRO D 39 -49.49 1.61 6.75
CA PRO D 39 -50.01 2.82 6.12
C PRO D 39 -49.13 3.24 4.93
N THR D 40 -49.69 4.14 4.13
CA THR D 40 -49.00 4.70 2.97
C THR D 40 -48.71 6.17 3.20
N ASN D 41 -47.95 6.76 2.28
CA ASN D 41 -47.64 8.18 2.38
C ASN D 41 -48.88 9.00 2.04
N ALA D 42 -49.29 9.86 2.96
CA ALA D 42 -50.49 10.66 2.77
C ALA D 42 -50.25 11.73 1.70
N LEU D 43 -51.28 12.00 0.90
CA LEU D 43 -51.21 13.02 -0.13
C LEU D 43 -52.19 14.15 0.19
N MET D 44 -51.73 15.38 -0.05
CA MET D 44 -52.47 16.59 0.28
C MET D 44 -52.92 17.28 -1.00
N PHE D 45 -54.18 17.71 -1.03
CA PHE D 45 -54.77 18.40 -2.16
C PHE D 45 -55.60 19.57 -1.65
N ALA D 46 -55.82 20.55 -2.52
CA ALA D 46 -56.58 21.74 -2.19
C ALA D 46 -57.88 21.74 -2.98
N VAL D 47 -59.00 21.61 -2.27
CA VAL D 47 -60.33 21.57 -2.88
C VAL D 47 -61.23 22.55 -2.13
N ASN D 48 -62.38 22.84 -2.74
CA ASN D 48 -63.40 23.68 -2.13
C ASN D 48 -64.38 22.81 -1.34
N TRP D 49 -65.12 23.47 -0.45
CA TRP D 49 -66.09 22.75 0.39
C TRP D 49 -67.22 22.16 -0.43
N SER D 50 -67.70 22.87 -1.44
CA SER D 50 -68.79 22.40 -2.29
C SER D 50 -68.32 21.89 -3.65
N ASP D 51 -67.01 21.86 -3.89
CA ASP D 51 -66.44 21.42 -5.15
C ASP D 51 -65.27 20.46 -4.91
N ARG D 52 -65.51 19.47 -4.05
CA ARG D 52 -64.46 18.54 -3.63
C ARG D 52 -64.20 17.43 -4.66
N ASP D 53 -64.64 17.59 -5.90
CA ASP D 53 -64.40 16.59 -6.94
C ASP D 53 -63.08 16.83 -7.66
N ASN D 54 -62.85 18.06 -8.13
CA ASN D 54 -61.61 18.40 -8.80
C ASN D 54 -60.56 18.79 -7.78
N THR D 55 -59.37 18.21 -7.89
CA THR D 55 -58.30 18.40 -6.93
C THR D 55 -57.09 19.04 -7.60
N THR D 56 -56.34 19.81 -6.82
CA THR D 56 -55.10 20.44 -7.27
C THR D 56 -54.00 20.16 -6.26
N ALA D 57 -52.80 19.89 -6.77
CA ALA D 57 -51.67 19.57 -5.90
C ALA D 57 -51.17 20.83 -5.18
N VAL D 58 -50.39 20.61 -4.13
CA VAL D 58 -49.83 21.68 -3.32
C VAL D 58 -48.32 21.63 -3.46
N MET D 59 -47.73 22.76 -3.85
CA MET D 59 -46.29 22.84 -4.06
C MET D 59 -45.58 23.10 -2.72
N VAL D 60 -44.25 23.10 -2.75
CA VAL D 60 -43.47 23.33 -1.54
C VAL D 60 -42.79 24.70 -1.61
N GLY D 61 -41.88 24.86 -2.57
CA GLY D 61 -41.17 26.11 -2.70
C GLY D 61 -40.13 26.30 -1.62
N THR D 62 -39.54 27.51 -1.61
CA THR D 62 -38.50 27.88 -0.65
C THR D 62 -38.50 29.39 -0.50
N LYS D 63 -38.34 29.86 0.74
CA LYS D 63 -38.31 31.29 1.02
C LYS D 63 -37.16 31.60 1.96
N THR D 64 -36.85 32.90 2.08
CA THR D 64 -35.78 33.38 2.94
C THR D 64 -36.36 34.41 3.90
N VAL D 65 -36.03 34.28 5.18
CA VAL D 65 -36.55 35.17 6.22
C VAL D 65 -35.38 35.72 7.02
N ALA D 66 -35.65 36.83 7.72
CA ALA D 66 -34.69 37.48 8.58
C ALA D 66 -35.29 37.68 9.97
N GLY D 67 -34.41 37.77 10.95
CA GLY D 67 -34.83 37.93 12.32
C GLY D 67 -33.69 38.27 13.23
N THR D 68 -34.01 38.43 14.52
CA THR D 68 -33.05 38.76 15.54
C THR D 68 -32.42 37.48 16.11
N GLN D 69 -31.46 37.66 17.00
CA GLN D 69 -30.76 36.55 17.65
C GLN D 69 -31.14 36.55 19.13
N SER D 70 -32.07 35.68 19.50
CA SER D 70 -32.52 35.53 20.88
C SER D 70 -32.08 34.14 21.34
N VAL D 71 -30.88 34.08 21.92
CA VAL D 71 -30.30 32.83 22.40
C VAL D 71 -29.96 32.98 23.87
N ARG D 72 -30.25 31.94 24.65
CA ARG D 72 -30.01 31.95 26.09
C ARG D 72 -28.51 31.85 26.35
N GLY D 73 -27.95 32.87 26.97
CA GLY D 73 -26.55 32.87 27.37
C GLY D 73 -25.67 33.87 26.63
N ASN D 74 -26.17 34.57 25.62
CA ASN D 74 -25.40 35.54 24.85
C ASN D 74 -26.14 36.86 24.78
N PRO D 75 -26.15 37.64 25.87
CA PRO D 75 -26.73 38.99 25.82
C PRO D 75 -26.03 39.94 24.86
N ASN D 76 -24.73 39.76 24.62
CA ASN D 76 -23.94 40.74 23.88
C ASN D 76 -24.35 40.88 22.42
N ASP D 77 -24.71 39.79 21.76
CA ASP D 77 -25.00 39.81 20.33
C ASP D 77 -26.50 39.91 20.04
N ALA D 78 -27.23 40.64 20.88
CA ALA D 78 -28.66 40.84 20.69
C ALA D 78 -28.98 41.87 19.60
N ASP D 79 -27.98 42.62 19.13
CA ASP D 79 -28.17 43.60 18.08
C ASP D 79 -27.77 43.08 16.71
N LYS D 80 -27.33 41.83 16.62
CA LYS D 80 -26.95 41.23 15.35
C LYS D 80 -28.16 40.63 14.65
N GLY D 81 -28.04 40.48 13.33
CA GLY D 81 -29.11 39.94 12.52
C GLY D 81 -29.01 38.42 12.38
N ASN D 82 -29.95 37.87 11.61
CA ASN D 82 -30.01 36.44 11.38
C ASN D 82 -30.78 36.20 10.09
N ILE D 83 -30.14 35.53 9.13
CA ILE D 83 -30.75 35.23 7.83
C ILE D 83 -30.90 33.71 7.73
N GLN D 84 -32.11 33.25 7.45
CA GLN D 84 -32.38 31.82 7.34
C GLN D 84 -33.18 31.54 6.08
N THR D 85 -33.03 30.33 5.56
CA THR D 85 -33.79 29.86 4.40
C THR D 85 -34.62 28.66 4.82
N VAL D 86 -35.92 28.72 4.58
CA VAL D 86 -36.86 27.69 5.02
C VAL D 86 -37.77 27.30 3.87
N ASN D 87 -38.60 26.30 4.12
CA ASN D 87 -39.62 25.85 3.19
C ASN D 87 -41.00 26.05 3.80
N PHE D 88 -41.98 26.27 2.94
CA PHE D 88 -43.34 26.55 3.39
C PHE D 88 -44.32 25.70 2.59
N ALA D 89 -45.59 25.79 2.98
CA ALA D 89 -46.67 25.08 2.29
C ALA D 89 -47.99 25.71 2.70
N ASN D 90 -48.75 26.20 1.72
CA ASN D 90 -50.01 26.85 2.00
C ASN D 90 -50.98 26.61 0.87
N LEU D 91 -52.28 26.72 1.18
CA LEU D 91 -53.31 26.50 0.18
C LEU D 91 -53.36 27.66 -0.81
N PRO D 92 -53.79 27.40 -2.04
CA PRO D 92 -54.03 28.50 -2.98
C PRO D 92 -55.14 29.40 -2.47
N HIS D 93 -55.02 30.68 -2.84
CA HIS D 93 -55.92 31.72 -2.33
C HIS D 93 -57.34 31.60 -2.85
N ASN D 94 -57.58 30.78 -3.88
CA ASN D 94 -58.92 30.54 -4.39
C ASN D 94 -59.54 29.26 -3.85
N LYS D 95 -58.84 28.53 -2.97
CA LYS D 95 -59.36 27.32 -2.37
C LYS D 95 -59.32 27.44 -0.84
N ASN D 96 -60.31 26.84 -0.19
CA ASN D 96 -60.43 26.94 1.27
C ASN D 96 -60.73 25.59 1.90
N THR D 97 -60.18 24.51 1.36
CA THR D 97 -60.38 23.19 1.94
C THR D 97 -59.16 22.33 1.67
N LEU D 98 -58.66 21.68 2.71
CA LEU D 98 -57.54 20.75 2.58
C LEU D 98 -58.05 19.32 2.64
N LEU D 99 -57.60 18.49 1.69
CA LEU D 99 -57.97 17.09 1.62
C LEU D 99 -56.71 16.24 1.77
N VAL D 100 -56.70 15.36 2.76
CA VAL D 100 -55.58 14.46 2.99
C VAL D 100 -56.08 13.04 2.77
N LYS D 101 -55.46 12.34 1.81
CA LYS D 101 -55.93 10.99 1.46
C LYS D 101 -54.79 10.00 1.59
N TYR D 102 -55.14 8.79 2.05
CA TYR D 102 -54.16 7.71 2.17
C TYR D 102 -54.90 6.38 2.26
N ASN D 103 -54.10 5.31 2.33
CA ASN D 103 -54.61 3.94 2.40
C ASN D 103 -53.93 3.21 3.55
N VAL D 104 -54.71 2.41 4.27
CA VAL D 104 -54.22 1.63 5.40
C VAL D 104 -54.55 0.17 5.14
N LYS D 105 -53.63 -0.72 5.52
CA LYS D 105 -53.82 -2.16 5.31
C LYS D 105 -53.66 -2.87 6.64
N PHE D 106 -54.63 -3.72 6.98
CA PHE D 106 -54.59 -4.55 8.18
C PHE D 106 -54.43 -6.00 7.77
N VAL D 107 -53.38 -6.65 8.27
CA VAL D 107 -53.10 -8.04 7.95
C VAL D 107 -53.13 -8.86 9.24
N GLY D 108 -53.37 -10.15 9.09
CA GLY D 108 -53.46 -11.08 10.19
C GLY D 108 -52.18 -11.84 10.44
N ASP D 109 -52.31 -13.10 10.81
CA ASP D 109 -51.19 -13.99 11.09
C ASP D 109 -50.30 -13.42 12.19
N VAL D 110 -50.94 -13.00 13.28
CA VAL D 110 -50.25 -12.48 14.45
C VAL D 110 -49.67 -13.66 15.21
N PHE D 111 -48.76 -13.39 16.15
CA PHE D 111 -48.09 -14.42 16.95
C PHE D 111 -47.29 -15.39 16.07
N LYS D 112 -46.66 -14.85 15.02
CA LYS D 112 -45.81 -15.63 14.13
C LYS D 112 -44.47 -14.93 14.01
N ALA D 113 -43.49 -15.37 14.81
CA ALA D 113 -42.17 -14.76 14.79
C ALA D 113 -41.46 -15.05 13.48
N GLU D 114 -40.75 -14.04 12.98
CA GLU D 114 -40.00 -14.20 11.73
C GLU D 114 -38.61 -14.77 11.98
N LEU D 115 -38.00 -14.45 13.12
CA LEU D 115 -36.69 -14.98 13.47
C LEU D 115 -36.78 -15.68 14.82
N GLY D 116 -36.48 -16.97 14.84
CA GLY D 116 -36.49 -17.74 16.06
C GLY D 116 -37.89 -18.06 16.54
N GLY D 117 -37.95 -18.90 17.57
CA GLY D 117 -39.20 -19.26 18.19
C GLY D 117 -39.72 -20.62 17.77
N GLY D 118 -39.45 -21.63 18.60
CA GLY D 118 -39.99 -22.96 18.38
C GLY D 118 -40.80 -23.43 19.57
N GLU D 119 -40.50 -22.88 20.73
CA GLU D 119 -41.23 -23.15 21.97
C GLU D 119 -41.70 -21.89 22.66
N TYR D 120 -40.88 -20.82 22.66
CA TYR D 120 -41.27 -19.58 23.30
C TYR D 120 -42.47 -18.94 22.63
N SER D 121 -42.46 -18.88 21.29
CA SER D 121 -43.58 -18.28 20.56
C SER D 121 -44.87 -19.06 20.74
N ASN D 122 -44.82 -20.39 20.72
CA ASN D 122 -46.01 -21.19 20.91
C ASN D 122 -46.60 -21.02 22.30
N THR D 123 -45.77 -21.03 23.34
CA THR D 123 -46.28 -20.79 24.68
C THR D 123 -46.83 -19.38 24.84
N LEU D 124 -46.18 -18.39 24.23
CA LEU D 124 -46.72 -17.03 24.27
C LEU D 124 -48.08 -16.95 23.58
N GLN D 125 -48.24 -17.64 22.45
CA GLN D 125 -49.53 -17.66 21.77
C GLN D 125 -50.60 -18.34 22.62
N THR D 126 -50.25 -19.47 23.26
CA THR D 126 -51.22 -20.16 24.10
C THR D 126 -51.63 -19.32 25.31
N ALA D 127 -50.67 -18.64 25.95
CA ALA D 127 -51.01 -17.73 27.04
C ALA D 127 -51.89 -16.59 26.56
N LEU D 128 -51.60 -16.06 25.37
CA LEU D 128 -52.40 -15.02 24.75
C LEU D 128 -53.57 -15.67 24.00
N GLU D 129 -54.20 -14.91 23.09
CA GLU D 129 -55.32 -15.22 22.21
C GLU D 129 -56.60 -15.51 22.99
N ASN D 130 -56.58 -15.50 24.32
CA ASN D 130 -57.80 -15.46 25.11
C ASN D 130 -58.27 -14.04 25.37
N THR D 131 -57.51 -13.05 24.92
CA THR D 131 -57.86 -11.65 25.11
C THR D 131 -58.94 -11.24 24.10
N ASP D 132 -59.51 -10.06 24.34
CA ASP D 132 -60.58 -9.53 23.50
C ASP D 132 -59.99 -8.53 22.52
N PHE D 133 -59.94 -8.91 21.25
CA PHE D 133 -59.47 -8.02 20.20
C PHE D 133 -60.46 -6.90 19.88
N GLY D 134 -61.68 -6.98 20.42
CA GLY D 134 -62.69 -5.99 20.09
C GLY D 134 -62.32 -4.58 20.48
N THR D 135 -61.79 -4.41 21.70
CA THR D 135 -61.40 -3.08 22.17
C THR D 135 -60.24 -2.51 21.36
N LEU D 136 -59.22 -3.33 21.07
CA LEU D 136 -58.09 -2.87 20.27
C LEU D 136 -58.55 -2.47 18.87
N ALA D 137 -59.40 -3.30 18.25
CA ALA D 137 -59.92 -2.97 16.93
C ALA D 137 -60.78 -1.71 16.94
N TYR D 138 -61.61 -1.53 17.97
CA TYR D 138 -62.44 -0.33 18.05
C TYR D 138 -61.57 0.91 18.19
N ARG D 139 -60.55 0.86 19.06
CA ARG D 139 -59.68 2.01 19.24
C ARG D 139 -58.84 2.32 18.01
N TYR D 140 -58.36 1.30 17.29
CA TYR D 140 -57.59 1.53 16.08
C TYR D 140 -58.41 2.27 15.04
N VAL D 141 -59.66 1.84 14.83
CA VAL D 141 -60.54 2.52 13.90
C VAL D 141 -60.94 3.91 14.40
N TYR D 142 -61.14 4.06 15.71
CA TYR D 142 -61.52 5.37 16.26
C TYR D 142 -60.41 6.39 16.10
N ASN D 143 -59.15 5.97 16.24
CA ASN D 143 -58.04 6.91 16.05
C ASN D 143 -58.02 7.49 14.64
N ILE D 144 -58.53 6.74 13.66
CA ILE D 144 -58.60 7.24 12.30
C ILE D 144 -59.87 8.06 12.08
N ALA D 145 -61.01 7.55 12.54
CA ALA D 145 -62.29 8.20 12.29
C ALA D 145 -62.40 9.53 13.01
N ALA D 146 -61.95 9.61 14.26
CA ALA D 146 -62.04 10.84 15.03
C ALA D 146 -61.15 11.93 14.46
N GLY D 147 -60.04 11.55 13.82
CA GLY D 147 -59.15 12.53 13.25
C GLY D 147 -57.87 12.75 14.04
N ARG D 148 -57.28 11.66 14.54
CA ARG D 148 -55.99 11.78 15.22
C ARG D 148 -54.81 11.55 14.28
N THR D 149 -55.01 10.82 13.18
CA THR D 149 -53.92 10.54 12.27
C THR D 149 -53.32 11.82 11.69
N LEU D 150 -54.15 12.80 11.35
CA LEU D 150 -53.65 14.09 10.90
C LEU D 150 -53.18 14.90 12.10
N TRP D 151 -51.96 15.41 12.00
CA TRP D 151 -51.29 16.17 13.05
C TRP D 151 -51.73 17.62 13.07
N ARG D 152 -50.86 18.50 13.61
CA ARG D 152 -51.17 19.85 14.05
C ARG D 152 -51.97 20.66 13.03
N ASN D 153 -52.05 20.20 11.77
CA ASN D 153 -52.98 20.77 10.81
C ASN D 153 -54.41 20.85 11.31
N ARG D 154 -54.74 20.14 12.41
CA ARG D 154 -56.10 20.13 12.93
C ARG D 154 -56.54 21.52 13.39
N VAL D 155 -55.65 22.25 14.05
CA VAL D 155 -56.00 23.53 14.65
C VAL D 155 -56.42 24.52 13.56
N GLY D 156 -57.39 25.37 13.90
CA GLY D 156 -57.92 26.34 12.96
C GLY D 156 -59.01 25.82 12.04
N ALA D 157 -59.48 24.59 12.24
CA ALA D 157 -60.52 24.00 11.41
C ALA D 157 -61.83 23.93 12.18
N GLU D 158 -62.89 24.47 11.57
CA GLU D 158 -64.21 24.47 12.18
C GLU D 158 -65.04 23.25 11.84
N SER D 159 -64.57 22.40 10.92
CA SER D 159 -65.31 21.21 10.52
C SER D 159 -64.34 20.24 9.87
N ILE D 160 -64.25 19.03 10.41
CA ILE D 160 -63.40 17.97 9.88
C ILE D 160 -64.29 16.79 9.54
N GLU D 161 -64.23 16.35 8.28
CA GLU D 161 -65.05 15.25 7.80
C GLU D 161 -64.15 14.09 7.39
N THR D 162 -64.44 12.90 7.89
CA THR D 162 -63.65 11.71 7.59
C THR D 162 -64.47 10.75 6.75
N VAL D 163 -63.94 10.35 5.60
CA VAL D 163 -64.58 9.41 4.70
C VAL D 163 -63.74 8.15 4.65
N ILE D 164 -64.35 7.01 4.97
CA ILE D 164 -63.67 5.72 5.00
C ILE D 164 -64.36 4.80 4.01
N THR D 165 -63.59 4.25 3.08
CA THR D 165 -64.09 3.33 2.08
C THR D 165 -63.49 1.94 2.30
N VAL D 166 -64.36 0.93 2.34
CA VAL D 166 -63.95 -0.46 2.52
C VAL D 166 -65.07 -1.36 1.99
N ASN D 167 -64.69 -2.38 1.23
CA ASN D 167 -65.62 -3.41 0.73
C ASN D 167 -66.80 -2.79 0.01
N ASP D 168 -66.55 -1.76 -0.80
CA ASP D 168 -67.57 -1.05 -1.55
C ASP D 168 -68.67 -0.52 -0.62
N GLN D 169 -68.26 0.02 0.52
CA GLN D 169 -69.19 0.57 1.49
C GLN D 169 -68.53 1.78 2.13
N THR D 170 -69.13 2.96 1.94
CA THR D 170 -68.55 4.19 2.43
C THR D 170 -69.17 4.62 3.75
N PHE D 171 -68.36 5.23 4.60
CA PHE D 171 -68.80 5.76 5.89
C PHE D 171 -68.29 7.18 6.05
N THR D 172 -69.14 8.03 6.61
CA THR D 172 -68.81 9.44 6.83
C THR D 172 -68.91 9.75 8.31
N PHE D 173 -67.89 10.43 8.83
CA PHE D 173 -67.80 10.76 10.25
C PHE D 173 -67.53 12.25 10.42
N SER D 174 -68.18 12.84 11.42
CA SER D 174 -67.91 14.20 11.86
C SER D 174 -67.69 14.22 13.37
N ASP D 175 -67.08 13.16 13.89
CA ASP D 175 -66.96 12.93 15.32
C ASP D 175 -65.95 13.89 15.93
N LEU D 176 -66.34 14.49 17.05
CA LEU D 176 -65.48 15.33 17.86
C LEU D 176 -64.91 14.48 19.01
N LEU D 177 -64.28 15.14 19.98
CA LEU D 177 -63.74 14.47 21.17
C LEU D 177 -62.70 13.42 20.78
N VAL D 178 -61.58 13.92 20.24
CA VAL D 178 -60.50 13.04 19.82
C VAL D 178 -59.98 12.21 21.00
N ASN D 179 -60.03 12.78 22.20
CA ASN D 179 -59.71 12.03 23.41
C ASN D 179 -60.96 11.43 24.02
N GLU D 180 -60.76 10.56 25.01
CA GLU D 180 -61.86 9.91 25.74
C GLU D 180 -62.77 9.13 24.79
N PHE D 181 -62.17 8.06 24.23
CA PHE D 181 -62.87 7.20 23.27
C PHE D 181 -64.24 6.81 23.78
N ASP D 182 -65.27 7.20 23.03
CA ASP D 182 -66.66 6.98 23.41
C ASP D 182 -67.29 5.92 22.52
N GLU D 183 -68.59 5.69 22.72
CA GLU D 183 -69.32 4.68 21.97
C GLU D 183 -69.89 5.27 20.69
N ASP D 184 -69.94 4.47 19.65
CA ASP D 184 -70.49 4.88 18.36
C ASP D 184 -71.05 3.66 17.65
N VAL D 185 -71.95 3.91 16.69
CA VAL D 185 -72.58 2.81 15.96
C VAL D 185 -71.86 2.49 14.65
N ASP D 186 -71.46 3.49 13.88
CA ASP D 186 -70.74 3.25 12.63
C ASP D 186 -69.32 2.74 12.85
N VAL D 187 -68.64 3.24 13.89
CA VAL D 187 -67.28 2.78 14.16
C VAL D 187 -67.28 1.32 14.58
N ALA D 188 -68.30 0.88 15.31
CA ALA D 188 -68.38 -0.50 15.76
C ALA D 188 -68.47 -1.49 14.59
N GLU D 189 -69.17 -1.11 13.52
CA GLU D 189 -69.30 -1.96 12.34
C GLU D 189 -67.97 -2.27 11.67
N ILE D 190 -67.09 -1.27 11.53
CA ILE D 190 -65.75 -1.52 11.03
C ILE D 190 -64.89 -2.18 12.09
N ALA D 191 -65.18 -1.91 13.37
CA ALA D 191 -64.41 -2.50 14.46
C ALA D 191 -64.54 -4.02 14.48
N ASP D 192 -65.76 -4.55 14.33
CA ASP D 192 -65.88 -6.00 14.34
C ASP D 192 -65.24 -6.63 13.11
N MET D 193 -65.28 -5.94 11.97
CA MET D 193 -64.61 -6.43 10.77
C MET D 193 -63.10 -6.50 10.97
N VAL D 194 -62.51 -5.47 11.59
CA VAL D 194 -61.08 -5.47 11.84
C VAL D 194 -60.71 -6.51 12.90
N ALA D 195 -61.55 -6.68 13.93
CA ALA D 195 -61.25 -7.62 14.99
C ALA D 195 -61.17 -9.06 14.51
N GLY D 196 -62.09 -9.48 13.63
CA GLY D 196 -61.99 -10.81 13.04
C GLY D 196 -60.75 -11.03 12.22
N VAL D 197 -60.33 -10.04 11.44
CA VAL D 197 -59.10 -10.14 10.67
C VAL D 197 -57.86 -10.19 11.57
N LEU D 198 -57.88 -9.48 12.70
CA LEU D 198 -56.71 -9.46 13.58
C LEU D 198 -56.41 -10.84 14.14
N SER D 199 -57.42 -11.60 14.56
CA SER D 199 -57.18 -12.92 15.14
C SER D 199 -57.22 -14.03 14.10
N GLY D 200 -56.50 -13.82 13.00
CA GLY D 200 -56.25 -14.86 12.02
C GLY D 200 -57.18 -14.82 10.83
N GLU D 201 -56.74 -14.18 9.75
CA GLU D 201 -57.48 -14.02 8.50
C GLU D 201 -56.48 -13.62 7.43
N GLY D 202 -56.99 -13.12 6.30
CA GLY D 202 -56.14 -12.57 5.27
C GLY D 202 -55.84 -11.11 5.51
N PHE D 203 -56.26 -10.22 4.62
CA PHE D 203 -55.99 -8.80 4.76
C PHE D 203 -57.24 -8.01 4.41
N VAL D 204 -57.31 -6.79 4.96
CA VAL D 204 -58.34 -5.83 4.63
C VAL D 204 -57.68 -4.48 4.39
N THR D 205 -58.37 -3.63 3.63
CA THR D 205 -57.83 -2.33 3.25
C THR D 205 -58.86 -1.25 3.53
N LEU D 206 -58.38 -0.06 3.87
CA LEU D 206 -59.21 1.10 4.17
C LEU D 206 -58.69 2.29 3.39
N LYS D 207 -59.58 2.97 2.66
CA LYS D 207 -59.23 4.20 1.95
C LYS D 207 -59.76 5.36 2.79
N VAL D 208 -58.85 6.20 3.28
CA VAL D 208 -59.19 7.24 4.24
C VAL D 208 -58.97 8.61 3.61
N GLU D 209 -59.98 9.47 3.74
CA GLU D 209 -59.89 10.85 3.29
C GLU D 209 -60.34 11.77 4.43
N HIS D 210 -59.60 12.86 4.63
CA HIS D 210 -59.90 13.85 5.63
C HIS D 210 -60.08 15.22 4.97
N TYR D 211 -61.20 15.86 5.30
CA TYR D 211 -61.56 17.17 4.77
C TYR D 211 -61.57 18.19 5.90
N MET D 212 -60.96 19.34 5.64
CA MET D 212 -60.83 20.40 6.63
C MET D 212 -61.51 21.65 6.12
N LEU D 213 -61.54 22.68 6.97
CA LEU D 213 -62.10 23.99 6.63
C LEU D 213 -61.17 25.09 7.13
N LEU D 214 -59.87 24.95 6.84
CA LEU D 214 -58.88 25.90 7.33
C LEU D 214 -59.14 27.31 6.79
N GLY D 215 -59.37 27.42 5.48
CA GLY D 215 -59.62 28.72 4.88
C GLY D 215 -58.72 29.03 3.71
N GLU D 216 -58.89 30.22 3.13
CA GLU D 216 -58.09 30.61 1.97
C GLU D 216 -56.74 31.14 2.44
N GLY D 217 -55.67 30.55 1.92
CA GLY D 217 -54.33 30.98 2.25
C GLY D 217 -53.78 30.45 3.55
N SER D 218 -54.48 29.52 4.21
CA SER D 218 -54.00 28.99 5.47
C SER D 218 -52.75 28.14 5.28
N GLU D 219 -52.01 27.95 6.36
CA GLU D 219 -50.75 27.22 6.31
C GLU D 219 -50.97 25.75 6.63
N VAL D 220 -50.28 24.89 5.89
CA VAL D 220 -50.31 23.45 6.10
C VAL D 220 -48.96 23.01 6.63
N PHE D 221 -48.97 21.98 7.48
CA PHE D 221 -47.75 21.48 8.13
C PHE D 221 -47.49 20.06 7.64
N PRO D 222 -46.65 19.90 6.62
CA PRO D 222 -46.23 18.56 6.21
C PRO D 222 -45.14 18.03 7.13
N SER D 223 -44.61 16.87 6.78
CA SER D 223 -43.62 16.21 7.60
C SER D 223 -42.22 16.74 7.31
N GLN D 224 -41.45 16.99 8.36
CA GLN D 224 -40.05 17.35 8.24
C GLN D 224 -39.18 16.10 8.23
N GLU D 225 -37.88 16.29 7.99
CA GLU D 225 -36.95 15.17 7.95
C GLU D 225 -35.58 15.63 8.42
N PHE D 226 -34.77 14.67 8.84
CA PHE D 226 -33.42 14.94 9.31
C PHE D 226 -32.51 15.20 8.12
N VAL D 227 -31.84 16.35 8.12
CA VAL D 227 -30.90 16.72 7.06
C VAL D 227 -29.65 17.29 7.70
N GLU D 228 -28.50 17.00 7.08
CA GLU D 228 -27.23 17.49 7.55
C GLU D 228 -27.07 18.96 7.15
N ASN D 229 -25.88 19.51 7.35
CA ASN D 229 -25.63 20.92 7.02
C ASN D 229 -25.80 21.14 5.53
N SER D 230 -26.58 22.16 5.17
CA SER D 230 -26.87 22.48 3.78
C SER D 230 -27.28 23.95 3.70
N LYS D 231 -27.80 24.34 2.54
CA LYS D 231 -28.23 25.71 2.34
C LYS D 231 -29.59 26.01 2.96
N LEU D 232 -30.33 24.98 3.36
CA LEU D 232 -31.66 25.14 3.92
C LEU D 232 -31.67 24.73 5.39
N SER D 233 -32.31 25.57 6.21
CA SER D 233 -32.43 25.30 7.64
C SER D 233 -33.68 24.52 7.99
N LYS D 234 -34.69 24.49 7.12
CA LYS D 234 -35.91 23.73 7.38
C LYS D 234 -36.49 23.32 6.03
N GLN D 235 -36.27 22.07 5.64
CA GLN D 235 -36.82 21.53 4.40
C GLN D 235 -37.85 20.46 4.71
N LEU D 236 -38.90 20.42 3.90
CA LEU D 236 -40.05 19.56 4.12
C LEU D 236 -40.03 18.38 3.17
N PHE D 237 -40.72 17.31 3.59
CA PHE D 237 -40.80 16.10 2.78
C PHE D 237 -41.80 16.31 1.64
N ASP D 238 -41.45 15.79 0.46
CA ASP D 238 -42.32 15.91 -0.70
C ASP D 238 -42.03 14.77 -1.67
N LEU D 239 -43.03 14.45 -2.50
CA LEU D 239 -42.90 13.43 -3.54
C LEU D 239 -43.23 14.08 -4.87
N ASN D 240 -42.24 14.14 -5.76
CA ASN D 240 -42.36 14.80 -7.06
C ASN D 240 -42.79 16.26 -6.90
N GLY D 241 -42.28 16.91 -5.85
CA GLY D 241 -42.58 18.30 -5.60
C GLY D 241 -43.90 18.57 -4.89
N GLN D 242 -44.65 17.54 -4.52
CA GLN D 242 -45.93 17.69 -3.85
C GLN D 242 -45.77 17.35 -2.37
N ALA D 243 -46.26 18.24 -1.51
CA ALA D 243 -46.13 18.04 -0.07
C ALA D 243 -46.84 16.78 0.38
N ALA D 244 -46.15 15.98 1.19
CA ALA D 244 -46.67 14.71 1.68
C ALA D 244 -46.20 14.51 3.12
N MET D 245 -46.70 13.45 3.74
CA MET D 245 -46.35 13.09 5.11
C MET D 245 -45.79 11.68 5.16
N HIS D 246 -44.83 11.47 6.04
CA HIS D 246 -44.20 10.16 6.19
C HIS D 246 -45.22 9.13 6.68
N ASP D 247 -44.99 7.89 6.28
CA ASP D 247 -45.86 6.79 6.71
C ASP D 247 -45.69 6.44 8.17
N GLN D 248 -44.47 6.56 8.72
CA GLN D 248 -44.25 6.27 10.13
C GLN D 248 -44.97 7.27 11.02
N LYS D 249 -45.04 8.55 10.61
CA LYS D 249 -45.80 9.53 11.37
C LYS D 249 -47.28 9.22 11.38
N ILE D 250 -47.83 8.78 10.24
CA ILE D 250 -49.24 8.38 10.20
C ILE D 250 -49.47 7.16 11.08
N GLY D 251 -48.56 6.18 11.03
CA GLY D 251 -48.70 4.99 11.86
C GLY D 251 -48.59 5.27 13.35
N ASN D 252 -47.76 6.23 13.75
CA ASN D 252 -47.60 6.54 15.17
C ASN D 252 -48.89 7.05 15.79
N ALA D 253 -49.62 7.90 15.08
CA ALA D 253 -50.87 8.44 15.62
C ALA D 253 -51.97 7.41 15.70
N ILE D 254 -51.88 6.32 14.94
CA ILE D 254 -52.92 5.30 14.96
C ILE D 254 -52.89 4.52 16.27
N ARG D 255 -51.69 4.19 16.77
CA ARG D 255 -51.54 3.31 17.92
C ARG D 255 -51.41 4.06 19.24
N THR D 256 -52.03 5.23 19.37
CA THR D 256 -52.04 5.97 20.63
C THR D 256 -53.22 5.51 21.47
N ILE D 257 -53.08 4.31 22.04
CA ILE D 257 -54.13 3.66 22.81
C ILE D 257 -53.66 3.17 24.17
N ASP D 258 -52.51 3.63 24.66
CA ASP D 258 -51.94 3.14 25.91
C ASP D 258 -52.55 3.93 27.07
N THR D 259 -53.72 3.48 27.52
CA THR D 259 -54.44 4.10 28.62
C THR D 259 -54.37 3.23 29.89
N TRP D 260 -53.73 2.08 29.78
CA TRP D 260 -53.81 1.03 30.79
C TRP D 260 -52.68 1.11 31.83
N TYR D 261 -52.21 2.30 32.13
CA TYR D 261 -51.26 2.50 33.22
C TYR D 261 -51.84 3.46 34.25
N GLU D 262 -51.12 3.62 35.36
CA GLU D 262 -51.72 4.10 36.61
C GLU D 262 -52.32 5.49 36.51
N ASP D 263 -51.75 6.39 35.71
CA ASP D 263 -52.16 7.79 35.72
C ASP D 263 -51.96 8.35 34.31
N ALA D 264 -51.89 9.68 34.22
CA ALA D 264 -51.48 10.37 32.99
C ALA D 264 -52.43 10.06 31.83
N THR D 265 -53.66 10.56 31.97
CA THR D 265 -54.67 10.44 30.93
C THR D 265 -54.20 11.17 29.67
N THR D 266 -55.04 11.17 28.62
CA THR D 266 -54.65 11.57 27.27
C THR D 266 -53.53 10.64 26.82
N PRO D 267 -53.86 9.39 26.47
CA PRO D 267 -52.84 8.34 26.36
C PRO D 267 -51.78 8.56 25.29
N ILE D 268 -50.80 7.64 25.26
CA ILE D 268 -49.65 7.74 24.36
C ILE D 268 -49.57 6.49 23.49
N ALA D 269 -48.56 6.42 22.64
CA ALA D 269 -48.38 5.29 21.75
C ALA D 269 -47.93 4.05 22.51
N VAL D 270 -48.13 2.89 21.91
CA VAL D 270 -47.79 1.62 22.53
C VAL D 270 -46.37 1.24 22.12
N GLU D 271 -45.42 1.43 23.04
CA GLU D 271 -44.02 1.07 22.81
C GLU D 271 -43.49 0.39 24.06
N PRO D 272 -42.52 -0.51 23.92
CA PRO D 272 -41.83 -1.04 25.12
C PRO D 272 -41.15 0.10 25.86
N TYR D 273 -41.23 0.05 27.19
CA TYR D 273 -40.87 1.20 28.03
C TYR D 273 -41.56 2.46 27.51
N GLY D 274 -42.89 2.43 27.57
CA GLY D 274 -43.70 3.44 26.92
C GLY D 274 -43.30 4.86 27.28
N SER D 275 -42.69 5.56 26.32
CA SER D 275 -42.03 6.82 26.58
C SER D 275 -42.40 7.84 25.52
N VAL D 276 -42.34 9.10 25.90
CA VAL D 276 -42.53 10.22 24.98
C VAL D 276 -41.23 11.01 24.97
N VAL D 277 -40.50 10.92 23.87
CA VAL D 277 -39.23 11.64 23.75
C VAL D 277 -39.45 13.14 23.75
N ARG D 278 -40.55 13.62 23.16
CA ARG D 278 -40.81 15.05 23.12
C ARG D 278 -40.96 15.62 24.52
N ASN D 279 -41.70 14.94 25.39
CA ASN D 279 -41.88 15.39 26.76
C ASN D 279 -40.68 15.09 27.65
N GLY D 280 -39.81 14.17 27.25
CA GLY D 280 -38.64 13.82 28.03
C GLY D 280 -38.89 12.84 29.16
N VAL D 281 -40.12 12.37 29.33
CA VAL D 281 -40.45 11.43 30.39
C VAL D 281 -40.64 10.06 29.78
N ALA D 282 -40.40 9.03 30.59
CA ALA D 282 -40.50 7.64 30.14
C ALA D 282 -41.37 6.87 31.13
N TYR D 283 -42.66 6.74 30.80
CA TYR D 283 -43.56 5.93 31.62
C TYR D 283 -43.22 4.46 31.45
N ARG D 284 -43.85 3.62 32.28
CA ARG D 284 -43.60 2.18 32.30
C ARG D 284 -42.11 1.89 32.43
N ALA D 285 -41.48 2.54 33.41
CA ALA D 285 -40.06 2.38 33.66
C ALA D 285 -39.80 1.09 34.42
N GLY D 286 -38.60 0.95 34.99
CA GLY D 286 -38.28 -0.26 35.72
C GLY D 286 -38.99 -0.36 37.06
N ASN D 287 -40.32 -0.46 37.01
CA ASN D 287 -41.13 -0.67 38.21
C ASN D 287 -42.15 -1.78 37.96
N LYS D 288 -41.67 -2.89 37.39
CA LYS D 288 -42.46 -4.12 37.22
C LYS D 288 -43.64 -3.94 36.27
N THR D 289 -43.55 -2.97 35.35
CA THR D 289 -44.52 -2.84 34.26
C THR D 289 -43.75 -2.60 32.96
N ASP D 290 -43.35 -3.70 32.32
CA ASP D 290 -42.55 -3.69 31.10
C ASP D 290 -43.07 -4.73 30.14
N LEU D 291 -42.81 -4.53 28.85
CA LEU D 291 -43.16 -5.55 27.86
C LEU D 291 -42.43 -6.85 28.13
N PHE D 292 -41.12 -6.76 28.38
CA PHE D 292 -40.31 -7.95 28.61
C PHE D 292 -40.67 -8.66 29.90
N THR D 293 -41.00 -7.92 30.96
CA THR D 293 -41.41 -8.57 32.21
C THR D 293 -42.70 -9.35 32.03
N LEU D 294 -43.72 -8.73 31.43
CA LEU D 294 -44.99 -9.42 31.21
C LEU D 294 -44.83 -10.57 30.23
N MET D 295 -43.99 -10.41 29.20
CA MET D 295 -43.78 -11.50 28.24
C MET D 295 -43.17 -12.72 28.92
N ASP D 296 -42.16 -12.51 29.77
CA ASP D 296 -41.58 -13.63 30.51
C ASP D 296 -42.56 -14.21 31.52
N GLY D 297 -43.36 -13.37 32.18
CA GLY D 297 -44.33 -13.87 33.13
C GLY D 297 -45.43 -14.70 32.50
N ALA D 298 -45.87 -14.33 31.29
CA ALA D 298 -46.96 -15.03 30.64
C ALA D 298 -46.61 -16.49 30.36
N VAL D 299 -45.39 -16.74 29.89
CA VAL D 299 -44.99 -18.10 29.55
C VAL D 299 -44.57 -18.89 30.78
N ASN D 300 -44.11 -18.23 31.84
CA ASN D 300 -43.64 -18.91 33.03
C ASN D 300 -44.72 -18.93 34.10
N GLY D 301 -45.78 -19.69 33.82
CA GLY D 301 -46.79 -19.98 34.83
C GLY D 301 -47.91 -18.96 34.96
N LYS D 302 -47.77 -18.04 35.91
CA LYS D 302 -48.86 -17.16 36.30
C LYS D 302 -49.31 -16.30 35.12
N SER D 303 -50.62 -16.15 34.97
CA SER D 303 -51.20 -15.37 33.89
C SER D 303 -51.22 -13.89 34.26
N LEU D 304 -51.94 -13.10 33.48
CA LEU D 304 -52.01 -11.66 33.63
C LEU D 304 -53.46 -11.20 33.74
N THR D 305 -53.65 -9.89 33.74
CA THR D 305 -54.97 -9.29 33.81
C THR D 305 -55.43 -8.93 32.39
N GLU D 306 -56.61 -8.31 32.28
CA GLU D 306 -57.12 -7.93 30.96
C GLU D 306 -56.33 -6.78 30.35
N GLU D 307 -56.05 -5.75 31.14
CA GLU D 307 -55.31 -4.60 30.62
C GLU D 307 -53.89 -4.95 30.21
N ASP D 308 -53.23 -5.83 30.96
CA ASP D 308 -51.90 -6.30 30.56
C ASP D 308 -51.93 -7.06 29.24
N GLN D 309 -52.95 -7.91 29.05
CA GLN D 309 -53.10 -8.59 27.76
C GLN D 309 -53.35 -7.59 26.63
N MET D 310 -54.17 -6.58 26.88
CA MET D 310 -54.39 -5.52 25.90
C MET D 310 -53.11 -4.82 25.48
N PHE D 311 -52.18 -4.61 26.42
CA PHE D 311 -50.90 -3.97 26.10
C PHE D 311 -49.96 -4.94 25.37
N VAL D 312 -49.88 -6.19 25.83
CA VAL D 312 -48.98 -7.15 25.19
C VAL D 312 -49.40 -7.42 23.75
N THR D 313 -50.70 -7.64 23.52
CA THR D 313 -51.16 -7.88 22.15
C THR D 313 -50.97 -6.66 21.27
N ALA D 314 -51.29 -5.47 21.78
CA ALA D 314 -51.11 -4.25 21.00
C ALA D 314 -49.65 -3.96 20.67
N ASN D 315 -48.73 -4.34 21.55
CA ASN D 315 -47.31 -4.16 21.29
C ASN D 315 -46.75 -5.26 20.39
N LEU D 316 -47.35 -6.46 20.39
CA LEU D 316 -47.00 -7.49 19.44
C LEU D 316 -47.51 -7.22 18.02
N ILE D 317 -48.66 -6.56 17.88
CA ILE D 317 -49.10 -6.11 16.57
C ILE D 317 -48.08 -5.16 15.97
N ARG D 318 -47.60 -4.22 16.78
CA ARG D 318 -46.45 -3.42 16.41
C ARG D 318 -45.21 -4.32 16.35
N GLY D 319 -44.26 -3.95 15.51
CA GLY D 319 -43.07 -4.76 15.31
C GLY D 319 -42.00 -4.50 16.37
N GLY D 320 -40.80 -4.96 16.09
CA GLY D 320 -39.66 -4.73 16.95
C GLY D 320 -38.88 -6.01 17.22
N VAL D 321 -37.68 -5.81 17.76
CA VAL D 321 -36.80 -6.91 18.13
C VAL D 321 -36.86 -7.08 19.64
N PHE D 322 -37.03 -8.32 20.08
CA PHE D 322 -37.16 -8.65 21.50
C PHE D 322 -36.10 -9.69 21.86
N GLY D 323 -34.91 -9.21 22.19
CA GLY D 323 -33.82 -10.10 22.54
C GLY D 323 -32.52 -9.37 22.84
N GLY D 324 -31.67 -9.97 23.67
CA GLY D 324 -30.41 -9.37 24.03
C GLY D 324 -29.49 -10.32 24.78
N LYS E 24 -14.66 -51.12 1.74
CA LYS E 24 -15.80 -50.55 2.44
C LYS E 24 -16.40 -49.40 1.63
N LEU E 25 -15.77 -49.08 0.51
CA LEU E 25 -16.22 -48.03 -0.41
C LEU E 25 -16.33 -46.68 0.31
N LYS E 26 -15.18 -46.21 0.80
CA LYS E 26 -15.12 -44.91 1.43
C LYS E 26 -15.12 -43.79 0.39
N ALA E 27 -15.73 -42.67 0.74
CA ALA E 27 -15.79 -41.54 -0.15
C ALA E 27 -14.39 -40.94 -0.34
N PRO E 28 -14.09 -40.42 -1.53
CA PRO E 28 -12.77 -39.81 -1.76
C PRO E 28 -12.61 -38.52 -0.99
N ALA E 29 -11.36 -38.08 -0.88
CA ALA E 29 -11.05 -36.87 -0.13
C ALA E 29 -11.72 -35.64 -0.76
N VAL E 30 -11.69 -35.53 -2.08
CA VAL E 30 -12.27 -34.40 -2.80
C VAL E 30 -13.38 -34.95 -3.69
N LEU E 31 -14.59 -34.45 -3.50
CA LEU E 31 -15.75 -34.87 -4.29
C LEU E 31 -16.79 -33.77 -4.25
N ALA E 32 -17.18 -33.28 -5.42
CA ALA E 32 -18.11 -32.15 -5.48
C ALA E 32 -18.98 -32.28 -6.72
N TYR E 33 -20.12 -31.59 -6.70
CA TYR E 33 -21.07 -31.59 -7.79
C TYR E 33 -21.44 -30.16 -8.15
N SER E 34 -21.77 -29.95 -9.41
CA SER E 34 -22.13 -28.63 -9.91
C SER E 34 -23.61 -28.35 -9.65
N ARG E 35 -24.07 -27.19 -10.11
CA ARG E 35 -25.43 -26.76 -9.91
C ARG E 35 -26.26 -26.99 -11.17
N LYS E 36 -27.33 -27.75 -11.04
CA LYS E 36 -28.15 -28.15 -12.19
C LYS E 36 -29.37 -27.27 -12.41
N ILE E 37 -29.63 -26.30 -11.54
CA ILE E 37 -30.74 -25.36 -11.70
C ILE E 37 -30.15 -23.96 -11.58
N ASN E 38 -30.24 -23.19 -12.66
CA ASN E 38 -29.62 -21.86 -12.71
C ASN E 38 -30.68 -20.78 -12.87
N PRO E 39 -31.06 -20.10 -11.80
CA PRO E 39 -31.91 -18.92 -11.93
C PRO E 39 -31.08 -17.66 -12.10
N THR E 40 -31.75 -16.61 -12.53
CA THR E 40 -31.13 -15.30 -12.74
C THR E 40 -31.62 -14.32 -11.68
N ASN E 41 -31.10 -13.10 -11.73
CA ASN E 41 -31.54 -12.06 -10.81
C ASN E 41 -32.85 -11.47 -11.30
N ALA E 42 -33.89 -11.57 -10.47
CA ALA E 42 -35.22 -11.09 -10.84
C ALA E 42 -35.22 -9.57 -10.95
N LEU E 43 -36.09 -9.05 -11.80
CA LEU E 43 -36.25 -7.61 -11.98
C LEU E 43 -37.68 -7.19 -11.70
N MET E 44 -37.82 -6.03 -11.07
CA MET E 44 -39.10 -5.49 -10.62
C MET E 44 -39.51 -4.30 -11.48
N PHE E 45 -40.78 -4.26 -11.85
CA PHE E 45 -41.36 -3.18 -12.63
C PHE E 45 -42.74 -2.84 -12.10
N ALA E 46 -43.20 -1.63 -12.41
CA ALA E 46 -44.51 -1.17 -11.98
C ALA E 46 -45.41 -1.00 -13.19
N VAL E 47 -46.52 -1.73 -13.22
CA VAL E 47 -47.48 -1.69 -14.32
C VAL E 47 -48.88 -1.67 -13.73
N ASN E 48 -49.87 -1.52 -14.61
CA ASN E 48 -51.27 -1.59 -14.25
C ASN E 48 -51.81 -2.99 -14.50
N TRP E 49 -52.96 -3.28 -13.88
CA TRP E 49 -53.56 -4.61 -14.02
C TRP E 49 -54.21 -4.81 -15.39
N SER E 50 -54.46 -3.73 -16.12
CA SER E 50 -55.10 -3.81 -17.43
C SER E 50 -54.26 -3.23 -18.55
N ASP E 51 -53.09 -2.66 -18.24
CA ASP E 51 -52.21 -2.05 -19.22
C ASP E 51 -50.78 -2.51 -19.00
N ARG E 52 -50.60 -3.82 -18.85
CA ARG E 52 -49.31 -4.43 -18.50
C ARG E 52 -48.33 -4.46 -19.68
N ASP E 53 -48.64 -3.80 -20.79
CA ASP E 53 -47.76 -3.79 -21.94
C ASP E 53 -46.51 -2.94 -21.70
N ASN E 54 -46.69 -1.77 -21.11
CA ASN E 54 -45.57 -0.86 -20.86
C ASN E 54 -45.14 -0.94 -19.40
N THR E 55 -43.84 -1.06 -19.17
CA THR E 55 -43.28 -1.22 -17.83
C THR E 55 -42.35 -0.06 -17.51
N THR E 56 -42.20 0.21 -16.21
CA THR E 56 -41.28 1.23 -15.73
C THR E 56 -40.47 0.66 -14.57
N ALA E 57 -39.26 1.19 -14.40
CA ALA E 57 -38.36 0.69 -13.37
C ALA E 57 -38.75 1.23 -12.00
N VAL E 58 -38.25 0.56 -10.96
CA VAL E 58 -38.48 0.94 -9.57
C VAL E 58 -37.14 1.29 -8.96
N MET E 59 -37.01 2.53 -8.49
CA MET E 59 -35.76 2.99 -7.90
C MET E 59 -35.74 2.67 -6.40
N VAL E 60 -34.65 3.04 -5.73
CA VAL E 60 -34.50 2.74 -4.31
C VAL E 60 -34.62 4.00 -3.46
N GLY E 61 -33.67 4.92 -3.63
CA GLY E 61 -33.65 6.12 -2.82
C GLY E 61 -33.15 5.85 -1.41
N THR E 62 -33.18 6.91 -0.60
CA THR E 62 -32.71 6.85 0.78
C THR E 62 -33.50 7.83 1.63
N LYS E 63 -33.87 7.41 2.83
CA LYS E 63 -34.61 8.27 3.75
C LYS E 63 -34.01 8.17 5.15
N THR E 64 -34.43 9.08 6.02
CA THR E 64 -33.96 9.14 7.40
C THR E 64 -35.15 9.09 8.33
N VAL E 65 -35.06 8.26 9.37
CA VAL E 65 -36.15 8.05 10.31
C VAL E 65 -35.65 8.35 11.72
N ALA E 66 -36.60 8.67 12.59
CA ALA E 66 -36.35 8.95 14.00
C ALA E 66 -37.28 8.10 14.86
N GLY E 67 -36.76 7.65 15.99
CA GLY E 67 -37.52 6.82 16.89
C GLY E 67 -36.92 6.76 18.26
N THR E 68 -37.42 5.86 19.08
CA THR E 68 -37.00 5.68 20.46
C THR E 68 -35.96 4.57 20.55
N GLN E 69 -35.51 4.30 21.77
CA GLN E 69 -34.53 3.26 22.06
C GLN E 69 -35.19 2.26 23.01
N SER E 70 -35.62 1.12 22.45
CA SER E 70 -36.28 0.07 23.21
C SER E 70 -35.43 -1.20 23.10
N VAL E 71 -34.47 -1.35 24.02
CA VAL E 71 -33.58 -2.49 24.06
C VAL E 71 -33.78 -3.23 25.38
N ARG E 72 -33.94 -4.54 25.30
CA ARG E 72 -34.16 -5.36 26.48
C ARG E 72 -32.92 -5.36 27.35
N GLY E 73 -33.09 -5.13 28.64
CA GLY E 73 -31.99 -5.10 29.59
C GLY E 73 -31.35 -3.74 29.78
N ASN E 74 -31.76 -2.72 29.04
CA ASN E 74 -31.21 -1.36 29.14
C ASN E 74 -32.37 -0.38 29.29
N PRO E 75 -32.96 -0.28 30.48
CA PRO E 75 -34.14 0.59 30.65
C PRO E 75 -33.82 2.03 31.05
N ASN E 76 -32.59 2.34 31.45
CA ASN E 76 -32.29 3.67 31.97
C ASN E 76 -32.06 4.70 30.88
N ASP E 77 -32.01 4.28 29.61
CA ASP E 77 -31.77 5.20 28.49
C ASP E 77 -32.94 5.19 27.50
N ALA E 78 -34.16 5.20 28.01
CA ALA E 78 -35.35 5.18 27.17
C ALA E 78 -35.89 6.57 26.85
N ASP E 79 -35.22 7.63 27.30
CA ASP E 79 -35.66 9.00 27.07
C ASP E 79 -34.86 9.69 25.97
N LYS E 80 -33.97 8.98 25.30
CA LYS E 80 -33.13 9.58 24.27
C LYS E 80 -33.66 9.24 22.88
N GLY E 81 -33.29 10.06 21.91
CA GLY E 81 -33.69 9.85 20.53
C GLY E 81 -32.85 8.79 19.83
N ASN E 82 -33.26 8.47 18.61
CA ASN E 82 -32.56 7.47 17.80
C ASN E 82 -32.76 7.81 16.34
N ILE E 83 -31.70 8.24 15.67
CA ILE E 83 -31.74 8.66 14.28
C ILE E 83 -31.08 7.58 13.43
N GLN E 84 -31.79 7.12 12.40
CA GLN E 84 -31.27 6.09 11.50
C GLN E 84 -31.50 6.51 10.06
N THR E 85 -30.65 5.99 9.17
CA THR E 85 -30.77 6.21 7.73
C THR E 85 -30.96 4.87 7.05
N VAL E 86 -32.01 4.74 6.23
CA VAL E 86 -32.37 3.48 5.62
C VAL E 86 -32.73 3.71 4.15
N ASN E 87 -32.95 2.61 3.44
CA ASN E 87 -33.39 2.61 2.06
C ASN E 87 -34.77 1.97 1.96
N PHE E 88 -35.57 2.44 1.00
CA PHE E 88 -36.91 1.94 0.82
C PHE E 88 -37.15 1.66 -0.66
N ALA E 89 -38.34 1.16 -0.97
CA ALA E 89 -38.74 0.90 -2.35
C ALA E 89 -40.24 0.67 -2.37
N ASN E 90 -40.95 1.40 -3.22
CA ASN E 90 -42.40 1.29 -3.28
C ASN E 90 -42.89 1.70 -4.67
N LEU E 91 -44.12 1.29 -4.98
CA LEU E 91 -44.70 1.61 -6.27
C LEU E 91 -45.00 3.10 -6.37
N PRO E 92 -45.07 3.63 -7.59
CA PRO E 92 -45.54 5.01 -7.76
C PRO E 92 -47.01 5.13 -7.39
N HIS E 93 -47.50 6.37 -7.43
CA HIS E 93 -48.88 6.65 -7.05
C HIS E 93 -49.85 6.61 -8.22
N ASN E 94 -49.39 6.21 -9.40
CA ASN E 94 -50.28 6.00 -10.54
C ASN E 94 -50.26 4.56 -11.03
N LYS E 95 -49.55 3.66 -10.35
CA LYS E 95 -49.46 2.26 -10.72
C LYS E 95 -49.92 1.40 -9.55
N ASN E 96 -50.58 0.29 -9.86
CA ASN E 96 -51.12 -0.59 -8.83
C ASN E 96 -50.84 -2.06 -9.11
N THR E 97 -49.70 -2.37 -9.74
CA THR E 97 -49.35 -3.75 -10.03
C THR E 97 -47.84 -3.86 -10.09
N LEU E 98 -47.29 -4.88 -9.41
CA LEU E 98 -45.86 -5.16 -9.45
C LEU E 98 -45.61 -6.37 -10.35
N LEU E 99 -44.62 -6.24 -11.23
CA LEU E 99 -44.23 -7.31 -12.15
C LEU E 99 -42.81 -7.73 -11.82
N VAL E 100 -42.64 -9.00 -11.50
CA VAL E 100 -41.32 -9.57 -11.21
C VAL E 100 -41.00 -10.60 -12.27
N LYS E 101 -39.90 -10.38 -13.00
CA LYS E 101 -39.58 -11.26 -14.12
C LYS E 101 -38.18 -11.83 -13.96
N TYR E 102 -38.02 -13.09 -14.36
CA TYR E 102 -36.73 -13.75 -14.32
C TYR E 102 -36.73 -14.96 -15.25
N ASN E 103 -35.58 -15.62 -15.31
CA ASN E 103 -35.38 -16.80 -16.17
C ASN E 103 -34.77 -17.93 -15.34
N VAL E 104 -35.14 -19.16 -15.68
CA VAL E 104 -34.62 -20.35 -15.01
C VAL E 104 -34.11 -21.31 -16.07
N LYS E 105 -32.97 -21.93 -15.83
CA LYS E 105 -32.37 -22.87 -16.76
C LYS E 105 -32.17 -24.22 -16.09
N PHE E 106 -32.67 -25.28 -16.72
CA PHE E 106 -32.47 -26.64 -16.25
C PHE E 106 -31.50 -27.34 -17.19
N VAL E 107 -30.45 -27.94 -16.63
CA VAL E 107 -29.45 -28.65 -17.42
C VAL E 107 -29.38 -30.09 -16.94
N GLY E 108 -28.95 -30.96 -17.85
CA GLY E 108 -28.90 -32.39 -17.62
C GLY E 108 -27.54 -32.86 -17.15
N ASP E 109 -27.22 -34.12 -17.46
CA ASP E 109 -25.98 -34.77 -17.07
C ASP E 109 -25.80 -34.77 -15.55
N VAL E 110 -26.79 -35.35 -14.87
CA VAL E 110 -26.76 -35.50 -13.42
C VAL E 110 -26.00 -36.80 -13.14
N PHE E 111 -25.58 -37.00 -11.89
CA PHE E 111 -24.76 -38.14 -11.48
C PHE E 111 -23.40 -38.14 -12.18
N LYS E 112 -22.86 -36.95 -12.45
CA LYS E 112 -21.55 -36.81 -13.08
C LYS E 112 -20.70 -35.90 -12.21
N ALA E 113 -19.94 -36.50 -11.30
CA ALA E 113 -19.03 -35.74 -10.45
C ALA E 113 -17.88 -35.18 -11.27
N GLU E 114 -17.61 -33.88 -11.08
CA GLU E 114 -16.59 -33.21 -11.86
C GLU E 114 -15.27 -33.10 -11.12
N LEU E 115 -15.29 -33.24 -9.79
CA LEU E 115 -14.06 -33.31 -9.00
C LEU E 115 -13.92 -34.73 -8.46
N GLY E 116 -13.16 -35.56 -9.16
CA GLY E 116 -12.94 -36.92 -8.72
C GLY E 116 -14.14 -37.80 -8.94
N GLY E 117 -13.95 -39.08 -8.64
CA GLY E 117 -15.03 -40.05 -8.75
C GLY E 117 -14.98 -40.87 -10.02
N GLY E 118 -14.42 -42.08 -9.93
CA GLY E 118 -14.39 -42.99 -11.05
C GLY E 118 -14.98 -44.34 -10.70
N GLU E 119 -15.06 -44.62 -9.41
CA GLU E 119 -15.60 -45.87 -8.89
C GLU E 119 -16.66 -45.65 -7.83
N TYR E 120 -16.49 -44.64 -6.97
CA TYR E 120 -17.54 -44.29 -6.02
C TYR E 120 -18.73 -43.64 -6.71
N SER E 121 -18.47 -42.68 -7.60
CA SER E 121 -19.55 -42.02 -8.32
C SER E 121 -20.30 -42.98 -9.25
N ASN E 122 -19.58 -43.87 -9.93
CA ASN E 122 -20.23 -44.88 -10.76
C ASN E 122 -21.12 -45.81 -9.95
N THR E 123 -20.65 -46.26 -8.79
CA THR E 123 -21.48 -47.09 -7.93
C THR E 123 -22.70 -46.33 -7.43
N LEU E 124 -22.54 -45.06 -7.07
CA LEU E 124 -23.67 -44.25 -6.65
C LEU E 124 -24.69 -44.09 -7.78
N GLN E 125 -24.22 -43.87 -9.00
CA GLN E 125 -25.13 -43.76 -10.14
C GLN E 125 -25.85 -45.09 -10.40
N THR E 126 -25.14 -46.21 -10.26
CA THR E 126 -25.77 -47.51 -10.43
C THR E 126 -26.84 -47.78 -9.39
N ALA E 127 -26.57 -47.44 -8.11
CA ALA E 127 -27.58 -47.61 -7.08
C ALA E 127 -28.78 -46.69 -7.31
N LEU E 128 -28.54 -45.46 -7.75
CA LEU E 128 -29.59 -44.52 -8.09
C LEU E 128 -29.99 -44.72 -9.55
N GLU E 129 -30.68 -43.73 -10.14
CA GLU E 129 -31.21 -43.67 -11.49
C GLU E 129 -32.49 -44.49 -11.62
N ASN E 130 -32.90 -45.24 -10.59
CA ASN E 130 -34.20 -45.88 -10.56
C ASN E 130 -35.25 -45.02 -9.89
N THR E 131 -34.88 -43.81 -9.45
CA THR E 131 -35.81 -42.92 -8.79
C THR E 131 -36.77 -42.30 -9.80
N ASP E 132 -37.81 -41.65 -9.27
CA ASP E 132 -38.85 -41.04 -10.09
C ASP E 132 -38.56 -39.55 -10.21
N PHE E 133 -38.00 -39.16 -11.35
CA PHE E 133 -37.76 -37.74 -11.63
C PHE E 133 -39.06 -36.97 -11.91
N GLY E 134 -40.15 -37.68 -12.20
CA GLY E 134 -41.39 -36.99 -12.51
C GLY E 134 -41.93 -36.17 -11.36
N THR E 135 -41.95 -36.75 -10.15
CA THR E 135 -42.41 -36.02 -8.98
C THR E 135 -41.51 -34.85 -8.63
N LEU E 136 -40.19 -35.03 -8.72
CA LEU E 136 -39.26 -33.94 -8.46
C LEU E 136 -39.48 -32.80 -9.44
N ALA E 137 -39.61 -33.11 -10.72
CA ALA E 137 -39.90 -32.09 -11.72
C ALA E 137 -41.25 -31.43 -11.49
N TYR E 138 -42.26 -32.19 -11.08
CA TYR E 138 -43.56 -31.61 -10.79
C TYR E 138 -43.47 -30.61 -9.65
N ARG E 139 -42.79 -30.98 -8.56
CA ARG E 139 -42.65 -30.07 -7.42
C ARG E 139 -41.80 -28.85 -7.75
N TYR E 140 -40.73 -29.02 -8.51
CA TYR E 140 -39.90 -27.86 -8.88
C TYR E 140 -40.70 -26.85 -9.68
N VAL E 141 -41.48 -27.33 -10.66
CA VAL E 141 -42.32 -26.44 -11.45
C VAL E 141 -43.46 -25.85 -10.63
N TYR E 142 -44.04 -26.63 -9.71
CA TYR E 142 -45.15 -26.13 -8.90
C TYR E 142 -44.70 -25.05 -7.94
N ASN E 143 -43.48 -25.14 -7.41
CA ASN E 143 -42.99 -24.09 -6.52
C ASN E 143 -42.87 -22.76 -7.25
N ILE E 144 -42.78 -22.78 -8.58
CA ILE E 144 -42.75 -21.54 -9.35
C ILE E 144 -44.16 -21.14 -9.77
N ALA E 145 -44.97 -22.10 -10.19
CA ALA E 145 -46.31 -21.80 -10.67
C ALA E 145 -47.21 -21.28 -9.55
N ALA E 146 -47.17 -21.92 -8.38
CA ALA E 146 -48.00 -21.49 -7.26
C ALA E 146 -47.56 -20.12 -6.74
N GLY E 147 -46.28 -19.79 -6.85
CA GLY E 147 -45.82 -18.49 -6.43
C GLY E 147 -45.10 -18.46 -5.10
N ARG E 148 -44.20 -19.41 -4.86
CA ARG E 148 -43.39 -19.35 -3.65
C ARG E 148 -42.03 -18.70 -3.90
N THR E 149 -41.59 -18.58 -5.15
CA THR E 149 -40.32 -17.94 -5.44
C THR E 149 -40.33 -16.48 -5.02
N LEU E 150 -41.48 -15.81 -5.12
CA LEU E 150 -41.58 -14.43 -4.68
C LEU E 150 -41.92 -14.39 -3.19
N TRP E 151 -41.11 -13.68 -2.43
CA TRP E 151 -41.14 -13.61 -0.97
C TRP E 151 -42.20 -12.63 -0.48
N ARG E 152 -42.00 -12.12 0.74
CA ARG E 152 -42.99 -11.42 1.56
C ARG E 152 -43.83 -10.41 0.78
N ASN E 153 -43.39 -9.99 -0.40
CA ASN E 153 -44.24 -9.22 -1.30
C ASN E 153 -45.57 -9.90 -1.58
N ARG E 154 -45.73 -11.18 -1.25
CA ARG E 154 -46.98 -11.89 -1.48
C ARG E 154 -48.12 -11.29 -0.65
N VAL E 155 -47.84 -10.95 0.61
CA VAL E 155 -48.88 -10.47 1.51
C VAL E 155 -49.42 -9.13 1.03
N GLY E 156 -50.70 -8.88 1.30
CA GLY E 156 -51.36 -7.67 0.87
C GLY E 156 -51.87 -7.71 -0.55
N ALA E 157 -51.74 -8.82 -1.26
CA ALA E 157 -52.19 -8.96 -2.63
C ALA E 157 -53.37 -9.91 -2.69
N GLU E 158 -54.43 -9.48 -3.37
CA GLU E 158 -55.64 -10.29 -3.49
C GLU E 158 -55.64 -11.20 -4.71
N SER E 159 -54.77 -10.96 -5.68
CA SER E 159 -54.71 -11.78 -6.88
C SER E 159 -53.27 -11.84 -7.36
N ILE E 160 -52.76 -13.06 -7.57
CA ILE E 160 -51.41 -13.29 -8.06
C ILE E 160 -51.52 -14.11 -9.35
N GLU E 161 -50.85 -13.64 -10.40
CA GLU E 161 -50.88 -14.29 -11.70
C GLU E 161 -49.46 -14.65 -12.13
N THR E 162 -49.31 -15.81 -12.76
CA THR E 162 -48.01 -16.29 -13.21
C THR E 162 -48.06 -16.60 -14.70
N VAL E 163 -47.08 -16.11 -15.44
CA VAL E 163 -46.95 -16.38 -16.87
C VAL E 163 -45.63 -17.11 -17.08
N ILE E 164 -45.70 -18.30 -17.68
CA ILE E 164 -44.53 -19.13 -17.92
C ILE E 164 -44.41 -19.37 -19.42
N THR E 165 -43.24 -19.06 -19.97
CA THR E 165 -42.97 -19.23 -21.40
C THR E 165 -41.86 -20.25 -21.58
N VAL E 166 -42.10 -21.23 -22.45
CA VAL E 166 -41.13 -22.26 -22.79
C VAL E 166 -41.50 -22.87 -24.13
N ASN E 167 -40.50 -23.04 -25.00
CA ASN E 167 -40.68 -23.66 -26.31
C ASN E 167 -41.79 -22.99 -27.12
N ASP E 168 -41.84 -21.65 -27.04
CA ASP E 168 -42.84 -20.86 -27.75
C ASP E 168 -44.25 -21.32 -27.39
N GLN E 169 -44.48 -21.57 -26.10
CA GLN E 169 -45.77 -22.04 -25.61
C GLN E 169 -46.02 -21.41 -24.25
N THR E 170 -46.97 -20.50 -24.18
CA THR E 170 -47.25 -19.75 -22.95
C THR E 170 -48.26 -20.48 -22.09
N PHE E 171 -48.12 -20.29 -20.78
CA PHE E 171 -49.05 -20.86 -19.80
C PHE E 171 -49.34 -19.80 -18.74
N THR E 172 -50.60 -19.75 -18.31
CA THR E 172 -51.07 -18.78 -17.33
C THR E 172 -51.61 -19.53 -16.12
N PHE E 173 -51.21 -19.08 -14.93
CA PHE E 173 -51.60 -19.71 -13.68
C PHE E 173 -52.14 -18.67 -12.71
N SER E 174 -53.17 -19.06 -11.96
CA SER E 174 -53.72 -18.28 -10.86
C SER E 174 -53.92 -19.19 -9.65
N ASP E 175 -52.97 -20.08 -9.41
CA ASP E 175 -53.10 -21.13 -8.42
C ASP E 175 -52.76 -20.63 -7.02
N LEU E 176 -53.61 -20.96 -6.06
CA LEU E 176 -53.40 -20.68 -4.65
C LEU E 176 -52.81 -21.93 -3.98
N LEU E 177 -52.79 -21.94 -2.65
CA LEU E 177 -52.34 -23.09 -1.87
C LEU E 177 -50.89 -23.45 -2.19
N VAL E 178 -50.00 -22.53 -1.81
CA VAL E 178 -48.57 -22.73 -2.04
C VAL E 178 -48.09 -24.01 -1.38
N ASN E 179 -48.59 -24.32 -0.18
CA ASN E 179 -48.30 -25.58 0.46
C ASN E 179 -49.28 -26.66 -0.03
N GLU E 180 -49.02 -27.90 0.37
CA GLU E 180 -49.87 -29.05 0.04
C GLU E 180 -50.03 -29.19 -1.48
N PHE E 181 -48.90 -29.54 -2.11
CA PHE E 181 -48.84 -29.72 -3.55
C PHE E 181 -49.98 -30.59 -4.05
N ASP E 182 -50.81 -30.02 -4.91
CA ASP E 182 -52.00 -30.69 -5.44
C ASP E 182 -51.79 -31.04 -6.90
N GLU E 183 -52.85 -31.56 -7.52
CA GLU E 183 -52.80 -32.00 -8.91
C GLU E 183 -53.33 -30.93 -9.84
N ASP E 184 -52.68 -30.78 -10.98
CA ASP E 184 -53.08 -29.80 -11.99
C ASP E 184 -52.76 -30.37 -13.37
N VAL E 185 -53.47 -29.86 -14.38
CA VAL E 185 -53.27 -30.34 -15.75
C VAL E 185 -52.22 -29.54 -16.51
N ASP E 186 -52.11 -28.24 -16.26
CA ASP E 186 -51.12 -27.41 -16.94
C ASP E 186 -49.71 -27.60 -16.37
N VAL E 187 -49.60 -27.88 -15.08
CA VAL E 187 -48.28 -28.07 -14.47
C VAL E 187 -47.61 -29.32 -15.02
N ALA E 188 -48.38 -30.37 -15.29
CA ALA E 188 -47.81 -31.61 -15.81
C ALA E 188 -47.17 -31.44 -17.18
N GLU E 189 -47.72 -30.56 -18.01
CA GLU E 189 -47.18 -30.32 -19.35
C GLU E 189 -45.77 -29.76 -19.33
N ILE E 190 -45.36 -29.10 -18.25
CA ILE E 190 -43.98 -28.65 -18.10
C ILE E 190 -43.19 -29.61 -17.22
N ALA E 191 -43.88 -30.28 -16.28
CA ALA E 191 -43.22 -31.24 -15.41
C ALA E 191 -42.65 -32.40 -16.19
N ASP E 192 -43.40 -32.94 -17.16
CA ASP E 192 -42.88 -34.02 -17.98
C ASP E 192 -41.74 -33.57 -18.87
N MET E 193 -41.77 -32.32 -19.34
CA MET E 193 -40.65 -31.79 -20.11
C MET E 193 -39.38 -31.70 -19.26
N VAL E 194 -39.51 -31.21 -18.02
CA VAL E 194 -38.34 -31.10 -17.16
C VAL E 194 -37.84 -32.47 -16.72
N ALA E 195 -38.74 -33.41 -16.44
CA ALA E 195 -38.35 -34.73 -16.00
C ALA E 195 -37.55 -35.48 -17.05
N GLY E 196 -37.94 -35.38 -18.33
CA GLY E 196 -37.18 -36.01 -19.38
C GLY E 196 -35.81 -35.40 -19.59
N VAL E 197 -35.64 -34.13 -19.23
CA VAL E 197 -34.33 -33.49 -19.35
C VAL E 197 -33.44 -33.78 -18.16
N LEU E 198 -34.02 -33.96 -16.97
CA LEU E 198 -33.21 -34.21 -15.78
C LEU E 198 -32.39 -35.50 -15.89
N SER E 199 -32.96 -36.56 -16.46
CA SER E 199 -32.25 -37.83 -16.55
C SER E 199 -31.48 -37.96 -17.86
N GLY E 200 -30.71 -36.92 -18.20
CA GLY E 200 -29.76 -36.98 -19.30
C GLY E 200 -30.29 -36.39 -20.58
N GLU E 201 -29.96 -35.11 -20.82
CA GLU E 201 -30.38 -34.34 -21.99
C GLU E 201 -29.52 -33.08 -22.03
N GLY E 202 -29.93 -32.12 -22.85
CA GLY E 202 -29.26 -30.83 -22.91
C GLY E 202 -29.81 -29.87 -21.89
N PHE E 203 -30.40 -28.76 -22.34
CA PHE E 203 -30.91 -27.75 -21.43
C PHE E 203 -32.28 -27.28 -21.89
N VAL E 204 -33.06 -26.78 -20.92
CA VAL E 204 -34.33 -26.13 -21.18
C VAL E 204 -34.39 -24.83 -20.39
N THR E 205 -35.19 -23.90 -20.87
CA THR E 205 -35.27 -22.57 -20.29
C THR E 205 -36.73 -22.18 -20.07
N LEU E 206 -37.03 -21.65 -18.89
CA LEU E 206 -38.34 -21.14 -18.54
C LEU E 206 -38.24 -19.65 -18.27
N LYS E 207 -39.13 -18.88 -18.89
CA LYS E 207 -39.21 -17.44 -18.65
C LYS E 207 -40.44 -17.19 -17.78
N VAL E 208 -40.22 -16.65 -16.59
CA VAL E 208 -41.25 -16.56 -15.56
C VAL E 208 -41.55 -15.09 -15.26
N GLU E 209 -42.84 -14.75 -15.26
CA GLU E 209 -43.30 -13.42 -14.88
C GLU E 209 -44.40 -13.56 -13.83
N HIS E 210 -44.33 -12.71 -12.80
CA HIS E 210 -45.30 -12.70 -11.72
C HIS E 210 -45.95 -11.33 -11.60
N TYR E 211 -47.28 -11.32 -11.49
CA TYR E 211 -48.06 -10.11 -11.32
C TYR E 211 -48.81 -10.17 -10.00
N MET E 212 -48.72 -9.08 -9.23
CA MET E 212 -49.47 -8.92 -7.99
C MET E 212 -50.40 -7.72 -8.10
N LEU E 213 -51.26 -7.58 -7.11
CA LEU E 213 -52.23 -6.49 -7.02
C LEU E 213 -52.12 -5.79 -5.67
N LEU E 214 -50.89 -5.40 -5.32
CA LEU E 214 -50.63 -4.79 -4.01
C LEU E 214 -51.45 -3.51 -3.84
N GLY E 215 -51.47 -2.67 -4.86
CA GLY E 215 -52.22 -1.42 -4.78
C GLY E 215 -51.39 -0.20 -5.11
N GLU E 216 -52.03 0.97 -5.12
CA GLU E 216 -51.35 2.21 -5.47
C GLU E 216 -50.53 2.69 -4.28
N GLY E 217 -49.22 2.81 -4.46
CA GLY E 217 -48.34 3.30 -3.43
C GLY E 217 -47.86 2.27 -2.43
N SER E 218 -48.15 0.99 -2.65
CA SER E 218 -47.74 -0.04 -1.71
C SER E 218 -46.22 -0.22 -1.74
N GLU E 219 -45.70 -0.85 -0.69
CA GLU E 219 -44.27 -1.01 -0.51
C GLU E 219 -43.83 -2.41 -0.93
N VAL E 220 -42.71 -2.47 -1.65
CA VAL E 220 -42.11 -3.73 -2.08
C VAL E 220 -40.94 -4.05 -1.17
N PHE E 221 -40.51 -5.31 -1.23
CA PHE E 221 -39.44 -5.81 -0.36
C PHE E 221 -38.37 -6.52 -1.20
N PRO E 222 -37.43 -5.77 -1.77
CA PRO E 222 -36.31 -6.38 -2.46
C PRO E 222 -35.35 -7.01 -1.45
N SER E 223 -34.29 -7.63 -1.97
CA SER E 223 -33.36 -8.36 -1.14
C SER E 223 -32.36 -7.44 -0.46
N GLN E 224 -32.17 -7.65 0.84
CA GLN E 224 -31.12 -6.96 1.57
C GLN E 224 -29.77 -7.63 1.32
N GLU E 225 -28.69 -6.91 1.60
CA GLU E 225 -27.35 -7.42 1.39
C GLU E 225 -26.52 -7.22 2.64
N PHE E 226 -25.60 -8.16 2.88
CA PHE E 226 -24.72 -8.12 4.03
C PHE E 226 -23.64 -7.07 3.80
N VAL E 227 -23.56 -6.09 4.69
CA VAL E 227 -22.56 -5.03 4.59
C VAL E 227 -21.95 -4.82 5.97
N GLU E 228 -20.73 -4.29 5.98
CA GLU E 228 -20.03 -3.97 7.22
C GLU E 228 -20.53 -2.63 7.75
N ASN E 229 -19.83 -2.07 8.73
CA ASN E 229 -20.21 -0.78 9.30
C ASN E 229 -20.17 0.30 8.23
N SER E 230 -21.23 1.10 8.15
CA SER E 230 -21.33 2.16 7.16
C SER E 230 -22.34 3.18 7.67
N LYS E 231 -22.66 4.17 6.82
CA LYS E 231 -23.59 5.21 7.21
C LYS E 231 -25.04 4.73 7.21
N LEU E 232 -25.35 3.70 6.42
CA LEU E 232 -26.72 3.22 6.27
C LEU E 232 -26.96 2.00 7.15
N SER E 233 -28.10 2.01 7.84
CA SER E 233 -28.52 0.87 8.64
C SER E 233 -29.15 -0.25 7.82
N LYS E 234 -29.63 0.06 6.63
CA LYS E 234 -30.24 -0.96 5.76
C LYS E 234 -30.19 -0.45 4.33
N GLN E 235 -29.46 -1.16 3.46
CA GLN E 235 -29.42 -0.87 2.04
C GLN E 235 -29.90 -2.08 1.25
N LEU E 236 -30.55 -1.82 0.13
CA LEU E 236 -31.17 -2.85 -0.69
C LEU E 236 -30.33 -3.12 -1.92
N PHE E 237 -30.38 -4.39 -2.37
CA PHE E 237 -29.66 -4.80 -3.56
C PHE E 237 -30.33 -4.21 -4.79
N ASP E 238 -29.52 -3.72 -5.73
CA ASP E 238 -30.05 -3.11 -6.93
C ASP E 238 -29.06 -3.29 -8.09
N LEU E 239 -29.58 -3.19 -9.30
CA LEU E 239 -28.79 -3.26 -10.53
C LEU E 239 -29.00 -1.96 -11.30
N ASN E 240 -27.97 -1.13 -11.35
CA ASN E 240 -28.04 0.19 -11.99
C ASN E 240 -29.16 1.03 -11.39
N GLY E 241 -29.33 0.94 -10.08
CA GLY E 241 -30.33 1.72 -9.36
C GLY E 241 -31.73 1.14 -9.38
N GLN E 242 -31.94 -0.02 -9.99
CA GLN E 242 -33.25 -0.65 -10.07
C GLN E 242 -33.32 -1.79 -9.07
N ALA E 243 -34.38 -1.83 -8.28
CA ALA E 243 -34.54 -2.85 -7.26
C ALA E 243 -34.60 -4.24 -7.87
N ALA E 244 -33.90 -5.19 -7.26
CA ALA E 244 -33.81 -6.55 -7.76
C ALA E 244 -33.67 -7.51 -6.58
N MET E 245 -33.64 -8.80 -6.89
CA MET E 245 -33.50 -9.85 -5.90
C MET E 245 -32.32 -10.75 -6.26
N HIS E 246 -31.63 -11.25 -5.25
CA HIS E 246 -30.52 -12.16 -5.45
C HIS E 246 -31.00 -13.46 -6.09
N ASP E 247 -30.17 -14.02 -6.97
CA ASP E 247 -30.48 -15.29 -7.60
C ASP E 247 -30.51 -16.45 -6.62
N GLN E 248 -29.66 -16.42 -5.59
CA GLN E 248 -29.67 -17.47 -4.59
C GLN E 248 -30.98 -17.49 -3.81
N LYS E 249 -31.54 -16.32 -3.50
CA LYS E 249 -32.83 -16.27 -2.82
C LYS E 249 -33.95 -16.81 -3.70
N ILE E 250 -33.93 -16.51 -5.00
CA ILE E 250 -34.92 -17.06 -5.91
C ILE E 250 -34.79 -18.58 -5.99
N GLY E 251 -33.55 -19.08 -6.08
CA GLY E 251 -33.33 -20.51 -6.18
C GLY E 251 -33.62 -21.27 -4.90
N ASN E 252 -33.52 -20.61 -3.75
CA ASN E 252 -33.82 -21.28 -2.48
C ASN E 252 -35.29 -21.68 -2.38
N ALA E 253 -36.20 -20.82 -2.81
CA ALA E 253 -37.62 -21.11 -2.72
C ALA E 253 -38.07 -22.17 -3.71
N ILE E 254 -37.31 -22.41 -4.77
CA ILE E 254 -37.69 -23.41 -5.76
C ILE E 254 -37.57 -24.82 -5.19
N ARG E 255 -36.51 -25.08 -4.42
CA ARG E 255 -36.22 -26.42 -3.92
C ARG E 255 -36.74 -26.66 -2.51
N THR E 256 -37.84 -26.01 -2.12
CA THR E 256 -38.47 -26.26 -0.83
C THR E 256 -39.49 -27.40 -0.98
N ILE E 257 -38.94 -28.60 -1.17
CA ILE E 257 -39.74 -29.80 -1.42
C ILE E 257 -39.49 -30.90 -0.41
N ASP E 258 -38.80 -30.61 0.69
CA ASP E 258 -38.41 -31.65 1.65
C ASP E 258 -39.54 -31.85 2.65
N THR E 259 -40.44 -32.78 2.32
CA THR E 259 -41.54 -33.18 3.19
C THR E 259 -41.31 -34.57 3.76
N TRP E 260 -40.21 -35.21 3.36
CA TRP E 260 -40.02 -36.64 3.50
C TRP E 260 -39.39 -37.02 4.85
N TYR E 261 -39.57 -36.19 5.87
CA TYR E 261 -39.13 -36.53 7.21
C TYR E 261 -40.35 -36.69 8.13
N GLU E 262 -40.07 -36.99 9.40
CA GLU E 262 -41.10 -37.53 10.30
C GLU E 262 -42.24 -36.54 10.57
N ASP E 263 -41.94 -35.26 10.74
CA ASP E 263 -42.92 -34.28 11.23
C ASP E 263 -42.65 -32.96 10.52
N ALA E 264 -43.18 -31.87 11.08
CA ALA E 264 -42.88 -30.51 10.63
C ALA E 264 -43.29 -30.31 9.17
N THR E 265 -44.61 -30.32 8.96
CA THR E 265 -45.19 -30.06 7.65
C THR E 265 -44.93 -28.61 7.26
N THR E 266 -45.49 -28.18 6.12
CA THR E 266 -45.08 -26.94 5.46
C THR E 266 -43.59 -27.02 5.20
N PRO E 267 -43.18 -27.79 4.18
CA PRO E 267 -41.78 -28.23 4.07
C PRO E 267 -40.75 -27.12 3.93
N ILE E 268 -39.48 -27.53 3.96
CA ILE E 268 -38.34 -26.62 3.91
C ILE E 268 -37.44 -26.99 2.74
N ALA E 269 -36.40 -26.19 2.51
CA ALA E 269 -35.47 -26.45 1.42
C ALA E 269 -34.61 -27.67 1.72
N VAL E 270 -34.11 -28.30 0.66
CA VAL E 270 -33.29 -29.50 0.80
C VAL E 270 -31.83 -29.09 1.00
N GLU E 271 -31.26 -29.51 2.12
CA GLU E 271 -29.85 -29.28 2.43
C GLU E 271 -29.33 -30.50 3.18
N PRO E 272 -28.03 -30.79 3.11
CA PRO E 272 -27.45 -31.78 4.02
C PRO E 272 -27.58 -31.30 5.45
N TYR E 273 -28.05 -32.18 6.32
CA TYR E 273 -28.51 -31.79 7.66
C TYR E 273 -29.54 -30.66 7.54
N GLY E 274 -30.67 -31.00 6.91
CA GLY E 274 -31.67 -30.02 6.55
C GLY E 274 -32.09 -29.12 7.69
N SER E 275 -31.67 -27.86 7.64
CA SER E 275 -31.80 -26.96 8.77
C SER E 275 -32.36 -25.61 8.31
N VAL E 276 -33.00 -24.92 9.26
CA VAL E 276 -33.50 -23.58 9.03
C VAL E 276 -32.76 -22.66 10.00
N VAL E 277 -31.97 -21.74 9.44
CA VAL E 277 -31.18 -20.83 10.26
C VAL E 277 -32.05 -19.87 11.05
N ARG E 278 -33.13 -19.36 10.43
CA ARG E 278 -33.99 -18.40 11.11
C ARG E 278 -34.65 -19.01 12.34
N ASN E 279 -35.14 -20.25 12.23
CA ASN E 279 -35.78 -20.92 13.35
C ASN E 279 -34.79 -21.43 14.39
N GLY E 280 -33.53 -21.59 14.02
CA GLY E 280 -32.51 -22.06 14.94
C GLY E 280 -32.46 -23.55 15.17
N VAL E 281 -33.33 -24.31 14.51
CA VAL E 281 -33.37 -25.76 14.68
C VAL E 281 -32.80 -26.40 13.42
N ALA E 282 -32.32 -27.64 13.56
CA ALA E 282 -31.71 -28.39 12.46
C ALA E 282 -32.37 -29.76 12.38
N TYR E 283 -33.34 -29.89 11.46
CA TYR E 283 -33.94 -31.19 11.21
C TYR E 283 -32.92 -32.11 10.53
N ARG E 284 -33.29 -33.38 10.41
CA ARG E 284 -32.41 -34.41 9.86
C ARG E 284 -31.07 -34.41 10.58
N ALA E 285 -31.14 -34.33 11.91
CA ALA E 285 -29.96 -34.28 12.76
C ALA E 285 -29.37 -35.67 12.92
N GLY E 286 -28.50 -35.85 13.92
CA GLY E 286 -27.86 -37.13 14.13
C GLY E 286 -28.80 -38.20 14.66
N ASN E 287 -29.78 -38.58 13.84
CA ASN E 287 -30.70 -39.66 14.15
C ASN E 287 -30.74 -40.67 13.01
N LYS E 288 -29.56 -40.96 12.46
CA LYS E 288 -29.40 -41.93 11.36
C LYS E 288 -30.19 -41.52 10.12
N THR E 289 -30.36 -40.21 9.90
CA THR E 289 -31.02 -39.69 8.70
C THR E 289 -30.22 -38.48 8.23
N ASP E 290 -29.22 -38.72 7.39
CA ASP E 290 -28.33 -37.70 6.86
C ASP E 290 -28.09 -37.99 5.38
N LEU E 291 -27.73 -36.94 4.63
CA LEU E 291 -27.33 -37.14 3.25
C LEU E 291 -26.09 -38.04 3.17
N PHE E 292 -25.10 -37.77 4.02
CA PHE E 292 -23.87 -38.55 4.00
C PHE E 292 -24.07 -39.99 4.46
N THR E 293 -24.90 -40.21 5.48
CA THR E 293 -25.19 -41.57 5.91
C THR E 293 -25.93 -42.36 4.83
N LEU E 294 -26.93 -41.73 4.20
CA LEU E 294 -27.65 -42.41 3.12
C LEU E 294 -26.75 -42.68 1.93
N MET E 295 -25.88 -41.74 1.57
CA MET E 295 -24.95 -41.98 0.46
C MET E 295 -24.01 -43.12 0.78
N ASP E 296 -23.49 -43.18 2.01
CA ASP E 296 -22.61 -44.27 2.39
C ASP E 296 -23.33 -45.61 2.38
N GLY E 297 -24.58 -45.64 2.85
CA GLY E 297 -25.33 -46.88 2.84
C GLY E 297 -25.78 -47.32 1.46
N ALA E 298 -25.93 -46.38 0.53
CA ALA E 298 -26.35 -46.74 -0.82
C ALA E 298 -25.28 -47.56 -1.53
N VAL E 299 -24.02 -47.14 -1.44
CA VAL E 299 -22.95 -47.86 -2.13
C VAL E 299 -22.54 -49.14 -1.41
N ASN E 300 -22.81 -49.24 -0.11
CA ASN E 300 -22.39 -50.40 0.68
C ASN E 300 -23.54 -51.39 0.82
N GLY E 301 -23.95 -51.95 -0.31
CA GLY E 301 -24.91 -53.03 -0.29
C GLY E 301 -26.36 -52.61 -0.33
N LYS E 302 -26.99 -52.51 0.85
CA LYS E 302 -28.43 -52.34 0.95
C LYS E 302 -28.90 -51.10 0.20
N SER E 303 -30.07 -51.20 -0.41
CA SER E 303 -30.68 -50.08 -1.14
C SER E 303 -31.50 -49.22 -0.18
N LEU E 304 -32.16 -48.20 -0.73
CA LEU E 304 -32.96 -47.27 0.04
C LEU E 304 -34.42 -47.36 -0.38
N THR E 305 -35.28 -46.69 0.37
CA THR E 305 -36.68 -46.57 0.02
C THR E 305 -36.83 -45.46 -1.02
N GLU E 306 -38.04 -45.33 -1.59
CA GLU E 306 -38.28 -44.29 -2.58
C GLU E 306 -38.13 -42.90 -1.98
N GLU E 307 -38.58 -42.72 -0.74
CA GLU E 307 -38.47 -41.41 -0.08
C GLU E 307 -37.02 -40.98 0.10
N ASP E 308 -36.14 -41.89 0.51
CA ASP E 308 -34.72 -41.56 0.64
C ASP E 308 -34.06 -41.32 -0.71
N GLN E 309 -34.45 -42.08 -1.74
CA GLN E 309 -33.91 -41.86 -3.07
C GLN E 309 -34.28 -40.49 -3.61
N MET E 310 -35.52 -40.05 -3.39
CA MET E 310 -35.93 -38.70 -3.78
C MET E 310 -35.10 -37.62 -3.09
N PHE E 311 -34.79 -37.78 -1.80
CA PHE E 311 -33.93 -36.84 -1.10
C PHE E 311 -32.50 -36.84 -1.63
N VAL E 312 -31.94 -38.03 -1.85
CA VAL E 312 -30.55 -38.11 -2.32
C VAL E 312 -30.41 -37.52 -3.72
N THR E 313 -31.34 -37.86 -4.62
CA THR E 313 -31.28 -37.30 -5.97
C THR E 313 -31.49 -35.79 -5.97
N ALA E 314 -32.44 -35.30 -5.18
CA ALA E 314 -32.67 -33.86 -5.09
C ALA E 314 -31.47 -33.13 -4.50
N ASN E 315 -30.75 -33.73 -3.55
CA ASN E 315 -29.56 -33.13 -3.00
C ASN E 315 -28.36 -33.24 -3.92
N LEU E 316 -28.34 -34.23 -4.82
CA LEU E 316 -27.34 -34.29 -5.88
C LEU E 316 -27.59 -33.28 -6.99
N ILE E 317 -28.85 -32.97 -7.30
CA ILE E 317 -29.15 -31.89 -8.21
C ILE E 317 -28.62 -30.58 -7.65
N ARG E 318 -28.84 -30.35 -6.36
CA ARG E 318 -28.16 -29.28 -5.66
C ARG E 318 -26.67 -29.57 -5.58
N GLY E 319 -25.86 -28.52 -5.53
CA GLY E 319 -24.42 -28.66 -5.52
C GLY E 319 -23.87 -29.06 -4.16
N GLY E 320 -22.66 -28.60 -3.87
CA GLY E 320 -21.99 -28.87 -2.62
C GLY E 320 -20.78 -29.77 -2.80
N VAL E 321 -19.97 -29.80 -1.74
CA VAL E 321 -18.78 -30.65 -1.68
C VAL E 321 -19.06 -31.77 -0.70
N PHE E 322 -18.84 -33.01 -1.13
CA PHE E 322 -19.18 -34.20 -0.34
C PHE E 322 -17.90 -34.99 -0.10
N GLY E 323 -17.17 -34.64 0.95
CA GLY E 323 -15.93 -35.33 1.25
C GLY E 323 -15.10 -34.65 2.32
N GLY E 324 -14.39 -35.44 3.12
CA GLY E 324 -13.55 -34.89 4.18
C GLY E 324 -13.44 -35.83 5.36
N LYS F 24 25.37 -47.48 -24.51
CA LYS F 24 23.98 -47.43 -24.05
C LYS F 24 23.34 -46.09 -24.42
N LEU F 25 24.17 -45.05 -24.51
CA LEU F 25 23.72 -43.70 -24.84
C LEU F 25 22.64 -43.22 -23.88
N LYS F 26 23.03 -43.09 -22.61
CA LYS F 26 22.11 -42.64 -21.58
C LYS F 26 21.79 -41.16 -21.76
N ALA F 27 20.63 -40.75 -21.24
CA ALA F 27 20.21 -39.38 -21.35
C ALA F 27 21.16 -38.46 -20.56
N PRO F 28 21.40 -37.25 -21.04
CA PRO F 28 22.29 -36.33 -20.33
C PRO F 28 21.67 -35.86 -19.02
N ALA F 29 22.53 -35.33 -18.15
CA ALA F 29 22.08 -34.87 -16.85
C ALA F 29 21.08 -33.71 -16.99
N VAL F 30 21.35 -32.79 -17.89
CA VAL F 30 20.48 -31.64 -18.13
C VAL F 30 20.06 -31.68 -19.60
N LEU F 31 18.74 -31.68 -19.85
CA LEU F 31 18.21 -31.70 -21.20
C LEU F 31 16.78 -31.19 -21.14
N ALA F 32 16.48 -30.18 -21.97
CA ALA F 32 15.17 -29.54 -21.93
C ALA F 32 14.76 -29.14 -23.34
N TYR F 33 13.45 -28.91 -23.50
CA TYR F 33 12.87 -28.48 -24.76
C TYR F 33 11.93 -27.30 -24.50
N SER F 34 11.71 -26.51 -25.54
CA SER F 34 10.87 -25.33 -25.43
C SER F 34 9.44 -25.65 -25.90
N ARG F 35 8.56 -24.67 -25.75
CA ARG F 35 7.16 -24.83 -26.11
C ARG F 35 6.91 -24.31 -27.51
N LYS F 36 6.25 -25.13 -28.34
CA LYS F 36 6.05 -24.81 -29.75
C LYS F 36 4.66 -24.27 -30.07
N ILE F 37 3.74 -24.27 -29.12
CA ILE F 37 2.40 -23.72 -29.33
C ILE F 37 2.19 -22.64 -28.26
N ASN F 38 1.98 -21.41 -28.70
CA ASN F 38 1.87 -20.28 -27.79
C ASN F 38 0.47 -19.66 -27.87
N PRO F 39 -0.39 -19.91 -26.90
CA PRO F 39 -1.67 -19.20 -26.83
C PRO F 39 -1.56 -17.95 -25.95
N THR F 40 -2.51 -17.06 -26.15
CA THR F 40 -2.60 -15.82 -25.38
C THR F 40 -3.80 -15.88 -24.45
N ASN F 41 -3.84 -14.96 -23.49
CA ASN F 41 -4.96 -14.89 -22.56
C ASN F 41 -6.23 -14.50 -23.31
N ALA F 42 -7.25 -15.33 -23.21
CA ALA F 42 -8.52 -15.05 -23.87
C ALA F 42 -9.27 -13.94 -23.14
N LEU F 43 -9.99 -13.14 -23.90
CA LEU F 43 -10.80 -12.06 -23.33
C LEU F 43 -12.28 -12.28 -23.65
N MET F 44 -13.12 -11.85 -22.71
CA MET F 44 -14.56 -12.06 -22.76
C MET F 44 -15.27 -10.74 -22.99
N PHE F 45 -16.24 -10.75 -23.91
CA PHE F 45 -17.04 -9.58 -24.23
C PHE F 45 -18.51 -10.00 -24.31
N ALA F 46 -19.41 -9.03 -24.14
CA ALA F 46 -20.84 -9.25 -24.24
C ALA F 46 -21.37 -8.56 -25.49
N VAL F 47 -21.90 -9.36 -26.43
CA VAL F 47 -22.43 -8.86 -27.68
C VAL F 47 -23.76 -9.58 -27.97
N ASN F 48 -24.49 -9.06 -28.95
CA ASN F 48 -25.72 -9.67 -29.40
C ASN F 48 -25.45 -10.64 -30.55
N TRP F 49 -26.43 -11.51 -30.81
CA TRP F 49 -26.29 -12.50 -31.88
C TRP F 49 -26.43 -11.87 -33.26
N SER F 50 -27.16 -10.76 -33.37
CA SER F 50 -27.36 -10.08 -34.65
C SER F 50 -26.66 -8.74 -34.72
N ASP F 51 -25.98 -8.32 -33.66
CA ASP F 51 -25.24 -7.06 -33.60
C ASP F 51 -23.86 -7.28 -33.01
N ARG F 52 -23.15 -8.29 -33.53
CA ARG F 52 -21.87 -8.71 -32.98
C ARG F 52 -20.73 -7.77 -33.34
N ASP F 53 -21.02 -6.57 -33.85
CA ASP F 53 -19.98 -5.61 -34.21
C ASP F 53 -19.44 -4.88 -32.97
N ASN F 54 -20.31 -4.21 -32.24
CA ASN F 54 -19.89 -3.45 -31.06
C ASN F 54 -19.79 -4.39 -29.86
N THR F 55 -18.71 -4.26 -29.10
CA THR F 55 -18.42 -5.14 -27.99
C THR F 55 -18.35 -4.35 -26.68
N THR F 56 -18.74 -5.01 -25.60
CA THR F 56 -18.67 -4.45 -24.25
C THR F 56 -17.95 -5.44 -23.34
N ALA F 57 -17.09 -4.91 -22.48
CA ALA F 57 -16.33 -5.73 -21.57
C ALA F 57 -17.21 -6.24 -20.43
N VAL F 58 -16.72 -7.28 -19.75
CA VAL F 58 -17.44 -7.91 -18.63
C VAL F 58 -16.60 -7.69 -17.37
N MET F 59 -17.18 -7.00 -16.40
CA MET F 59 -16.51 -6.77 -15.13
C MET F 59 -16.74 -7.95 -14.19
N VAL F 60 -16.17 -7.87 -12.98
CA VAL F 60 -16.27 -8.97 -12.04
C VAL F 60 -17.16 -8.60 -10.86
N GLY F 61 -16.74 -7.64 -10.06
CA GLY F 61 -17.48 -7.27 -8.87
C GLY F 61 -17.31 -8.29 -7.74
N THR F 62 -17.93 -7.98 -6.61
CA THR F 62 -17.84 -8.80 -5.41
C THR F 62 -19.17 -8.79 -4.68
N LYS F 63 -19.53 -9.93 -4.09
CA LYS F 63 -20.78 -10.04 -3.36
C LYS F 63 -20.57 -10.84 -2.08
N THR F 64 -21.52 -10.72 -1.16
CA THR F 64 -21.49 -11.42 0.11
C THR F 64 -22.75 -12.27 0.22
N VAL F 65 -22.58 -13.53 0.59
CA VAL F 65 -23.66 -14.50 0.65
C VAL F 65 -23.75 -15.08 2.05
N ALA F 66 -24.95 -15.57 2.39
CA ALA F 66 -25.21 -16.23 3.66
C ALA F 66 -25.82 -17.60 3.40
N GLY F 67 -25.49 -18.54 4.28
CA GLY F 67 -25.94 -19.90 4.13
C GLY F 67 -25.71 -20.70 5.39
N THR F 68 -25.79 -22.02 5.23
CA THR F 68 -25.64 -22.96 6.34
C THR F 68 -24.25 -23.59 6.30
N GLN F 69 -23.97 -24.41 7.31
CA GLN F 69 -22.71 -25.13 7.43
C GLN F 69 -23.01 -26.62 7.25
N SER F 70 -22.55 -27.19 6.14
CA SER F 70 -22.77 -28.60 5.82
C SER F 70 -21.41 -29.24 5.56
N VAL F 71 -20.78 -29.73 6.62
CA VAL F 71 -19.47 -30.37 6.55
C VAL F 71 -19.62 -31.82 7.01
N ARG F 72 -19.10 -32.73 6.20
CA ARG F 72 -19.17 -34.15 6.52
C ARG F 72 -18.34 -34.44 7.76
N GLY F 73 -18.97 -35.00 8.79
CA GLY F 73 -18.31 -35.30 10.04
C GLY F 73 -18.46 -34.24 11.11
N ASN F 74 -19.19 -33.15 10.86
CA ASN F 74 -19.41 -32.08 11.82
C ASN F 74 -20.91 -31.80 11.89
N PRO F 75 -21.68 -32.68 12.55
CA PRO F 75 -23.13 -32.47 12.62
C PRO F 75 -23.59 -31.59 13.78
N ASN F 76 -22.75 -31.35 14.78
CA ASN F 76 -23.14 -30.54 15.92
C ASN F 76 -23.35 -29.09 15.58
N ASP F 77 -22.64 -28.56 14.57
CA ASP F 77 -22.79 -27.17 14.15
C ASP F 77 -23.67 -27.03 12.92
N ALA F 78 -24.68 -27.90 12.79
CA ALA F 78 -25.59 -27.88 11.66
C ALA F 78 -26.65 -26.79 11.78
N ASP F 79 -26.84 -26.21 12.96
CA ASP F 79 -27.83 -25.16 13.18
C ASP F 79 -27.21 -23.76 13.18
N LYS F 80 -25.94 -23.64 12.84
CA LYS F 80 -25.27 -22.35 12.82
C LYS F 80 -25.34 -21.73 11.41
N GLY F 81 -25.05 -20.44 11.35
CA GLY F 81 -25.02 -19.72 10.08
C GLY F 81 -23.64 -19.77 9.44
N ASN F 82 -23.53 -19.05 8.32
CA ASN F 82 -22.28 -18.98 7.58
C ASN F 82 -22.34 -17.77 6.65
N ILE F 83 -21.30 -16.93 6.70
CA ILE F 83 -21.19 -15.75 5.85
C ILE F 83 -19.93 -15.90 5.02
N GLN F 84 -20.06 -15.71 3.70
CA GLN F 84 -18.93 -15.84 2.79
C GLN F 84 -18.91 -14.65 1.84
N THR F 85 -17.73 -14.37 1.30
CA THR F 85 -17.53 -13.32 0.31
C THR F 85 -16.95 -13.94 -0.94
N VAL F 86 -17.60 -13.71 -2.09
CA VAL F 86 -17.21 -14.34 -3.34
C VAL F 86 -17.21 -13.30 -4.46
N ASN F 87 -16.66 -13.71 -5.60
CA ASN F 87 -16.64 -12.92 -6.81
C ASN F 87 -17.49 -13.59 -7.88
N PHE F 88 -18.26 -12.80 -8.60
CA PHE F 88 -19.16 -13.31 -9.63
C PHE F 88 -18.82 -12.66 -10.96
N ALA F 89 -19.50 -13.11 -12.00
CA ALA F 89 -19.37 -12.53 -13.33
C ALA F 89 -20.53 -13.04 -14.19
N ASN F 90 -21.30 -12.12 -14.77
CA ASN F 90 -22.45 -12.52 -15.57
C ASN F 90 -22.72 -11.48 -16.63
N LEU F 91 -23.45 -11.91 -17.67
CA LEU F 91 -23.77 -11.02 -18.77
C LEU F 91 -24.83 -9.99 -18.34
N PRO F 92 -24.85 -8.82 -18.98
CA PRO F 92 -25.92 -7.86 -18.71
C PRO F 92 -27.26 -8.39 -19.20
N HIS F 93 -28.32 -7.67 -18.83
CA HIS F 93 -29.68 -8.07 -19.16
C HIS F 93 -30.11 -7.65 -20.56
N ASN F 94 -29.27 -6.92 -21.30
CA ASN F 94 -29.57 -6.53 -22.66
C ASN F 94 -28.64 -7.17 -23.69
N LYS F 95 -27.71 -8.01 -23.26
CA LYS F 95 -26.81 -8.74 -24.15
C LYS F 95 -26.97 -10.23 -23.92
N ASN F 96 -27.04 -10.99 -25.03
CA ASN F 96 -27.31 -12.41 -24.93
C ASN F 96 -26.28 -13.24 -25.70
N THR F 97 -25.03 -12.81 -25.72
CA THR F 97 -23.99 -13.56 -26.41
C THR F 97 -22.64 -13.27 -25.78
N LEU F 98 -21.91 -14.32 -25.44
CA LEU F 98 -20.56 -14.20 -24.92
C LEU F 98 -19.55 -14.45 -26.02
N LEU F 99 -18.66 -13.48 -26.23
CA LEU F 99 -17.61 -13.58 -27.24
C LEU F 99 -16.27 -13.76 -26.54
N VAL F 100 -15.61 -14.87 -26.83
CA VAL F 100 -14.29 -15.18 -26.26
C VAL F 100 -13.27 -15.13 -27.39
N LYS F 101 -12.27 -14.27 -27.26
CA LYS F 101 -11.31 -14.07 -28.34
C LYS F 101 -9.90 -14.28 -27.84
N TYR F 102 -9.05 -14.84 -28.70
CA TYR F 102 -7.64 -15.04 -28.38
C TYR F 102 -6.86 -15.30 -29.67
N ASN F 103 -5.54 -15.38 -29.52
CA ASN F 103 -4.62 -15.65 -30.62
C ASN F 103 -3.77 -16.88 -30.27
N VAL F 104 -3.40 -17.64 -31.29
CA VAL F 104 -2.55 -18.82 -31.14
C VAL F 104 -1.42 -18.71 -32.15
N LYS F 105 -0.21 -19.09 -31.73
CA LYS F 105 0.96 -19.01 -32.60
C LYS F 105 1.65 -20.37 -32.63
N PHE F 106 1.88 -20.88 -33.83
CA PHE F 106 2.59 -22.14 -34.04
C PHE F 106 3.98 -21.83 -34.59
N VAL F 107 5.00 -22.43 -34.01
CA VAL F 107 6.37 -22.25 -34.46
C VAL F 107 6.98 -23.63 -34.74
N GLY F 108 7.98 -23.65 -35.60
CA GLY F 108 8.63 -24.86 -36.05
C GLY F 108 9.92 -25.13 -35.31
N ASP F 109 10.85 -25.77 -36.01
CA ASP F 109 12.17 -26.11 -35.47
C ASP F 109 12.05 -27.03 -34.26
N VAL F 110 11.32 -28.13 -34.43
CA VAL F 110 11.18 -29.15 -33.41
C VAL F 110 12.41 -30.04 -33.44
N PHE F 111 12.55 -30.91 -32.44
CA PHE F 111 13.71 -31.78 -32.27
C PHE F 111 14.99 -30.98 -32.08
N LYS F 112 14.89 -29.78 -31.53
CA LYS F 112 16.03 -28.93 -31.24
C LYS F 112 16.08 -28.70 -29.74
N ALA F 113 17.04 -29.35 -29.07
CA ALA F 113 17.16 -29.23 -27.62
C ALA F 113 17.66 -27.86 -27.22
N GLU F 114 17.00 -27.27 -26.22
CA GLU F 114 17.42 -25.98 -25.71
C GLU F 114 18.66 -26.09 -24.82
N LEU F 115 18.77 -27.16 -24.03
CA LEU F 115 19.90 -27.35 -23.14
C LEU F 115 20.53 -28.70 -23.42
N GLY F 116 21.81 -28.71 -23.75
CA GLY F 116 22.53 -29.93 -24.01
C GLY F 116 22.08 -30.62 -25.28
N GLY F 117 22.67 -31.79 -25.52
CA GLY F 117 22.28 -32.60 -26.65
C GLY F 117 23.21 -32.46 -27.85
N GLY F 118 24.12 -33.41 -28.00
CA GLY F 118 24.98 -33.44 -29.17
C GLY F 118 24.86 -34.74 -29.93
N GLU F 119 24.46 -35.79 -29.23
CA GLU F 119 24.24 -37.10 -29.83
C GLU F 119 22.89 -37.70 -29.45
N TYR F 120 22.43 -37.50 -28.22
CA TYR F 120 21.14 -38.02 -27.80
C TYR F 120 19.99 -37.36 -28.57
N SER F 121 19.99 -36.03 -28.64
CA SER F 121 18.97 -35.33 -29.39
C SER F 121 19.02 -35.65 -30.88
N ASN F 122 20.22 -35.73 -31.46
CA ASN F 122 20.34 -36.08 -32.86
C ASN F 122 19.87 -37.50 -33.15
N THR F 123 20.21 -38.46 -32.28
CA THR F 123 19.73 -39.82 -32.45
C THR F 123 18.21 -39.88 -32.32
N LEU F 124 17.63 -39.15 -31.37
CA LEU F 124 16.18 -39.12 -31.24
C LEU F 124 15.53 -38.51 -32.48
N GLN F 125 16.10 -37.44 -33.01
CA GLN F 125 15.56 -36.84 -34.23
C GLN F 125 15.64 -37.79 -35.41
N THR F 126 16.76 -38.52 -35.53
CA THR F 126 16.90 -39.51 -36.60
C THR F 126 15.86 -40.63 -36.46
N ALA F 127 15.65 -41.13 -35.23
CA ALA F 127 14.62 -42.13 -35.03
C ALA F 127 13.23 -41.57 -35.26
N LEU F 128 13.03 -40.30 -34.97
CA LEU F 128 11.74 -39.63 -35.19
C LEU F 128 11.75 -39.01 -36.59
N GLU F 129 10.82 -38.08 -36.84
CA GLU F 129 10.55 -37.31 -38.05
C GLU F 129 10.12 -38.19 -39.22
N ASN F 130 10.03 -39.51 -39.03
CA ASN F 130 9.41 -40.39 -40.02
C ASN F 130 7.91 -40.52 -39.79
N THR F 131 7.41 -40.01 -38.67
CA THR F 131 5.99 -40.12 -38.34
C THR F 131 5.18 -39.14 -39.18
N ASP F 132 3.86 -39.24 -39.02
CA ASP F 132 2.92 -38.40 -39.77
C ASP F 132 2.46 -37.25 -38.88
N PHE F 133 2.89 -36.03 -39.23
CA PHE F 133 2.43 -34.83 -38.54
C PHE F 133 1.03 -34.43 -38.94
N GLY F 134 0.46 -35.04 -39.99
CA GLY F 134 -0.85 -34.65 -40.46
C GLY F 134 -1.94 -34.86 -39.43
N THR F 135 -1.94 -36.01 -38.75
CA THR F 135 -2.95 -36.29 -37.74
C THR F 135 -2.84 -35.35 -36.55
N LEU F 136 -1.62 -35.09 -36.07
CA LEU F 136 -1.44 -34.17 -34.95
C LEU F 136 -1.89 -32.76 -35.32
N ALA F 137 -1.52 -32.30 -36.52
CA ALA F 137 -1.96 -30.99 -36.98
C ALA F 137 -3.47 -30.93 -37.15
N TYR F 138 -4.09 -32.01 -37.64
CA TYR F 138 -5.54 -32.02 -37.78
C TYR F 138 -6.23 -31.93 -36.43
N ARG F 139 -5.76 -32.72 -35.45
CA ARG F 139 -6.38 -32.70 -34.13
C ARG F 139 -6.15 -31.39 -33.38
N TYR F 140 -4.97 -30.77 -33.53
CA TYR F 140 -4.74 -29.49 -32.87
C TYR F 140 -5.70 -28.42 -33.38
N VAL F 141 -5.91 -28.36 -34.71
CA VAL F 141 -6.85 -27.42 -35.27
C VAL F 141 -8.29 -27.78 -34.92
N TYR F 142 -8.61 -29.08 -34.87
CA TYR F 142 -9.97 -29.50 -34.54
C TYR F 142 -10.34 -29.14 -33.11
N ASN F 143 -9.40 -29.25 -32.17
CA ASN F 143 -9.69 -28.90 -30.78
C ASN F 143 -10.03 -27.43 -30.62
N ILE F 144 -9.58 -26.59 -31.56
CA ILE F 144 -9.91 -25.16 -31.50
C ILE F 144 -11.18 -24.87 -32.30
N ALA F 145 -11.37 -25.57 -33.42
CA ALA F 145 -12.53 -25.32 -34.27
C ALA F 145 -13.81 -25.84 -33.63
N ALA F 146 -13.78 -27.06 -33.08
CA ALA F 146 -14.97 -27.62 -32.45
C ALA F 146 -15.36 -26.83 -31.20
N GLY F 147 -14.38 -26.30 -30.48
CA GLY F 147 -14.68 -25.50 -29.30
C GLY F 147 -14.44 -26.23 -27.98
N ARG F 148 -13.33 -26.95 -27.88
CA ARG F 148 -12.95 -27.51 -26.59
C ARG F 148 -12.09 -26.56 -25.78
N THR F 149 -11.52 -25.53 -26.41
CA THR F 149 -10.70 -24.57 -25.68
C THR F 149 -11.51 -23.82 -24.63
N LEU F 150 -12.74 -23.44 -24.95
CA LEU F 150 -13.61 -22.81 -23.97
C LEU F 150 -14.23 -23.89 -23.09
N TRP F 151 -14.05 -23.73 -21.78
CA TRP F 151 -14.48 -24.66 -20.74
C TRP F 151 -15.94 -24.47 -20.41
N ARG F 152 -16.33 -24.84 -19.18
CA ARG F 152 -17.71 -25.07 -18.75
C ARG F 152 -18.70 -24.02 -19.24
N ASN F 153 -18.21 -22.87 -19.73
CA ASN F 153 -19.06 -21.93 -20.45
C ASN F 153 -19.81 -22.56 -21.61
N ARG F 154 -19.46 -23.78 -22.03
CA ARG F 154 -20.13 -24.43 -23.14
C ARG F 154 -21.57 -24.78 -22.80
N VAL F 155 -21.82 -25.30 -21.60
CA VAL F 155 -23.14 -25.79 -21.22
C VAL F 155 -24.11 -24.62 -21.15
N GLY F 156 -25.39 -24.91 -21.40
CA GLY F 156 -26.41 -23.89 -21.42
C GLY F 156 -26.50 -23.10 -22.72
N ALA F 157 -25.73 -23.47 -23.74
CA ALA F 157 -25.72 -22.78 -25.01
C ALA F 157 -26.27 -23.69 -26.11
N GLU F 158 -27.14 -23.13 -26.94
CA GLU F 158 -27.75 -23.89 -28.03
C GLU F 158 -27.04 -23.70 -29.36
N SER F 159 -26.21 -22.68 -29.50
CA SER F 159 -25.50 -22.43 -30.75
C SER F 159 -24.15 -21.82 -30.43
N ILE F 160 -23.08 -22.46 -30.90
CA ILE F 160 -21.72 -21.98 -30.73
C ILE F 160 -21.12 -21.79 -32.12
N GLU F 161 -20.55 -20.61 -32.37
CA GLU F 161 -19.99 -20.28 -33.67
C GLU F 161 -18.52 -19.90 -33.51
N THR F 162 -17.65 -20.47 -34.32
CA THR F 162 -16.22 -20.23 -34.24
C THR F 162 -15.76 -19.54 -35.51
N VAL F 163 -14.97 -18.48 -35.36
CA VAL F 163 -14.38 -17.75 -36.48
C VAL F 163 -12.87 -17.83 -36.34
N ILE F 164 -12.21 -18.31 -37.39
CA ILE F 164 -10.76 -18.48 -37.39
C ILE F 164 -10.17 -17.69 -38.56
N THR F 165 -9.18 -16.86 -38.28
CA THR F 165 -8.51 -16.05 -39.28
C THR F 165 -7.03 -16.44 -39.35
N VAL F 166 -6.55 -16.73 -40.55
CA VAL F 166 -5.16 -17.09 -40.77
C VAL F 166 -4.79 -16.74 -42.22
N ASN F 167 -3.65 -16.06 -42.38
CA ASN F 167 -3.11 -15.70 -43.70
C ASN F 167 -4.14 -14.96 -44.55
N ASP F 168 -4.89 -14.06 -43.92
CA ASP F 168 -5.94 -13.28 -44.58
C ASP F 168 -6.94 -14.22 -45.27
N GLN F 169 -7.55 -15.10 -44.47
CA GLN F 169 -8.55 -16.04 -44.99
C GLN F 169 -9.43 -16.46 -43.82
N THR F 170 -10.68 -16.00 -43.83
CA THR F 170 -11.61 -16.25 -42.73
C THR F 170 -12.36 -17.56 -42.93
N PHE F 171 -12.52 -18.30 -41.84
CA PHE F 171 -13.28 -19.55 -41.84
C PHE F 171 -14.27 -19.52 -40.69
N THR F 172 -15.45 -20.11 -40.94
CA THR F 172 -16.52 -20.16 -39.96
C THR F 172 -16.90 -21.61 -39.70
N PHE F 173 -17.10 -21.95 -38.43
CA PHE F 173 -17.40 -23.32 -38.02
C PHE F 173 -18.57 -23.31 -37.05
N SER F 174 -19.40 -24.35 -37.15
CA SER F 174 -20.47 -24.65 -36.20
C SER F 174 -20.43 -26.12 -35.84
N ASP F 175 -19.24 -26.69 -35.79
CA ASP F 175 -19.04 -28.12 -35.64
C ASP F 175 -19.37 -28.56 -34.21
N LEU F 176 -20.14 -29.65 -34.11
CA LEU F 176 -20.47 -30.27 -32.85
C LEU F 176 -19.61 -31.53 -32.68
N LEU F 177 -19.89 -32.31 -31.63
CA LEU F 177 -19.23 -33.59 -31.38
C LEU F 177 -17.72 -33.39 -31.22
N VAL F 178 -17.37 -32.69 -30.13
CA VAL F 178 -15.96 -32.39 -29.87
C VAL F 178 -15.16 -33.68 -29.65
N ASN F 179 -15.81 -34.72 -29.14
CA ASN F 179 -15.16 -36.02 -29.05
C ASN F 179 -15.30 -36.76 -30.39
N GLU F 180 -14.50 -37.81 -30.54
CA GLU F 180 -14.52 -38.67 -31.74
C GLU F 180 -14.27 -37.83 -33.00
N PHE F 181 -13.04 -37.33 -33.08
CA PHE F 181 -12.61 -36.47 -34.19
C PHE F 181 -13.02 -37.05 -35.53
N ASP F 182 -13.87 -36.33 -36.25
CA ASP F 182 -14.41 -36.77 -37.52
C ASP F 182 -13.78 -35.96 -38.66
N GLU F 183 -14.14 -36.34 -39.89
CA GLU F 183 -13.58 -35.71 -41.08
C GLU F 183 -14.32 -34.42 -41.41
N ASP F 184 -13.56 -33.42 -41.84
CA ASP F 184 -14.12 -32.14 -42.24
C ASP F 184 -13.26 -31.55 -43.34
N VAL F 185 -13.85 -30.66 -44.15
CA VAL F 185 -13.15 -30.08 -45.29
C VAL F 185 -12.38 -28.82 -44.92
N ASP F 186 -13.02 -27.86 -44.24
CA ASP F 186 -12.35 -26.62 -43.87
C ASP F 186 -11.24 -26.83 -42.85
N VAL F 187 -11.38 -27.84 -41.98
CA VAL F 187 -10.32 -28.13 -41.01
C VAL F 187 -9.06 -28.63 -41.70
N ALA F 188 -9.22 -29.41 -42.78
CA ALA F 188 -8.07 -29.99 -43.47
C ALA F 188 -7.16 -28.95 -44.10
N GLU F 189 -7.71 -27.89 -44.68
CA GLU F 189 -6.92 -26.87 -45.36
C GLU F 189 -6.22 -25.92 -44.40
N ILE F 190 -6.49 -26.03 -43.10
CA ILE F 190 -5.67 -25.36 -42.10
C ILE F 190 -4.71 -26.35 -41.44
N ALA F 191 -5.15 -27.60 -41.30
CA ALA F 191 -4.30 -28.64 -40.75
C ALA F 191 -3.08 -28.89 -41.62
N ASP F 192 -3.25 -28.90 -42.95
CA ASP F 192 -2.10 -29.05 -43.83
C ASP F 192 -1.13 -27.88 -43.72
N MET F 193 -1.65 -26.65 -43.56
CA MET F 193 -0.78 -25.50 -43.34
C MET F 193 0.00 -25.62 -42.03
N VAL F 194 -0.65 -26.08 -40.96
CA VAL F 194 0.04 -26.23 -39.69
C VAL F 194 1.07 -27.35 -39.75
N ALA F 195 0.75 -28.45 -40.45
CA ALA F 195 1.66 -29.58 -40.54
C ALA F 195 2.98 -29.23 -41.22
N GLY F 196 2.94 -28.43 -42.29
CA GLY F 196 4.17 -27.98 -42.91
C GLY F 196 5.03 -27.13 -42.01
N VAL F 197 4.43 -26.22 -41.25
CA VAL F 197 5.18 -25.42 -40.29
C VAL F 197 5.76 -26.27 -39.17
N LEU F 198 5.06 -27.32 -38.74
CA LEU F 198 5.55 -28.15 -37.65
C LEU F 198 6.88 -28.81 -37.99
N SER F 199 7.02 -29.36 -39.20
CA SER F 199 8.25 -30.06 -39.57
C SER F 199 9.25 -29.13 -40.26
N GLY F 200 9.49 -27.97 -39.65
CA GLY F 200 10.58 -27.10 -40.04
C GLY F 200 10.17 -25.98 -40.97
N GLU F 201 9.89 -24.81 -40.40
CA GLU F 201 9.47 -23.59 -41.10
C GLU F 201 9.66 -22.43 -40.14
N GLY F 202 9.02 -21.31 -40.45
CA GLY F 202 9.01 -20.18 -39.55
C GLY F 202 7.86 -20.27 -38.58
N PHE F 203 6.92 -19.33 -38.63
CA PHE F 203 5.79 -19.33 -37.72
C PHE F 203 4.50 -19.03 -38.47
N VAL F 204 3.39 -19.48 -37.89
CA VAL F 204 2.05 -19.17 -38.38
C VAL F 204 1.22 -18.69 -37.20
N THR F 205 0.21 -17.87 -37.50
CA THR F 205 -0.62 -17.25 -36.48
C THR F 205 -2.09 -17.42 -36.82
N LEU F 206 -2.88 -17.80 -35.83
CA LEU F 206 -4.32 -17.95 -35.96
C LEU F 206 -5.02 -17.02 -34.98
N LYS F 207 -6.10 -16.38 -35.41
CA LYS F 207 -6.93 -15.56 -34.55
C LYS F 207 -8.27 -16.28 -34.40
N VAL F 208 -8.65 -16.56 -33.14
CA VAL F 208 -9.81 -17.38 -32.85
C VAL F 208 -10.83 -16.56 -32.07
N GLU F 209 -12.08 -16.60 -32.51
CA GLU F 209 -13.19 -15.97 -31.82
C GLU F 209 -14.33 -16.97 -31.67
N HIS F 210 -14.98 -16.95 -30.50
CA HIS F 210 -16.09 -17.84 -30.20
C HIS F 210 -17.30 -17.02 -29.77
N TYR F 211 -18.45 -17.35 -30.36
CA TYR F 211 -19.73 -16.73 -30.03
C TYR F 211 -20.68 -17.78 -29.48
N MET F 212 -21.42 -17.40 -28.45
CA MET F 212 -22.32 -18.30 -27.74
C MET F 212 -23.71 -17.70 -27.66
N LEU F 213 -24.68 -18.53 -27.27
CA LEU F 213 -26.07 -18.11 -27.12
C LEU F 213 -26.58 -18.51 -25.73
N LEU F 214 -25.81 -18.15 -24.70
CA LEU F 214 -26.20 -18.49 -23.33
C LEU F 214 -27.53 -17.84 -22.96
N GLY F 215 -27.70 -16.57 -23.30
CA GLY F 215 -28.93 -15.87 -22.98
C GLY F 215 -28.68 -14.54 -22.29
N GLU F 216 -29.76 -13.87 -21.89
CA GLU F 216 -29.65 -12.58 -21.21
C GLU F 216 -29.53 -12.80 -19.71
N GLY F 217 -28.49 -12.22 -19.12
CA GLY F 217 -28.26 -12.34 -17.69
C GLY F 217 -27.61 -13.63 -17.24
N SER F 218 -27.13 -14.45 -18.17
CA SER F 218 -26.51 -15.71 -17.81
C SER F 218 -25.15 -15.48 -17.16
N GLU F 219 -24.71 -16.48 -16.40
CA GLU F 219 -23.45 -16.41 -15.66
C GLU F 219 -22.32 -16.98 -16.49
N VAL F 220 -21.18 -16.29 -16.45
CA VAL F 220 -19.96 -16.76 -17.12
C VAL F 220 -18.99 -17.24 -16.06
N PHE F 221 -17.99 -18.01 -16.51
CA PHE F 221 -17.04 -18.66 -15.62
C PHE F 221 -15.62 -18.35 -16.05
N PRO F 222 -15.08 -17.21 -15.64
CA PRO F 222 -13.66 -16.92 -15.87
C PRO F 222 -12.79 -17.80 -14.99
N SER F 223 -11.51 -17.88 -15.34
CA SER F 223 -10.58 -18.74 -14.64
C SER F 223 -10.35 -18.24 -13.22
N GLN F 224 -10.28 -19.19 -12.27
CA GLN F 224 -9.93 -18.88 -10.89
C GLN F 224 -8.42 -18.81 -10.74
N GLU F 225 -7.97 -18.29 -9.60
CA GLU F 225 -6.55 -18.15 -9.33
C GLU F 225 -6.23 -18.66 -7.93
N PHE F 226 -4.99 -19.09 -7.74
CA PHE F 226 -4.53 -19.56 -6.44
C PHE F 226 -4.22 -18.38 -5.55
N VAL F 227 -4.69 -18.42 -4.31
CA VAL F 227 -4.49 -17.35 -3.35
C VAL F 227 -4.40 -17.94 -1.95
N GLU F 228 -3.58 -17.31 -1.11
CA GLU F 228 -3.45 -17.71 0.28
C GLU F 228 -4.62 -17.15 1.09
N ASN F 229 -4.51 -17.18 2.41
CA ASN F 229 -5.57 -16.68 3.27
C ASN F 229 -5.83 -15.20 2.98
N SER F 230 -7.10 -14.86 2.78
CA SER F 230 -7.50 -13.50 2.45
C SER F 230 -8.97 -13.34 2.79
N LYS F 231 -9.49 -12.12 2.62
CA LYS F 231 -10.89 -11.85 2.90
C LYS F 231 -11.84 -12.64 2.02
N LEU F 232 -11.56 -12.73 0.72
CA LEU F 232 -12.42 -13.39 -0.24
C LEU F 232 -12.19 -14.90 -0.22
N SER F 233 -13.27 -15.64 -0.44
CA SER F 233 -13.20 -17.09 -0.54
C SER F 233 -13.04 -17.59 -1.96
N LYS F 234 -13.32 -16.75 -2.96
CA LYS F 234 -13.18 -17.15 -4.36
C LYS F 234 -13.05 -15.88 -5.19
N GLN F 235 -11.87 -15.69 -5.79
CA GLN F 235 -11.62 -14.57 -6.68
C GLN F 235 -11.31 -15.08 -8.08
N LEU F 236 -11.67 -14.28 -9.08
CA LEU F 236 -11.57 -14.67 -10.47
C LEU F 236 -10.50 -13.84 -11.18
N PHE F 237 -9.81 -14.49 -12.12
CA PHE F 237 -8.77 -13.83 -12.88
C PHE F 237 -9.35 -12.71 -13.74
N ASP F 238 -8.67 -11.58 -13.78
CA ASP F 238 -9.11 -10.44 -14.59
C ASP F 238 -7.91 -9.61 -15.00
N LEU F 239 -8.11 -8.83 -16.07
CA LEU F 239 -7.11 -7.91 -16.59
C LEU F 239 -7.73 -6.51 -16.63
N ASN F 240 -7.27 -5.63 -15.74
CA ASN F 240 -7.80 -4.27 -15.62
C ASN F 240 -9.31 -4.29 -15.37
N GLY F 241 -9.75 -5.23 -14.55
CA GLY F 241 -11.16 -5.33 -14.19
C GLY F 241 -12.02 -6.11 -15.14
N GLN F 242 -11.48 -6.60 -16.25
CA GLN F 242 -12.24 -7.37 -17.24
C GLN F 242 -11.89 -8.84 -17.11
N ALA F 243 -12.91 -9.68 -17.05
CA ALA F 243 -12.71 -11.11 -16.87
C ALA F 243 -11.94 -11.71 -18.05
N ALA F 244 -10.99 -12.59 -17.73
CA ALA F 244 -10.15 -13.23 -18.72
C ALA F 244 -9.89 -14.67 -18.30
N MET F 245 -9.10 -15.38 -19.11
CA MET F 245 -8.76 -16.77 -18.84
C MET F 245 -7.25 -16.96 -18.93
N HIS F 246 -6.74 -17.87 -18.10
CA HIS F 246 -5.31 -18.18 -18.11
C HIS F 246 -4.93 -18.87 -19.42
N ASP F 247 -3.73 -18.53 -19.91
CA ASP F 247 -3.23 -19.16 -21.13
C ASP F 247 -2.87 -20.62 -20.93
N GLN F 248 -2.44 -21.01 -19.72
CA GLN F 248 -2.20 -22.43 -19.47
C GLN F 248 -3.46 -23.25 -19.62
N LYS F 249 -4.59 -22.75 -19.09
CA LYS F 249 -5.86 -23.44 -19.25
C LYS F 249 -6.29 -23.52 -20.71
N ILE F 250 -6.07 -22.45 -21.48
CA ILE F 250 -6.39 -22.48 -22.90
C ILE F 250 -5.55 -23.54 -23.62
N GLY F 251 -4.24 -23.58 -23.34
CA GLY F 251 -3.36 -24.53 -23.98
C GLY F 251 -3.57 -25.97 -23.55
N ASN F 252 -4.10 -26.19 -22.34
CA ASN F 252 -4.34 -27.54 -21.87
C ASN F 252 -5.41 -28.24 -22.71
N ALA F 253 -6.47 -27.53 -23.08
CA ALA F 253 -7.56 -28.14 -23.85
C ALA F 253 -7.17 -28.42 -25.29
N ILE F 254 -6.20 -27.69 -25.84
CA ILE F 254 -5.80 -27.90 -27.23
C ILE F 254 -5.11 -29.25 -27.41
N ARG F 255 -4.28 -29.65 -26.45
CA ARG F 255 -3.50 -30.88 -26.57
C ARG F 255 -4.17 -32.07 -25.90
N THR F 256 -5.51 -32.11 -25.86
CA THR F 256 -6.24 -33.28 -25.37
C THR F 256 -6.55 -34.19 -26.55
N ILE F 257 -5.49 -34.84 -27.04
CA ILE F 257 -5.57 -35.68 -28.23
C ILE F 257 -5.03 -37.08 -28.01
N ASP F 258 -4.80 -37.50 -26.76
CA ASP F 258 -4.16 -38.77 -26.46
C ASP F 258 -5.19 -39.88 -26.51
N THR F 259 -5.37 -40.49 -27.69
CA THR F 259 -6.26 -41.61 -27.88
C THR F 259 -5.50 -42.91 -28.17
N TRP F 260 -4.24 -42.97 -27.75
CA TRP F 260 -3.33 -44.05 -28.13
C TRP F 260 -2.95 -44.94 -26.96
N TYR F 261 -3.84 -45.10 -25.98
CA TYR F 261 -3.65 -46.06 -24.89
C TYR F 261 -4.86 -47.00 -24.83
N GLU F 262 -4.72 -48.04 -24.01
CA GLU F 262 -5.54 -49.25 -24.13
C GLU F 262 -7.03 -48.99 -23.93
N ASP F 263 -7.41 -48.13 -23.01
CA ASP F 263 -8.82 -47.98 -22.62
C ASP F 263 -9.11 -46.49 -22.46
N ALA F 264 -10.21 -46.17 -21.78
CA ALA F 264 -10.50 -44.81 -21.31
C ALA F 264 -10.57 -43.82 -22.47
N THR F 265 -11.62 -43.97 -23.27
CA THR F 265 -11.90 -43.07 -24.37
C THR F 265 -12.28 -41.69 -23.80
N THR F 266 -12.69 -40.77 -24.68
CA THR F 266 -12.79 -39.36 -24.35
C THR F 266 -11.43 -38.88 -23.84
N PRO F 267 -10.46 -38.67 -24.74
CA PRO F 267 -9.05 -38.59 -24.35
C PRO F 267 -8.69 -37.48 -23.37
N ILE F 268 -7.45 -37.54 -22.89
CA ILE F 268 -6.90 -36.57 -21.94
C ILE F 268 -5.71 -35.87 -22.58
N ALA F 269 -5.11 -34.93 -21.86
CA ALA F 269 -3.97 -34.20 -22.38
C ALA F 269 -2.72 -35.07 -22.42
N VAL F 270 -1.80 -34.72 -23.31
CA VAL F 270 -0.56 -35.48 -23.47
C VAL F 270 0.47 -34.98 -22.47
N GLU F 271 0.83 -35.83 -21.52
CA GLU F 271 1.81 -35.51 -20.49
C GLU F 271 2.60 -36.77 -20.16
N PRO F 272 3.84 -36.64 -19.69
CA PRO F 272 4.58 -37.82 -19.24
C PRO F 272 3.88 -38.46 -18.06
N TYR F 273 3.78 -39.79 -18.09
CA TYR F 273 2.89 -40.53 -17.20
C TYR F 273 1.50 -39.90 -17.21
N GLY F 274 0.87 -39.95 -18.38
CA GLY F 274 -0.33 -39.20 -18.64
C GLY F 274 -1.41 -39.40 -17.60
N SER F 275 -1.63 -38.37 -16.79
CA SER F 275 -2.49 -38.47 -15.61
C SER F 275 -3.31 -37.21 -15.47
N VAL F 276 -4.44 -37.34 -14.78
CA VAL F 276 -5.29 -36.22 -14.42
C VAL F 276 -5.34 -36.14 -12.90
N VAL F 277 -4.97 -34.98 -12.36
CA VAL F 277 -4.98 -34.81 -10.92
C VAL F 277 -6.40 -34.65 -10.39
N ARG F 278 -7.33 -34.18 -11.22
CA ARG F 278 -8.70 -33.98 -10.77
C ARG F 278 -9.36 -35.30 -10.39
N ASN F 279 -9.16 -36.35 -11.19
CA ASN F 279 -9.74 -37.65 -10.91
C ASN F 279 -8.90 -38.50 -9.98
N GLY F 280 -7.61 -38.20 -9.84
CA GLY F 280 -6.73 -38.97 -8.99
C GLY F 280 -6.19 -40.25 -9.60
N VAL F 281 -6.51 -40.54 -10.86
CA VAL F 281 -6.03 -41.73 -11.53
C VAL F 281 -4.90 -41.33 -12.47
N ALA F 282 -3.91 -42.21 -12.60
CA ALA F 282 -2.73 -41.96 -13.42
C ALA F 282 -2.64 -43.03 -14.50
N TYR F 283 -3.07 -42.70 -15.72
CA TYR F 283 -2.86 -43.58 -16.84
C TYR F 283 -1.40 -43.57 -17.27
N ARG F 284 -1.04 -44.52 -18.12
CA ARG F 284 0.36 -44.72 -18.54
C ARG F 284 1.28 -44.81 -17.34
N ALA F 285 0.91 -45.68 -16.40
CA ALA F 285 1.69 -45.91 -15.18
C ALA F 285 2.88 -46.80 -15.48
N GLY F 286 3.50 -47.36 -14.45
CA GLY F 286 4.65 -48.22 -14.65
C GLY F 286 4.29 -49.56 -15.23
N ASN F 287 3.82 -49.57 -16.48
CA ASN F 287 3.50 -50.79 -17.21
C ASN F 287 4.09 -50.74 -18.61
N LYS F 288 5.35 -50.27 -18.70
CA LYS F 288 6.13 -50.25 -19.94
C LYS F 288 5.52 -49.36 -21.02
N THR F 289 4.76 -48.33 -20.62
CA THR F 289 4.31 -47.29 -21.55
C THR F 289 4.42 -45.92 -20.86
N ASP F 290 5.60 -45.31 -20.98
CA ASP F 290 5.91 -44.01 -20.39
C ASP F 290 6.64 -43.18 -21.45
N LEU F 291 6.78 -41.88 -21.18
CA LEU F 291 7.57 -41.05 -22.09
C LEU F 291 9.03 -41.46 -22.10
N PHE F 292 9.63 -41.58 -20.90
CA PHE F 292 11.07 -41.76 -20.80
C PHE F 292 11.52 -43.14 -21.23
N THR F 293 10.71 -44.18 -20.98
CA THR F 293 11.04 -45.51 -21.44
C THR F 293 11.10 -45.58 -22.97
N LEU F 294 10.08 -45.05 -23.64
CA LEU F 294 10.08 -45.03 -25.10
C LEU F 294 11.19 -44.14 -25.66
N MET F 295 11.49 -43.01 -25.01
CA MET F 295 12.56 -42.15 -25.53
C MET F 295 13.90 -42.85 -25.56
N ASP F 296 14.27 -43.54 -24.48
CA ASP F 296 15.59 -44.18 -24.46
C ASP F 296 15.53 -45.60 -25.01
N GLY F 297 14.34 -46.11 -25.36
CA GLY F 297 14.26 -47.34 -26.11
C GLY F 297 14.31 -47.14 -27.61
N ALA F 298 13.83 -46.00 -28.09
CA ALA F 298 13.89 -45.72 -29.52
C ALA F 298 15.33 -45.53 -30.00
N VAL F 299 16.13 -44.78 -29.24
CA VAL F 299 17.51 -44.56 -29.60
C VAL F 299 18.36 -45.81 -29.44
N ASN F 300 17.95 -46.74 -28.59
CA ASN F 300 18.71 -47.96 -28.35
C ASN F 300 18.16 -49.10 -29.20
N GLY F 301 18.33 -48.95 -30.51
CA GLY F 301 17.97 -50.02 -31.43
C GLY F 301 16.54 -49.99 -31.93
N LYS F 302 15.67 -50.77 -31.29
CA LYS F 302 14.31 -50.97 -31.76
C LYS F 302 13.56 -49.64 -31.87
N SER F 303 12.83 -49.47 -32.97
CA SER F 303 12.04 -48.27 -33.20
C SER F 303 10.68 -48.40 -32.53
N LEU F 304 9.82 -47.40 -32.77
CA LEU F 304 8.50 -47.33 -32.17
C LEU F 304 7.43 -47.57 -33.23
N THR F 305 6.20 -47.75 -32.76
CA THR F 305 5.04 -47.91 -33.64
C THR F 305 4.52 -46.53 -34.05
N GLU F 306 3.47 -46.50 -34.86
CA GLU F 306 2.93 -45.23 -35.31
C GLU F 306 2.31 -44.43 -34.17
N GLU F 307 1.53 -45.09 -33.30
CA GLU F 307 0.96 -44.40 -32.15
C GLU F 307 2.02 -43.97 -31.15
N ASP F 308 3.02 -44.80 -30.90
CA ASP F 308 4.13 -44.40 -30.05
C ASP F 308 4.91 -43.23 -30.64
N GLN F 309 5.17 -43.25 -31.94
CA GLN F 309 5.87 -42.14 -32.57
C GLN F 309 5.07 -40.85 -32.48
N MET F 310 3.76 -40.91 -32.75
CA MET F 310 2.92 -39.73 -32.63
C MET F 310 2.83 -39.22 -31.20
N PHE F 311 2.77 -40.12 -30.21
CA PHE F 311 2.78 -39.73 -28.81
C PHE F 311 4.09 -39.04 -28.42
N VAL F 312 5.23 -39.61 -28.82
CA VAL F 312 6.52 -39.03 -28.47
C VAL F 312 6.68 -37.67 -29.14
N THR F 313 6.34 -37.57 -30.42
CA THR F 313 6.45 -36.28 -31.12
C THR F 313 5.49 -35.25 -30.52
N ALA F 314 4.25 -35.64 -30.24
CA ALA F 314 3.30 -34.70 -29.65
C ALA F 314 3.74 -34.23 -28.28
N ASN F 315 4.34 -35.10 -27.47
CA ASN F 315 4.82 -34.72 -26.15
C ASN F 315 6.11 -33.91 -26.22
N LEU F 316 6.92 -34.10 -27.25
CA LEU F 316 8.08 -33.25 -27.50
C LEU F 316 7.71 -31.87 -27.99
N ILE F 317 6.60 -31.74 -28.75
CA ILE F 317 6.09 -30.42 -29.09
C ILE F 317 5.73 -29.65 -27.82
N ARG F 318 5.08 -30.32 -26.88
CA ARG F 318 4.94 -29.77 -25.54
C ARG F 318 6.30 -29.69 -24.87
N GLY F 319 6.48 -28.70 -24.00
CA GLY F 319 7.75 -28.47 -23.33
C GLY F 319 8.07 -29.54 -22.31
N GLY F 320 8.99 -29.20 -21.41
CA GLY F 320 9.39 -30.09 -20.33
C GLY F 320 10.88 -30.32 -20.31
N VAL F 321 11.35 -30.77 -19.15
CA VAL F 321 12.76 -31.05 -18.91
C VAL F 321 12.89 -32.54 -18.60
N PHE F 322 13.88 -33.18 -19.23
CA PHE F 322 14.12 -34.61 -19.08
C PHE F 322 15.58 -34.82 -18.73
N GLY F 323 15.84 -35.52 -17.63
CA GLY F 323 17.20 -35.78 -17.21
C GLY F 323 17.34 -36.09 -15.74
N GLY F 324 18.27 -36.98 -15.40
CA GLY F 324 18.50 -37.37 -14.02
C GLY F 324 18.62 -38.86 -13.82
N LYS G 24 63.51 -17.98 -22.61
CA LYS G 24 62.22 -18.57 -22.94
C LYS G 24 61.11 -17.55 -22.85
N LEU G 25 61.34 -16.51 -22.04
CA LEU G 25 60.38 -15.42 -21.83
C LEU G 25 59.04 -15.96 -21.35
N LYS G 26 59.07 -16.52 -20.13
CA LYS G 26 57.86 -17.06 -19.53
C LYS G 26 56.90 -15.94 -19.13
N ALA G 27 55.60 -16.26 -19.14
CA ALA G 27 54.60 -15.29 -18.78
C ALA G 27 54.70 -14.93 -17.30
N PRO G 28 54.41 -13.68 -16.93
CA PRO G 28 54.47 -13.29 -15.53
C PRO G 28 53.37 -13.95 -14.71
N ALA G 29 53.60 -13.99 -13.39
CA ALA G 29 52.63 -14.60 -12.49
C ALA G 29 51.31 -13.85 -12.49
N VAL G 30 51.36 -12.52 -12.54
CA VAL G 30 50.16 -11.69 -12.54
C VAL G 30 50.12 -10.95 -13.87
N LEU G 31 49.03 -11.15 -14.62
CA LEU G 31 48.86 -10.51 -15.92
C LEU G 31 47.38 -10.51 -16.27
N ALA G 32 46.84 -9.32 -16.56
CA ALA G 32 45.41 -9.20 -16.82
C ALA G 32 45.17 -8.07 -17.80
N TYR G 33 44.00 -8.11 -18.44
CA TYR G 33 43.58 -7.09 -19.39
C TYR G 33 42.14 -6.67 -19.07
N SER G 34 41.84 -5.42 -19.36
CA SER G 34 40.51 -4.88 -19.11
C SER G 34 39.59 -5.18 -20.29
N ARG G 35 38.35 -4.71 -20.19
CA ARG G 35 37.33 -4.96 -21.21
C ARG G 35 37.24 -3.77 -22.16
N LYS G 36 37.24 -4.06 -23.47
CA LYS G 36 37.24 -3.02 -24.48
C LYS G 36 35.90 -2.82 -25.17
N ILE G 37 34.90 -3.65 -24.89
CA ILE G 37 33.56 -3.48 -25.43
C ILE G 37 32.61 -3.41 -24.24
N ASN G 38 31.95 -2.25 -24.08
CA ASN G 38 31.11 -2.01 -22.91
C ASN G 38 29.65 -1.82 -23.34
N PRO G 39 28.81 -2.82 -23.15
CA PRO G 39 27.37 -2.64 -23.36
C PRO G 39 26.67 -2.23 -22.06
N THR G 40 25.43 -1.79 -22.21
CA THR G 40 24.59 -1.38 -21.09
C THR G 40 23.41 -2.34 -20.95
N ASN G 41 22.64 -2.14 -19.88
CA ASN G 41 21.44 -2.95 -19.66
C ASN G 41 20.35 -2.52 -20.62
N ALA G 42 19.79 -3.49 -21.35
CA ALA G 42 18.75 -3.20 -22.33
C ALA G 42 17.45 -2.82 -21.63
N LEU G 43 16.70 -1.92 -22.25
CA LEU G 43 15.39 -1.52 -21.76
C LEU G 43 14.32 -1.94 -22.75
N MET G 44 13.21 -2.48 -22.21
CA MET G 44 12.11 -3.00 -22.99
C MET G 44 10.90 -2.08 -22.87
N PHE G 45 10.30 -1.74 -24.01
CA PHE G 45 9.11 -0.91 -24.08
C PHE G 45 8.13 -1.52 -25.06
N ALA G 46 6.86 -1.11 -24.94
CA ALA G 46 5.80 -1.57 -25.83
C ALA G 46 5.33 -0.38 -26.65
N VAL G 47 5.44 -0.51 -27.98
CA VAL G 47 5.05 0.53 -28.91
C VAL G 47 4.29 -0.11 -30.08
N ASN G 48 3.70 0.74 -30.91
CA ASN G 48 3.02 0.30 -32.12
C ASN G 48 3.97 0.38 -33.31
N TRP G 49 3.66 -0.41 -34.34
CA TRP G 49 4.54 -0.48 -35.52
C TRP G 49 4.53 0.81 -36.32
N SER G 50 3.46 1.60 -36.25
CA SER G 50 3.36 2.86 -36.98
C SER G 50 3.30 4.07 -36.06
N ASP G 51 3.38 3.88 -34.75
CA ASP G 51 3.33 4.96 -33.77
C ASP G 51 4.44 4.78 -32.74
N ARG G 52 5.66 4.56 -33.23
CA ARG G 52 6.81 4.24 -32.39
C ARG G 52 7.39 5.45 -31.67
N ASP G 53 6.66 6.56 -31.61
CA ASP G 53 7.16 7.75 -30.92
C ASP G 53 6.91 7.69 -29.41
N ASN G 54 5.74 7.22 -29.00
CA ASN G 54 5.41 7.13 -27.58
C ASN G 54 5.63 5.71 -27.08
N THR G 55 6.27 5.59 -25.92
CA THR G 55 6.63 4.30 -25.35
C THR G 55 6.00 4.12 -23.98
N THR G 56 5.73 2.87 -23.64
CA THR G 56 5.24 2.50 -22.31
C THR G 56 6.08 1.35 -21.78
N ALA G 57 6.24 1.30 -20.46
CA ALA G 57 7.07 0.29 -19.85
C ALA G 57 6.36 -1.05 -19.80
N VAL G 58 7.13 -2.11 -19.58
CA VAL G 58 6.62 -3.46 -19.47
C VAL G 58 6.89 -3.93 -18.04
N MET G 59 5.83 -4.06 -17.25
CA MET G 59 5.95 -4.52 -15.87
C MET G 59 6.18 -6.03 -15.85
N VAL G 60 6.33 -6.58 -14.64
CA VAL G 60 6.62 -8.00 -14.50
C VAL G 60 5.45 -8.72 -13.86
N GLY G 61 5.14 -8.40 -12.61
CA GLY G 61 4.07 -9.07 -11.90
C GLY G 61 4.43 -10.49 -11.50
N THR G 62 3.49 -11.15 -10.84
CA THR G 62 3.66 -12.50 -10.34
C THR G 62 2.38 -13.28 -10.54
N LYS G 63 2.51 -14.59 -10.80
CA LYS G 63 1.36 -15.46 -10.97
C LYS G 63 1.62 -16.80 -10.30
N THR G 64 0.54 -17.52 -10.03
CA THR G 64 0.61 -18.85 -9.42
C THR G 64 -0.10 -19.83 -10.35
N VAL G 65 0.56 -20.96 -10.63
CA VAL G 65 0.06 -21.94 -11.59
C VAL G 65 0.04 -23.31 -10.93
N ALA G 66 -0.75 -24.20 -11.53
CA ALA G 66 -0.90 -25.57 -11.08
C ALA G 66 -0.63 -26.54 -12.22
N GLY G 67 0.00 -27.64 -11.89
CA GLY G 67 0.35 -28.66 -12.86
C GLY G 67 0.58 -30.00 -12.19
N THR G 68 1.10 -30.93 -12.97
CA THR G 68 1.34 -32.29 -12.51
C THR G 68 2.80 -32.45 -12.08
N GLN G 69 3.16 -33.68 -11.73
CA GLN G 69 4.52 -34.03 -11.32
C GLN G 69 5.06 -35.05 -12.33
N SER G 70 5.88 -34.58 -13.26
CA SER G 70 6.47 -35.42 -14.30
C SER G 70 7.99 -35.35 -14.16
N VAL G 71 8.54 -36.22 -13.32
CA VAL G 71 9.98 -36.31 -13.10
C VAL G 71 10.42 -37.74 -13.40
N ARG G 72 11.52 -37.87 -14.13
CA ARG G 72 12.04 -39.17 -14.52
C ARG G 72 12.50 -39.93 -13.28
N GLY G 73 12.15 -41.21 -13.20
CA GLY G 73 12.54 -42.06 -12.10
C GLY G 73 11.58 -42.10 -10.93
N ASN G 74 10.50 -41.32 -10.94
CA ASN G 74 9.52 -41.28 -9.84
C ASN G 74 8.12 -41.44 -10.43
N PRO G 75 7.76 -42.64 -10.87
CA PRO G 75 6.41 -42.86 -11.40
C PRO G 75 5.34 -43.09 -10.34
N ASN G 76 5.73 -43.30 -9.09
CA ASN G 76 4.75 -43.57 -8.04
C ASN G 76 3.99 -42.32 -7.61
N ASP G 77 4.61 -41.14 -7.70
CA ASP G 77 3.97 -39.88 -7.33
C ASP G 77 3.55 -39.07 -8.55
N ALA G 78 3.13 -39.75 -9.61
CA ALA G 78 2.73 -39.10 -10.85
C ALA G 78 1.27 -38.66 -10.85
N ASP G 79 0.50 -39.00 -9.82
CA ASP G 79 -0.89 -38.62 -9.73
C ASP G 79 -1.14 -37.50 -8.71
N LYS G 80 -0.09 -36.84 -8.24
CA LYS G 80 -0.23 -35.76 -7.28
C LYS G 80 -0.17 -34.40 -7.97
N GLY G 81 -0.61 -33.37 -7.25
CA GLY G 81 -0.62 -32.02 -7.78
C GLY G 81 0.72 -31.33 -7.64
N ASN G 82 0.77 -30.10 -8.14
CA ASN G 82 1.98 -29.29 -8.10
C ASN G 82 1.60 -27.82 -8.21
N ILE G 83 1.93 -27.04 -7.18
CA ILE G 83 1.60 -25.61 -7.14
C ILE G 83 2.91 -24.83 -7.19
N GLN G 84 3.05 -23.95 -8.18
CA GLN G 84 4.25 -23.16 -8.35
C GLN G 84 3.89 -21.69 -8.47
N THR G 85 4.85 -20.82 -8.16
CA THR G 85 4.69 -19.39 -8.34
C THR G 85 5.85 -18.88 -9.19
N VAL G 86 5.54 -18.06 -10.19
CA VAL G 86 6.53 -17.59 -11.16
C VAL G 86 6.25 -16.12 -11.49
N ASN G 87 7.17 -15.55 -12.26
CA ASN G 87 7.03 -14.22 -12.82
C ASN G 87 6.74 -14.35 -14.32
N PHE G 88 6.12 -13.31 -14.88
CA PHE G 88 5.81 -13.29 -16.30
C PHE G 88 6.09 -11.90 -16.85
N ALA G 89 6.00 -11.77 -18.17
CA ALA G 89 6.16 -10.48 -18.84
C ALA G 89 5.60 -10.60 -20.24
N ASN G 90 4.62 -9.76 -20.57
CA ASN G 90 4.00 -9.81 -21.89
C ASN G 90 3.52 -8.42 -22.28
N LEU G 91 3.34 -8.23 -23.58
CA LEU G 91 2.91 -6.95 -24.11
C LEU G 91 1.45 -6.69 -23.75
N PRO G 92 1.06 -5.41 -23.63
CA PRO G 92 -0.36 -5.08 -23.46
C PRO G 92 -1.14 -5.44 -24.71
N HIS G 93 -2.43 -5.69 -24.50
CA HIS G 93 -3.32 -6.12 -25.58
C HIS G 93 -3.58 -5.05 -26.62
N ASN G 94 -3.26 -3.78 -26.31
CA ASN G 94 -3.42 -2.69 -27.27
C ASN G 94 -2.11 -2.31 -27.96
N LYS G 95 -1.02 -3.05 -27.74
CA LYS G 95 0.25 -2.80 -28.37
C LYS G 95 0.77 -4.09 -29.00
N ASN G 96 1.48 -3.96 -30.12
CA ASN G 96 1.95 -5.14 -30.84
C ASN G 96 3.38 -4.97 -31.35
N THR G 97 4.21 -4.22 -30.63
CA THR G 97 5.60 -4.05 -31.02
C THR G 97 6.47 -3.93 -29.78
N LEU G 98 7.56 -4.69 -29.75
CA LEU G 98 8.51 -4.64 -28.66
C LEU G 98 9.75 -3.85 -29.07
N LEU G 99 10.16 -2.90 -28.23
CA LEU G 99 11.31 -2.06 -28.48
C LEU G 99 12.36 -2.36 -27.41
N VAL G 100 13.56 -2.74 -27.86
CA VAL G 100 14.68 -3.01 -26.97
C VAL G 100 15.80 -2.03 -27.29
N LYS G 101 16.18 -1.23 -26.30
CA LYS G 101 17.14 -0.16 -26.55
C LYS G 101 18.31 -0.24 -25.58
N TYR G 102 19.51 0.07 -26.10
CA TYR G 102 20.71 0.10 -25.27
C TYR G 102 21.79 0.90 -25.98
N ASN G 103 22.96 0.97 -25.33
CA ASN G 103 24.12 1.68 -25.86
C ASN G 103 25.35 0.76 -25.79
N VAL G 104 26.27 0.95 -26.72
CA VAL G 104 27.51 0.19 -26.77
C VAL G 104 28.67 1.17 -26.90
N LYS G 105 29.78 0.87 -26.22
CA LYS G 105 30.97 1.72 -26.27
C LYS G 105 32.17 0.88 -26.65
N PHE G 106 32.92 1.34 -27.65
CA PHE G 106 34.17 0.70 -28.07
C PHE G 106 35.33 1.60 -27.67
N VAL G 107 36.34 1.03 -27.02
CA VAL G 107 37.52 1.78 -26.63
C VAL G 107 38.75 1.08 -27.17
N GLY G 108 39.81 1.86 -27.37
CA GLY G 108 41.05 1.38 -27.94
C GLY G 108 42.08 1.03 -26.90
N ASP G 109 43.34 1.36 -27.20
CA ASP G 109 44.49 1.08 -26.33
C ASP G 109 44.59 -0.40 -26.03
N VAL G 110 44.46 -1.21 -27.07
CA VAL G 110 44.58 -2.66 -26.98
C VAL G 110 46.07 -2.99 -26.83
N PHE G 111 46.38 -4.19 -26.35
CA PHE G 111 47.75 -4.64 -26.08
C PHE G 111 48.41 -3.82 -24.98
N LYS G 112 47.59 -3.27 -24.08
CA LYS G 112 48.09 -2.52 -22.93
C LYS G 112 47.59 -3.24 -21.68
N ALA G 113 48.46 -4.05 -21.08
CA ALA G 113 48.10 -4.83 -19.91
C ALA G 113 47.86 -3.93 -18.71
N GLU G 114 46.78 -4.23 -17.97
CA GLU G 114 46.49 -3.47 -16.75
C GLU G 114 47.43 -3.84 -15.61
N LEU G 115 47.78 -5.13 -15.48
CA LEU G 115 48.65 -5.59 -14.41
C LEU G 115 49.85 -6.29 -15.02
N GLY G 116 51.04 -5.80 -14.72
CA GLY G 116 52.26 -6.42 -15.18
C GLY G 116 52.52 -6.22 -16.65
N GLY G 117 53.67 -6.74 -17.09
CA GLY G 117 54.03 -6.71 -18.49
C GLY G 117 55.01 -5.61 -18.85
N GLY G 118 56.28 -5.96 -18.95
CA GLY G 118 57.29 -5.02 -19.40
C GLY G 118 58.10 -5.56 -20.55
N GLU G 119 58.07 -6.88 -20.71
CA GLU G 119 58.74 -7.57 -21.81
C GLU G 119 57.83 -8.55 -22.53
N TYR G 120 56.96 -9.24 -21.79
CA TYR G 120 56.01 -10.17 -22.42
C TYR G 120 54.95 -9.41 -23.22
N SER G 121 54.37 -8.37 -22.63
CA SER G 121 53.35 -7.58 -23.32
C SER G 121 53.91 -6.87 -24.55
N ASN G 122 55.10 -6.29 -24.45
CA ASN G 122 55.70 -5.64 -25.61
C ASN G 122 56.01 -6.61 -26.73
N THR G 123 56.56 -7.78 -26.41
CA THR G 123 56.81 -8.79 -27.43
C THR G 123 55.51 -9.29 -28.06
N LEU G 124 54.47 -9.49 -27.25
CA LEU G 124 53.19 -9.90 -27.79
C LEU G 124 52.60 -8.84 -28.71
N GLN G 125 52.70 -7.56 -28.34
CA GLN G 125 52.23 -6.50 -29.22
C GLN G 125 53.04 -6.44 -30.51
N THR G 126 54.35 -6.64 -30.43
CA THR G 126 55.19 -6.67 -31.63
C THR G 126 54.82 -7.82 -32.56
N ALA G 127 54.55 -9.01 -32.00
CA ALA G 127 54.14 -10.14 -32.83
C ALA G 127 52.81 -9.87 -33.53
N LEU G 128 51.87 -9.23 -32.82
CA LEU G 128 50.58 -8.86 -33.39
C LEU G 128 50.69 -7.46 -33.99
N GLU G 129 49.55 -6.83 -34.27
CA GLU G 129 49.35 -5.53 -34.89
C GLU G 129 49.54 -5.61 -36.40
N ASN G 130 49.98 -6.74 -36.95
CA ASN G 130 50.00 -6.96 -38.38
C ASN G 130 48.71 -7.59 -38.89
N THR G 131 47.81 -7.98 -37.99
CA THR G 131 46.55 -8.59 -38.38
C THR G 131 45.59 -7.53 -38.93
N ASP G 132 44.54 -8.00 -39.58
CA ASP G 132 43.55 -7.13 -40.20
C ASP G 132 42.39 -6.93 -39.22
N PHE G 133 42.27 -5.71 -38.69
CA PHE G 133 41.14 -5.36 -37.83
C PHE G 133 39.84 -5.17 -38.60
N GLY G 134 39.91 -5.13 -39.94
CA GLY G 134 38.71 -4.89 -40.72
C GLY G 134 37.67 -5.97 -40.55
N THR G 135 38.08 -7.24 -40.58
CA THR G 135 37.14 -8.34 -40.40
C THR G 135 36.52 -8.35 -39.01
N LEU G 136 37.32 -8.11 -37.97
CA LEU G 136 36.78 -8.08 -36.62
C LEU G 136 35.79 -6.94 -36.44
N ALA G 137 36.13 -5.75 -36.93
CA ALA G 137 35.21 -4.62 -36.85
C ALA G 137 33.96 -4.84 -37.70
N TYR G 138 34.08 -5.54 -38.82
CA TYR G 138 32.89 -5.86 -39.61
C TYR G 138 31.98 -6.82 -38.88
N ARG G 139 32.54 -7.89 -38.31
CA ARG G 139 31.73 -8.89 -37.62
C ARG G 139 31.11 -8.37 -36.32
N TYR G 140 31.83 -7.54 -35.57
CA TYR G 140 31.26 -6.99 -34.34
C TYR G 140 30.03 -6.14 -34.64
N VAL G 141 30.11 -5.29 -35.66
CA VAL G 141 28.97 -4.48 -36.07
C VAL G 141 27.86 -5.33 -36.69
N TYR G 142 28.22 -6.36 -37.45
CA TYR G 142 27.22 -7.22 -38.07
C TYR G 142 26.43 -7.99 -37.03
N ASN G 143 27.07 -8.44 -35.95
CA ASN G 143 26.35 -9.19 -34.93
C ASN G 143 25.29 -8.33 -34.24
N ILE G 144 25.44 -7.00 -34.29
CA ILE G 144 24.43 -6.11 -33.73
C ILE G 144 23.40 -5.75 -34.78
N ALA G 145 23.84 -5.46 -36.00
CA ALA G 145 22.92 -5.01 -37.06
C ALA G 145 21.99 -6.13 -37.51
N ALA G 146 22.53 -7.34 -37.68
CA ALA G 146 21.70 -8.47 -38.11
C ALA G 146 20.70 -8.87 -37.03
N GLY G 147 20.94 -8.48 -35.78
CA GLY G 147 20.01 -8.75 -34.72
C GLY G 147 20.28 -10.03 -33.96
N ARG G 148 21.50 -10.20 -33.46
CA ARG G 148 21.81 -11.35 -32.61
C ARG G 148 21.82 -11.00 -31.14
N THR G 149 21.99 -9.73 -30.79
CA THR G 149 22.01 -9.34 -29.38
C THR G 149 20.67 -9.59 -28.71
N LEU G 150 19.57 -9.48 -29.46
CA LEU G 150 18.25 -9.78 -28.92
C LEU G 150 18.00 -11.29 -29.04
N TRP G 151 17.81 -11.93 -27.90
CA TRP G 151 17.68 -13.38 -27.78
C TRP G 151 16.28 -13.85 -28.11
N ARG G 152 15.90 -15.02 -27.58
CA ARG G 152 14.75 -15.83 -28.01
C ARG G 152 13.51 -15.03 -28.38
N ASN G 153 13.39 -13.80 -27.88
CA ASN G 153 12.34 -12.88 -28.34
C ASN G 153 12.27 -12.77 -29.87
N ARG G 154 13.31 -13.19 -30.59
CA ARG G 154 13.30 -13.09 -32.05
C ARG G 154 12.21 -13.96 -32.67
N VAL G 155 12.01 -15.17 -32.15
CA VAL G 155 11.07 -16.11 -32.75
C VAL G 155 9.66 -15.57 -32.63
N GLY G 156 8.81 -15.93 -33.59
CA GLY G 156 7.43 -15.47 -33.62
C GLY G 156 7.23 -14.09 -34.17
N ALA G 157 8.27 -13.44 -34.67
CA ALA G 157 8.18 -12.10 -35.23
C ALA G 157 8.45 -12.14 -36.74
N GLU G 158 7.54 -11.55 -37.51
CA GLU G 158 7.67 -11.51 -38.96
C GLU G 158 8.42 -10.29 -39.47
N SER G 159 8.77 -9.35 -38.60
CA SER G 159 9.50 -8.15 -39.02
C SER G 159 10.34 -7.65 -37.85
N ILE G 160 11.64 -7.55 -38.07
CA ILE G 160 12.58 -7.03 -37.08
C ILE G 160 13.32 -5.86 -37.71
N GLU G 161 13.39 -4.74 -37.00
CA GLU G 161 14.05 -3.54 -37.51
C GLU G 161 15.14 -3.13 -36.52
N THR G 162 16.26 -2.64 -37.05
CA THR G 162 17.39 -2.20 -36.22
C THR G 162 17.75 -0.77 -36.59
N VAL G 163 17.91 0.08 -35.58
CA VAL G 163 18.31 1.47 -35.76
C VAL G 163 19.59 1.69 -34.99
N ILE G 164 20.63 2.16 -35.67
CA ILE G 164 21.94 2.42 -35.07
C ILE G 164 22.28 3.88 -35.27
N THR G 165 22.60 4.58 -34.18
CA THR G 165 22.96 5.98 -34.22
C THR G 165 24.41 6.14 -33.77
N VAL G 166 25.20 6.84 -34.57
CA VAL G 166 26.60 7.12 -34.26
C VAL G 166 27.04 8.36 -35.02
N ASN G 167 27.75 9.26 -34.33
CA ASN G 167 28.32 10.47 -34.93
C ASN G 167 27.25 11.28 -35.67
N ASP G 168 26.06 11.38 -35.07
CA ASP G 168 24.93 12.10 -35.66
C ASP G 168 24.61 11.56 -37.06
N GLN G 169 24.61 10.24 -37.19
CA GLN G 169 24.35 9.58 -38.47
C GLN G 169 23.55 8.31 -38.19
N THR G 170 22.33 8.25 -38.68
CA THR G 170 21.44 7.14 -38.43
C THR G 170 21.53 6.09 -39.53
N PHE G 171 21.42 4.83 -39.13
CA PHE G 171 21.43 3.71 -40.05
C PHE G 171 20.29 2.76 -39.69
N THR G 172 19.61 2.27 -40.72
CA THR G 172 18.47 1.38 -40.56
C THR G 172 18.76 0.05 -41.23
N PHE G 173 18.46 -1.04 -40.52
CA PHE G 173 18.72 -2.39 -41.01
C PHE G 173 17.48 -3.25 -40.87
N SER G 174 17.25 -4.07 -41.90
CA SER G 174 16.21 -5.08 -41.93
C SER G 174 16.76 -6.37 -42.50
N ASP G 175 18.01 -6.69 -42.16
CA ASP G 175 18.73 -7.80 -42.76
C ASP G 175 18.43 -9.11 -42.02
N LEU G 176 18.20 -10.16 -42.79
CA LEU G 176 18.00 -11.50 -42.27
C LEU G 176 19.34 -12.24 -42.31
N LEU G 177 19.29 -13.57 -42.08
CA LEU G 177 20.47 -14.42 -42.12
C LEU G 177 21.53 -13.95 -41.12
N VAL G 178 21.16 -14.10 -39.84
CA VAL G 178 22.07 -13.73 -38.75
C VAL G 178 23.39 -14.47 -38.89
N ASN G 179 23.34 -15.77 -39.18
CA ASN G 179 24.55 -16.53 -39.46
C ASN G 179 24.97 -16.35 -40.91
N GLU G 180 26.13 -16.91 -41.25
CA GLU G 180 26.69 -16.84 -42.60
C GLU G 180 26.86 -15.39 -43.02
N PHE G 181 27.83 -14.75 -42.35
CA PHE G 181 28.15 -13.34 -42.59
C PHE G 181 28.29 -13.06 -44.08
N ASP G 182 27.48 -12.13 -44.57
CA ASP G 182 27.50 -11.72 -45.97
C ASP G 182 27.97 -10.28 -46.09
N GLU G 183 28.01 -9.79 -47.33
CA GLU G 183 28.50 -8.44 -47.60
C GLU G 183 27.35 -7.44 -47.59
N ASP G 184 27.61 -6.28 -47.00
CA ASP G 184 26.63 -5.21 -46.93
C ASP G 184 27.34 -3.88 -47.07
N VAL G 185 26.59 -2.85 -47.50
CA VAL G 185 27.18 -1.54 -47.74
C VAL G 185 27.05 -0.60 -46.55
N ASP G 186 26.05 -0.80 -45.69
CA ASP G 186 25.88 0.06 -44.52
C ASP G 186 26.66 -0.42 -43.30
N VAL G 187 26.89 -1.73 -43.19
CA VAL G 187 27.71 -2.24 -42.09
C VAL G 187 29.16 -1.80 -42.26
N ALA G 188 29.64 -1.72 -43.51
CA ALA G 188 31.03 -1.36 -43.77
C ALA G 188 31.37 0.04 -43.30
N GLU G 189 30.45 1.01 -43.44
CA GLU G 189 30.71 2.37 -43.01
C GLU G 189 30.93 2.48 -41.51
N ILE G 190 30.13 1.81 -40.69
CA ILE G 190 30.34 1.79 -39.24
C ILE G 190 31.57 0.96 -38.88
N ALA G 191 31.79 -0.16 -39.58
CA ALA G 191 32.94 -1.01 -39.30
C ALA G 191 34.25 -0.28 -39.56
N ASP G 192 34.28 0.58 -40.58
CA ASP G 192 35.48 1.37 -40.83
C ASP G 192 35.81 2.31 -39.68
N MET G 193 34.81 2.96 -39.10
CA MET G 193 35.03 3.79 -37.93
C MET G 193 35.47 2.96 -36.72
N VAL G 194 34.86 1.78 -36.54
CA VAL G 194 35.21 0.94 -35.40
C VAL G 194 36.66 0.45 -35.52
N ALA G 195 37.08 0.05 -36.72
CA ALA G 195 38.42 -0.47 -36.92
C ALA G 195 39.50 0.56 -36.60
N GLY G 196 39.31 1.82 -37.00
CA GLY G 196 40.25 2.85 -36.63
C GLY G 196 40.38 3.08 -35.15
N VAL G 197 39.26 3.06 -34.42
CA VAL G 197 39.30 3.18 -32.97
C VAL G 197 39.97 1.97 -32.32
N LEU G 198 39.77 0.77 -32.87
CA LEU G 198 40.33 -0.42 -32.26
C LEU G 198 41.86 -0.39 -32.27
N SER G 199 42.49 0.04 -33.36
CA SER G 199 43.94 0.03 -33.44
C SER G 199 44.55 1.35 -32.97
N GLY G 200 44.12 1.81 -31.79
CA GLY G 200 44.74 2.92 -31.11
C GLY G 200 44.05 4.24 -31.35
N GLU G 201 43.15 4.63 -30.46
CA GLU G 201 42.34 5.85 -30.54
C GLU G 201 41.69 6.06 -29.18
N GLY G 202 40.69 6.92 -29.13
CA GLY G 202 39.90 7.13 -27.93
C GLY G 202 38.73 6.16 -27.88
N PHE G 203 37.50 6.68 -27.91
CA PHE G 203 36.33 5.83 -27.81
C PHE G 203 35.30 6.25 -28.85
N VAL G 204 34.42 5.29 -29.18
CA VAL G 204 33.27 5.54 -30.05
C VAL G 204 32.05 4.89 -29.38
N THR G 205 30.88 5.46 -29.68
CA THR G 205 29.64 5.05 -29.02
C THR G 205 28.55 4.83 -30.06
N LEU G 206 27.76 3.77 -29.86
CA LEU G 206 26.62 3.47 -30.71
C LEU G 206 25.36 3.38 -29.87
N LYS G 207 24.27 3.93 -30.38
CA LYS G 207 22.95 3.81 -29.77
C LYS G 207 22.16 2.79 -30.61
N VAL G 208 21.71 1.71 -29.98
CA VAL G 208 21.09 0.60 -30.69
C VAL G 208 19.64 0.47 -30.23
N GLU G 209 18.73 0.39 -31.20
CA GLU G 209 17.31 0.16 -30.93
C GLU G 209 16.82 -0.96 -31.83
N HIS G 210 16.00 -1.85 -31.27
CA HIS G 210 15.43 -2.97 -32.00
C HIS G 210 13.91 -2.96 -31.87
N TYR G 211 13.23 -3.08 -33.01
CA TYR G 211 11.78 -3.10 -33.08
C TYR G 211 11.31 -4.46 -33.56
N MET G 212 10.24 -4.96 -32.92
CA MET G 212 9.72 -6.29 -33.18
C MET G 212 8.33 -6.16 -33.79
N LEU G 213 7.75 -7.31 -34.14
CA LEU G 213 6.37 -7.43 -34.60
C LEU G 213 5.71 -8.67 -34.01
N LEU G 214 5.89 -8.88 -32.71
CA LEU G 214 5.36 -10.07 -32.06
C LEU G 214 3.84 -10.14 -32.17
N GLY G 215 3.15 -9.06 -31.81
CA GLY G 215 1.71 -9.06 -31.84
C GLY G 215 1.09 -8.67 -30.51
N GLU G 216 -0.23 -8.54 -30.47
CA GLU G 216 -0.93 -8.12 -29.26
C GLU G 216 -0.95 -9.25 -28.24
N GLY G 217 -0.55 -8.95 -27.02
CA GLY G 217 -0.60 -9.92 -25.94
C GLY G 217 0.49 -10.97 -25.97
N SER G 218 1.48 -10.84 -26.84
CA SER G 218 2.54 -11.83 -26.92
C SER G 218 3.46 -11.74 -25.71
N GLU G 219 4.10 -12.87 -25.39
CA GLU G 219 4.98 -12.96 -24.24
C GLU G 219 6.41 -12.60 -24.63
N VAL G 220 7.05 -11.80 -23.78
CA VAL G 220 8.45 -11.45 -23.97
C VAL G 220 9.29 -12.24 -22.96
N PHE G 221 10.59 -12.32 -23.23
CA PHE G 221 11.51 -13.14 -22.44
C PHE G 221 12.69 -12.30 -21.98
N PRO G 222 12.58 -11.67 -20.81
CA PRO G 222 13.72 -10.97 -20.22
C PRO G 222 14.69 -11.96 -19.59
N SER G 223 15.71 -11.41 -18.93
CA SER G 223 16.75 -12.23 -18.33
C SER G 223 16.37 -12.66 -16.93
N GLN G 224 16.63 -13.93 -16.62
CA GLN G 224 16.41 -14.45 -15.27
C GLN G 224 17.58 -14.08 -14.36
N GLU G 225 17.43 -14.43 -13.09
CA GLU G 225 18.47 -14.17 -12.09
C GLU G 225 18.80 -15.46 -11.36
N PHE G 226 20.08 -15.61 -11.01
CA PHE G 226 20.53 -16.75 -10.22
C PHE G 226 20.20 -16.48 -8.75
N VAL G 227 19.21 -17.20 -8.23
CA VAL G 227 18.73 -16.99 -6.87
C VAL G 227 18.80 -18.31 -6.12
N GLU G 228 19.07 -18.20 -4.82
CA GLU G 228 19.15 -19.37 -3.95
C GLU G 228 17.74 -19.83 -3.60
N ASN G 229 17.63 -20.72 -2.61
CA ASN G 229 16.32 -21.24 -2.20
C ASN G 229 15.43 -20.08 -1.73
N SER G 230 14.24 -19.98 -2.32
CA SER G 230 13.29 -18.94 -2.00
C SER G 230 11.89 -19.42 -2.36
N LYS G 231 10.90 -18.54 -2.16
CA LYS G 231 9.52 -18.90 -2.45
C LYS G 231 9.24 -18.97 -3.95
N LEU G 232 9.83 -18.09 -4.74
CA LEU G 232 9.56 -17.99 -6.16
C LEU G 232 10.47 -18.94 -6.95
N SER G 233 9.85 -19.67 -7.89
CA SER G 233 10.59 -20.60 -8.73
C SER G 233 11.23 -19.94 -9.94
N LYS G 234 10.78 -18.75 -10.33
CA LYS G 234 11.36 -18.06 -11.48
C LYS G 234 11.10 -16.56 -11.32
N GLN G 235 12.13 -15.80 -10.98
CA GLN G 235 12.05 -14.36 -10.94
C GLN G 235 12.97 -13.76 -12.00
N LEU G 236 12.51 -12.68 -12.62
CA LEU G 236 13.18 -12.07 -13.75
C LEU G 236 13.87 -10.78 -13.33
N PHE G 237 14.94 -10.44 -14.04
CA PHE G 237 15.67 -9.21 -13.79
C PHE G 237 14.82 -8.00 -14.19
N ASP G 238 14.74 -7.03 -13.29
CA ASP G 238 13.93 -5.84 -13.53
C ASP G 238 14.59 -4.63 -12.88
N LEU G 239 14.39 -3.47 -13.48
CA LEU G 239 14.90 -2.20 -12.97
C LEU G 239 13.72 -1.32 -12.64
N ASN G 240 13.49 -1.07 -11.34
CA ASN G 240 12.37 -0.26 -10.86
C ASN G 240 11.04 -0.82 -11.35
N GLY G 241 10.92 -2.15 -11.38
CA GLY G 241 9.71 -2.81 -11.82
C GLY G 241 9.57 -2.98 -13.31
N GLN G 242 10.54 -2.54 -14.10
CA GLN G 242 10.48 -2.63 -15.55
C GLN G 242 11.43 -3.72 -16.03
N ALA G 243 10.95 -4.56 -16.95
CA ALA G 243 11.75 -5.67 -17.45
C ALA G 243 13.00 -5.14 -18.16
N ALA G 244 14.10 -5.86 -18.00
CA ALA G 244 15.39 -5.49 -18.58
C ALA G 244 16.21 -6.75 -18.86
N MET G 245 17.38 -6.55 -19.44
CA MET G 245 18.29 -7.63 -19.77
C MET G 245 19.68 -7.33 -19.23
N HIS G 246 20.37 -8.37 -18.78
CA HIS G 246 21.73 -8.22 -18.27
C HIS G 246 22.68 -7.82 -19.39
N ASP G 247 23.64 -6.97 -19.04
CA ASP G 247 24.58 -6.48 -20.04
C ASP G 247 25.62 -7.51 -20.46
N GLN G 248 25.99 -8.43 -19.56
CA GLN G 248 26.92 -9.49 -19.97
C GLN G 248 26.28 -10.43 -20.98
N LYS G 249 24.97 -10.67 -20.85
CA LYS G 249 24.25 -11.43 -21.87
C LYS G 249 24.26 -10.72 -23.23
N ILE G 250 24.10 -9.40 -23.23
CA ILE G 250 24.18 -8.64 -24.48
C ILE G 250 25.58 -8.74 -25.07
N GLY G 251 26.60 -8.59 -24.23
CA GLY G 251 27.97 -8.65 -24.72
C GLY G 251 28.40 -10.02 -25.18
N ASN G 252 27.77 -11.08 -24.66
CA ASN G 252 28.10 -12.43 -25.13
C ASN G 252 27.76 -12.61 -26.60
N ALA G 253 26.60 -12.10 -27.04
CA ALA G 253 26.19 -12.27 -28.43
C ALA G 253 26.98 -11.43 -29.41
N ILE G 254 27.56 -10.31 -28.96
CA ILE G 254 28.30 -9.43 -29.85
C ILE G 254 29.55 -10.13 -30.38
N ARG G 255 30.26 -10.87 -29.52
CA ARG G 255 31.54 -11.47 -29.87
C ARG G 255 31.41 -12.94 -30.28
N THR G 256 30.29 -13.32 -30.89
CA THR G 256 30.12 -14.68 -31.42
C THR G 256 30.62 -14.72 -32.87
N ILE G 257 31.95 -14.70 -32.99
CA ILE G 257 32.61 -14.62 -34.29
C ILE G 257 33.65 -15.72 -34.48
N ASP G 258 33.81 -16.63 -33.52
CA ASP G 258 34.86 -17.65 -33.58
C ASP G 258 34.45 -18.73 -34.57
N THR G 259 34.69 -18.45 -35.86
CA THR G 259 34.44 -19.38 -36.95
C THR G 259 35.72 -20.12 -37.33
N TRP G 260 36.83 -19.76 -36.70
CA TRP G 260 38.17 -20.11 -37.18
C TRP G 260 38.70 -21.40 -36.58
N TYR G 261 37.82 -22.34 -36.27
CA TYR G 261 38.25 -23.68 -35.88
C TYR G 261 37.77 -24.70 -36.91
N GLU G 262 38.12 -25.97 -36.70
CA GLU G 262 38.15 -26.95 -37.77
C GLU G 262 36.79 -27.21 -38.40
N ASP G 263 35.70 -27.11 -37.64
CA ASP G 263 34.39 -27.49 -38.17
C ASP G 263 33.34 -26.63 -37.47
N ALA G 264 32.09 -27.08 -37.50
CA ALA G 264 31.01 -26.54 -36.68
C ALA G 264 30.77 -25.05 -36.99
N THR G 265 30.26 -24.82 -38.19
CA THR G 265 29.80 -23.49 -38.60
C THR G 265 28.67 -23.07 -37.67
N THR G 266 28.14 -21.85 -37.85
CA THR G 266 27.29 -21.17 -36.86
C THR G 266 28.11 -20.98 -35.59
N PRO G 267 29.06 -20.03 -35.62
CA PRO G 267 30.13 -20.00 -34.61
C PRO G 267 29.67 -19.70 -33.19
N ILE G 268 30.64 -19.68 -32.27
CA ILE G 268 30.39 -19.44 -30.86
C ILE G 268 31.17 -18.21 -30.42
N ALA G 269 31.03 -17.84 -29.14
CA ALA G 269 31.74 -16.68 -28.62
C ALA G 269 33.22 -17.00 -28.41
N VAL G 270 34.04 -15.96 -28.47
CA VAL G 270 35.49 -16.11 -28.31
C VAL G 270 35.83 -16.19 -26.83
N GLU G 271 36.48 -17.28 -26.44
CA GLU G 271 36.86 -17.54 -25.05
C GLU G 271 38.07 -18.46 -25.05
N PRO G 272 38.99 -18.30 -24.10
CA PRO G 272 40.06 -19.30 -23.94
C PRO G 272 39.45 -20.66 -23.62
N TYR G 273 40.01 -21.70 -24.23
CA TYR G 273 39.40 -23.03 -24.22
C TYR G 273 37.93 -22.94 -24.65
N GLY G 274 37.74 -22.52 -25.90
CA GLY G 274 36.42 -22.15 -26.37
C GLY G 274 35.39 -23.24 -26.19
N SER G 275 34.50 -23.04 -25.22
CA SER G 275 33.57 -24.08 -24.78
C SER G 275 32.17 -23.51 -24.67
N VAL G 276 31.18 -24.38 -24.82
CA VAL G 276 29.78 -24.04 -24.65
C VAL G 276 29.23 -24.91 -23.53
N VAL G 277 29.08 -24.31 -22.34
CA VAL G 277 28.54 -25.04 -21.21
C VAL G 277 27.09 -25.44 -21.45
N ARG G 278 26.37 -24.71 -22.30
CA ARG G 278 25.00 -25.08 -22.63
C ARG G 278 24.94 -26.43 -23.33
N ASN G 279 25.86 -26.67 -24.27
CA ASN G 279 25.92 -27.94 -24.98
C ASN G 279 26.75 -28.99 -24.25
N GLY G 280 27.60 -28.59 -23.32
CA GLY G 280 28.43 -29.52 -22.59
C GLY G 280 29.71 -29.92 -23.28
N VAL G 281 29.96 -29.43 -24.49
CA VAL G 281 31.15 -29.76 -25.24
C VAL G 281 32.13 -28.59 -25.14
N ALA G 282 33.42 -28.89 -25.23
CA ALA G 282 34.47 -27.90 -25.10
C ALA G 282 35.40 -27.99 -26.31
N TYR G 283 35.21 -27.08 -27.27
CA TYR G 283 36.13 -26.99 -28.40
C TYR G 283 37.44 -26.36 -27.95
N ARG G 284 38.41 -26.36 -28.86
CA ARG G 284 39.75 -25.82 -28.59
C ARG G 284 40.35 -26.43 -27.33
N ALA G 285 40.19 -27.75 -27.20
CA ALA G 285 40.69 -28.49 -26.06
C ALA G 285 42.19 -28.73 -26.20
N GLY G 286 42.74 -29.65 -25.42
CA GLY G 286 44.15 -29.91 -25.48
C GLY G 286 44.57 -30.63 -26.75
N ASN G 287 44.43 -29.96 -27.89
CA ASN G 287 44.89 -30.47 -29.18
C ASN G 287 45.64 -29.39 -29.94
N LYS G 288 46.51 -28.67 -29.25
CA LYS G 288 47.43 -27.69 -29.84
C LYS G 288 46.68 -26.50 -30.46
N THR G 289 45.50 -26.18 -29.94
CA THR G 289 44.81 -24.92 -30.31
C THR G 289 44.20 -24.32 -29.04
N ASP G 290 45.01 -23.51 -28.36
CA ASP G 290 44.63 -22.82 -27.13
C ASP G 290 45.02 -21.35 -27.27
N LEU G 291 44.40 -20.49 -26.46
CA LEU G 291 44.84 -19.11 -26.40
C LEU G 291 46.23 -19.01 -25.79
N PHE G 292 46.46 -19.71 -24.68
CA PHE G 292 47.75 -19.67 -24.00
C PHE G 292 48.85 -20.33 -24.81
N THR G 293 48.56 -21.44 -25.49
CA THR G 293 49.58 -22.08 -26.33
C THR G 293 50.00 -21.18 -27.49
N LEU G 294 49.02 -20.62 -28.22
CA LEU G 294 49.34 -19.74 -29.33
C LEU G 294 50.04 -18.46 -28.86
N MET G 295 49.58 -17.87 -27.75
CA MET G 295 50.22 -16.66 -27.24
C MET G 295 51.64 -16.93 -26.78
N ASP G 296 51.88 -18.08 -26.14
CA ASP G 296 53.23 -18.44 -25.74
C ASP G 296 54.13 -18.71 -26.94
N GLY G 297 53.59 -19.36 -27.98
CA GLY G 297 54.39 -19.65 -29.15
C GLY G 297 54.67 -18.44 -30.03
N ALA G 298 53.79 -17.44 -29.98
CA ALA G 298 53.98 -16.25 -30.81
C ALA G 298 55.23 -15.49 -30.42
N VAL G 299 55.48 -15.32 -29.12
CA VAL G 299 56.66 -14.60 -28.67
C VAL G 299 57.92 -15.44 -28.78
N ASN G 300 57.80 -16.76 -28.80
CA ASN G 300 58.96 -17.65 -28.86
C ASN G 300 59.22 -18.10 -30.29
N GLY G 301 59.65 -17.13 -31.10
CA GLY G 301 60.07 -17.44 -32.46
C GLY G 301 58.98 -17.41 -33.50
N LYS G 302 58.43 -18.59 -33.84
CA LYS G 302 57.49 -18.72 -34.93
C LYS G 302 56.24 -17.88 -34.68
N SER G 303 55.74 -17.22 -35.72
CA SER G 303 54.54 -16.41 -35.63
C SER G 303 53.30 -17.26 -35.84
N LEU G 304 52.16 -16.60 -35.99
CA LEU G 304 50.89 -17.27 -36.20
C LEU G 304 50.32 -16.94 -37.58
N THR G 305 49.19 -17.55 -37.90
CA THR G 305 48.52 -17.33 -39.18
C THR G 305 47.54 -16.18 -39.04
N GLU G 306 46.82 -15.87 -40.12
CA GLU G 306 45.85 -14.77 -40.09
C GLU G 306 44.70 -15.06 -39.14
N GLU G 307 44.09 -16.25 -39.24
CA GLU G 307 43.00 -16.62 -38.35
C GLU G 307 43.46 -16.69 -36.89
N ASP G 308 44.66 -17.23 -36.64
CA ASP G 308 45.19 -17.27 -35.29
C ASP G 308 45.45 -15.87 -34.75
N GLN G 309 46.01 -14.98 -35.57
CA GLN G 309 46.22 -13.60 -35.12
C GLN G 309 44.91 -12.91 -34.81
N MET G 310 43.90 -13.09 -35.65
CA MET G 310 42.58 -12.53 -35.38
C MET G 310 41.94 -13.11 -34.13
N PHE G 311 42.10 -14.41 -33.87
CA PHE G 311 41.62 -15.02 -32.63
C PHE G 311 42.32 -14.46 -31.40
N VAL G 312 43.64 -14.31 -31.46
CA VAL G 312 44.39 -13.78 -30.31
C VAL G 312 43.98 -12.33 -30.05
N THR G 313 43.88 -11.52 -31.11
CA THR G 313 43.46 -10.13 -30.94
C THR G 313 42.05 -10.04 -30.39
N ALA G 314 41.13 -10.87 -30.89
CA ALA G 314 39.76 -10.87 -30.38
C ALA G 314 39.70 -11.29 -28.92
N ASN G 315 40.49 -12.27 -28.52
CA ASN G 315 40.53 -12.72 -27.13
C ASN G 315 41.25 -11.73 -26.22
N LEU G 316 42.14 -10.91 -26.75
CA LEU G 316 42.73 -9.81 -25.99
C LEU G 316 41.81 -8.62 -25.83
N ILE G 317 40.95 -8.35 -26.83
CA ILE G 317 39.94 -7.30 -26.67
C ILE G 317 39.01 -7.64 -25.52
N ARG G 318 38.58 -8.90 -25.44
CA ARG G 318 37.92 -9.40 -24.25
C ARG G 318 38.91 -9.49 -23.11
N GLY G 319 38.45 -9.22 -21.89
CA GLY G 319 39.33 -9.23 -20.72
C GLY G 319 39.72 -10.62 -20.29
N GLY G 320 40.13 -10.73 -19.04
CA GLY G 320 40.51 -12.00 -18.45
C GLY G 320 41.86 -11.95 -17.78
N VAL G 321 42.22 -13.06 -17.16
CA VAL G 321 43.49 -13.23 -16.47
C VAL G 321 44.29 -14.30 -17.20
N PHE G 322 45.56 -14.01 -17.47
CA PHE G 322 46.45 -14.92 -18.19
C PHE G 322 47.77 -15.00 -17.43
N GLY G 323 47.85 -15.94 -16.49
CA GLY G 323 49.07 -16.11 -15.72
C GLY G 323 48.96 -17.15 -14.62
N GLY G 324 49.99 -17.96 -14.45
CA GLY G 324 49.98 -18.99 -13.44
C GLY G 324 50.91 -20.15 -13.76
N LYS H 24 81.72 11.00 10.35
CA LYS H 24 81.09 10.51 9.13
C LYS H 24 79.60 10.89 9.10
N LEU H 25 79.08 11.29 10.26
CA LEU H 25 77.68 11.69 10.42
C LEU H 25 76.74 10.57 9.97
N LYS H 26 76.82 9.44 10.69
CA LYS H 26 76.00 8.29 10.38
C LYS H 26 74.53 8.58 10.72
N ALA H 27 73.64 8.07 9.87
CA ALA H 27 72.22 8.34 10.02
C ALA H 27 71.66 7.65 11.27
N PRO H 28 70.63 8.22 11.89
CA PRO H 28 70.05 7.61 13.08
C PRO H 28 69.37 6.29 12.75
N ALA H 29 69.18 5.47 13.79
CA ALA H 29 68.61 4.14 13.60
C ALA H 29 67.19 4.21 13.05
N VAL H 30 66.37 5.11 13.58
CA VAL H 30 65.00 5.31 13.12
C VAL H 30 64.82 6.79 12.85
N LEU H 31 64.36 7.13 11.65
CA LEU H 31 64.06 8.51 11.30
C LEU H 31 62.66 8.55 10.68
N ALA H 32 61.84 9.50 11.13
CA ALA H 32 60.45 9.54 10.72
C ALA H 32 60.07 10.95 10.30
N TYR H 33 59.07 11.04 9.42
CA TYR H 33 58.52 12.31 8.96
C TYR H 33 57.01 12.17 8.80
N SER H 34 56.32 13.30 8.86
CA SER H 34 54.88 13.31 8.75
C SER H 34 54.45 13.50 7.29
N ARG H 35 53.16 13.38 7.04
CA ARG H 35 52.60 13.52 5.71
C ARG H 35 52.11 14.95 5.51
N LYS H 36 52.65 15.61 4.47
CA LYS H 36 52.37 17.02 4.24
C LYS H 36 51.18 17.28 3.33
N ILE H 37 50.58 16.25 2.74
CA ILE H 37 49.41 16.39 1.88
C ILE H 37 48.34 15.45 2.43
N ASN H 38 47.21 16.01 2.84
CA ASN H 38 46.14 15.24 3.46
C ASN H 38 44.90 15.24 2.58
N PRO H 39 44.62 14.15 1.87
CA PRO H 39 43.36 14.04 1.13
C PRO H 39 42.28 13.36 1.98
N THR H 40 41.05 13.41 1.45
CA THR H 40 39.90 12.80 2.10
C THR H 40 39.24 11.81 1.16
N ASN H 41 38.21 11.13 1.66
CA ASN H 41 37.49 10.15 0.86
C ASN H 41 36.59 10.87 -0.14
N ALA H 42 36.76 10.57 -1.42
CA ALA H 42 35.94 11.18 -2.46
C ALA H 42 34.53 10.60 -2.44
N LEU H 43 33.56 11.45 -2.74
CA LEU H 43 32.15 11.05 -2.77
C LEU H 43 31.62 11.16 -4.20
N MET H 44 30.74 10.22 -4.54
CA MET H 44 30.21 10.07 -5.89
C MET H 44 28.73 10.39 -5.90
N PHE H 45 28.29 11.16 -6.90
CA PHE H 45 26.90 11.52 -7.09
C PHE H 45 26.57 11.48 -8.59
N ALA H 46 25.28 11.41 -8.90
CA ALA H 46 24.81 11.37 -10.27
C ALA H 46 23.98 12.61 -10.55
N VAL H 47 24.39 13.39 -11.53
CA VAL H 47 23.71 14.61 -11.94
C VAL H 47 23.64 14.67 -13.46
N ASN H 48 22.93 15.67 -13.96
CA ASN H 48 22.84 15.94 -15.39
C ASN H 48 23.87 16.99 -15.80
N TRP H 49 24.14 17.06 -17.10
CA TRP H 49 25.12 18.01 -17.60
C TRP H 49 24.62 19.44 -17.55
N SER H 50 23.31 19.65 -17.58
CA SER H 50 22.72 20.98 -17.51
C SER H 50 21.97 21.23 -16.22
N ASP H 51 21.94 20.26 -15.30
CA ASP H 51 21.22 20.35 -14.04
C ASP H 51 22.11 19.89 -12.89
N ARG H 52 23.33 20.41 -12.85
CA ARG H 52 24.33 19.98 -11.88
C ARG H 52 24.10 20.56 -10.48
N ASP H 53 22.92 21.11 -10.21
CA ASP H 53 22.61 21.66 -8.90
C ASP H 53 22.17 20.57 -7.92
N ASN H 54 21.15 19.81 -8.29
CA ASN H 54 20.66 18.75 -7.44
C ASN H 54 21.40 17.44 -7.72
N THR H 55 21.84 16.77 -6.66
CA THR H 55 22.63 15.56 -6.78
C THR H 55 21.87 14.36 -6.22
N THR H 56 22.19 13.19 -6.76
CA THR H 56 21.60 11.93 -6.30
C THR H 56 22.72 10.95 -5.97
N ALA H 57 22.62 10.34 -4.80
CA ALA H 57 23.63 9.39 -4.35
C ALA H 57 23.57 8.12 -5.20
N VAL H 58 24.72 7.44 -5.29
CA VAL H 58 24.88 6.24 -6.09
C VAL H 58 25.07 5.07 -5.12
N MET H 59 24.15 4.11 -5.17
CA MET H 59 24.25 2.91 -4.33
C MET H 59 25.15 1.89 -5.00
N VAL H 60 25.28 0.72 -4.38
CA VAL H 60 26.19 -0.31 -4.88
C VAL H 60 25.40 -1.49 -5.46
N GLY H 61 24.67 -2.20 -4.61
CA GLY H 61 23.94 -3.37 -5.06
C GLY H 61 24.86 -4.57 -5.25
N THR H 62 24.23 -5.73 -5.45
CA THR H 62 24.93 -6.99 -5.59
C THR H 62 24.25 -7.82 -6.66
N LYS H 63 25.04 -8.51 -7.49
CA LYS H 63 24.51 -9.35 -8.54
C LYS H 63 25.26 -10.67 -8.59
N THR H 64 24.72 -11.61 -9.34
CA THR H 64 25.29 -12.94 -9.51
C THR H 64 25.46 -13.21 -11.01
N VAL H 65 26.64 -13.71 -11.38
CA VAL H 65 26.97 -13.95 -12.78
C VAL H 65 27.35 -15.41 -12.96
N ALA H 66 27.18 -15.90 -14.19
CA ALA H 66 27.53 -17.25 -14.59
C ALA H 66 28.42 -17.20 -15.82
N GLY H 67 29.32 -18.15 -15.91
CA GLY H 67 30.27 -18.20 -17.00
C GLY H 67 31.00 -19.52 -17.05
N THR H 68 32.17 -19.49 -17.69
CA THR H 68 33.01 -20.67 -17.87
C THR H 68 34.25 -20.58 -16.98
N GLN H 69 35.05 -21.63 -17.01
CA GLN H 69 36.29 -21.72 -16.24
C GLN H 69 37.46 -21.68 -17.23
N SER H 70 38.14 -20.54 -17.29
CA SER H 70 39.28 -20.35 -18.18
C SER H 70 40.50 -20.02 -17.30
N VAL H 71 41.19 -21.06 -16.84
CA VAL H 71 42.37 -20.93 -16.02
C VAL H 71 43.53 -21.64 -16.70
N ARG H 72 44.67 -20.97 -16.76
CA ARG H 72 45.85 -21.52 -17.43
C ARG H 72 46.36 -22.73 -16.66
N GLY H 73 46.67 -23.79 -17.39
CA GLY H 73 47.20 -25.02 -16.79
C GLY H 73 46.16 -26.04 -16.42
N ASN H 74 44.86 -25.77 -16.64
CA ASN H 74 43.79 -26.70 -16.31
C ASN H 74 42.90 -26.87 -17.55
N PRO H 75 43.33 -27.67 -18.52
CA PRO H 75 42.56 -27.82 -19.76
C PRO H 75 41.43 -28.82 -19.70
N ASN H 76 41.49 -29.81 -18.80
CA ASN H 76 40.46 -30.84 -18.75
C ASN H 76 39.24 -30.42 -17.92
N ASP H 77 39.28 -29.25 -17.29
CA ASP H 77 38.18 -28.75 -16.48
C ASP H 77 37.56 -27.49 -17.07
N ALA H 78 37.64 -27.35 -18.40
CA ALA H 78 37.14 -26.16 -19.08
C ALA H 78 35.72 -26.32 -19.62
N ASP H 79 35.10 -27.48 -19.43
CA ASP H 79 33.75 -27.73 -19.91
C ASP H 79 32.69 -27.55 -18.83
N LYS H 80 33.08 -27.10 -17.64
CA LYS H 80 32.14 -26.89 -16.55
C LYS H 80 31.80 -25.41 -16.40
N GLY H 81 30.76 -25.13 -15.61
CA GLY H 81 30.31 -23.78 -15.39
C GLY H 81 31.05 -23.08 -14.26
N ASN H 82 30.59 -21.88 -13.96
CA ASN H 82 31.21 -21.06 -12.91
C ASN H 82 30.20 -20.01 -12.46
N ILE H 83 29.86 -20.03 -11.18
CA ILE H 83 28.89 -19.10 -10.60
C ILE H 83 29.63 -18.21 -9.61
N GLN H 84 29.49 -16.90 -9.77
CA GLN H 84 30.15 -15.94 -8.89
C GLN H 84 29.15 -14.88 -8.44
N THR H 85 29.39 -14.31 -7.27
CA THR H 85 28.60 -13.21 -6.75
C THR H 85 29.49 -12.00 -6.56
N VAL H 86 29.12 -10.88 -7.16
CA VAL H 86 29.95 -9.68 -7.19
C VAL H 86 29.11 -8.45 -6.86
N ASN H 87 29.80 -7.34 -6.65
CA ASN H 87 29.19 -6.04 -6.49
C ASN H 87 29.38 -5.23 -7.77
N PHE H 88 28.62 -4.14 -7.89
CA PHE H 88 28.73 -3.28 -9.05
C PHE H 88 28.34 -1.85 -8.64
N ALA H 89 28.42 -0.94 -9.61
CA ALA H 89 28.02 0.44 -9.40
C ALA H 89 27.91 1.11 -10.75
N ASN H 90 26.77 1.72 -11.05
CA ASN H 90 26.59 2.40 -12.32
C ASN H 90 25.54 3.49 -12.16
N LEU H 91 25.58 4.45 -13.08
CA LEU H 91 24.65 5.57 -13.04
C LEU H 91 23.24 5.11 -13.38
N PRO H 92 22.22 5.80 -12.88
CA PRO H 92 20.84 5.50 -13.28
C PRO H 92 20.60 5.88 -14.73
N HIS H 93 19.48 5.42 -15.26
CA HIS H 93 19.16 5.62 -16.67
C HIS H 93 18.60 7.01 -16.96
N ASN H 94 18.34 7.83 -15.93
CA ASN H 94 17.90 9.19 -16.13
C ASN H 94 19.00 10.21 -15.86
N LYS H 95 20.19 9.77 -15.43
CA LYS H 95 21.32 10.64 -15.17
C LYS H 95 22.48 10.25 -16.08
N ASN H 96 23.22 11.26 -16.56
CA ASN H 96 24.32 11.02 -17.48
C ASN H 96 25.57 11.81 -17.10
N THR H 97 25.79 12.03 -15.80
CA THR H 97 26.95 12.78 -15.35
C THR H 97 27.37 12.28 -13.97
N LEU H 98 28.65 11.93 -13.84
CA LEU H 98 29.21 11.53 -12.56
C LEU H 98 29.95 12.69 -11.92
N LEU H 99 29.62 13.00 -10.67
CA LEU H 99 30.25 14.06 -9.92
C LEU H 99 31.04 13.44 -8.78
N VAL H 100 32.34 13.74 -8.75
CA VAL H 100 33.23 13.25 -7.71
C VAL H 100 33.79 14.44 -6.94
N LYS H 101 33.52 14.48 -5.64
CA LYS H 101 33.90 15.64 -4.83
C LYS H 101 34.76 15.22 -3.65
N TYR H 102 35.77 16.02 -3.35
CA TYR H 102 36.65 15.76 -2.22
C TYR H 102 37.40 17.03 -1.85
N ASN H 103 38.26 16.90 -0.84
CA ASN H 103 39.04 18.01 -0.31
C ASN H 103 40.50 17.58 -0.13
N VAL H 104 41.41 18.56 -0.23
CA VAL H 104 42.83 18.34 -0.02
C VAL H 104 43.33 19.42 0.92
N LYS H 105 44.26 19.07 1.81
CA LYS H 105 44.88 20.02 2.72
C LYS H 105 46.39 19.98 2.53
N PHE H 106 46.99 21.15 2.34
CA PHE H 106 48.45 21.28 2.24
C PHE H 106 48.96 22.00 3.48
N VAL H 107 49.93 21.40 4.16
CA VAL H 107 50.53 21.97 5.36
C VAL H 107 52.04 22.05 5.17
N GLY H 108 52.66 22.95 5.91
CA GLY H 108 54.09 23.19 5.86
C GLY H 108 54.85 22.46 6.93
N ASP H 109 55.77 23.18 7.57
CA ASP H 109 56.62 22.65 8.65
C ASP H 109 57.41 21.43 8.17
N VAL H 110 58.01 21.58 6.98
CA VAL H 110 58.84 20.54 6.39
C VAL H 110 60.18 20.57 7.12
N PHE H 111 60.98 19.51 6.97
CA PHE H 111 62.29 19.37 7.62
C PHE H 111 62.16 19.34 9.14
N LYS H 112 61.10 18.70 9.65
CA LYS H 112 60.89 18.54 11.09
C LYS H 112 60.65 17.06 11.35
N ALA H 113 61.68 16.36 11.82
CA ALA H 113 61.58 14.93 12.07
C ALA H 113 60.65 14.64 13.24
N GLU H 114 59.94 13.52 13.12
CA GLU H 114 59.01 13.11 14.18
C GLU H 114 59.66 12.19 15.19
N LEU H 115 60.71 11.48 14.81
CA LEU H 115 61.40 10.55 15.70
C LEU H 115 62.90 10.73 15.52
N GLY H 116 63.56 11.28 16.54
CA GLY H 116 65.01 11.43 16.52
C GLY H 116 65.47 12.54 15.59
N GLY H 117 66.78 12.72 15.58
CA GLY H 117 67.39 13.73 14.72
C GLY H 117 67.75 15.01 15.45
N GLY H 118 69.02 15.16 15.80
CA GLY H 118 69.49 16.37 16.44
C GLY H 118 70.60 17.04 15.66
N GLU H 119 71.31 16.26 14.86
CA GLU H 119 72.38 16.77 14.01
C GLU H 119 72.24 16.32 12.56
N TYR H 120 71.78 15.10 12.33
CA TYR H 120 71.54 14.64 10.96
C TYR H 120 70.42 15.43 10.30
N SER H 121 69.32 15.65 11.02
CA SER H 121 68.20 16.42 10.48
C SER H 121 68.58 17.87 10.19
N ASN H 122 69.33 18.51 11.10
CA ASN H 122 69.77 19.87 10.87
C ASN H 122 70.72 19.98 9.69
N THR H 123 71.66 19.03 9.56
CA THR H 123 72.55 19.03 8.41
C THR H 123 71.79 18.82 7.11
N LEU H 124 70.81 17.92 7.10
CA LEU H 124 69.99 17.72 5.91
C LEU H 124 69.19 18.98 5.57
N GLN H 125 68.64 19.65 6.58
CA GLN H 125 67.89 20.88 6.34
C GLN H 125 68.79 21.97 5.76
N THR H 126 70.00 22.12 6.30
CA THR H 126 70.94 23.09 5.77
C THR H 126 71.36 22.76 4.35
N ALA H 127 71.61 21.48 4.05
CA ALA H 127 71.95 21.10 2.69
C ALA H 127 70.79 21.34 1.72
N LEU H 128 69.57 21.14 2.19
CA LEU H 128 68.38 21.38 1.37
C LEU H 128 67.92 22.83 1.57
N GLU H 129 66.69 23.14 1.14
CA GLU H 129 66.04 24.44 1.13
C GLU H 129 66.56 25.33 0.01
N ASN H 130 67.57 24.92 -0.73
CA ASN H 130 68.01 25.64 -1.92
C ASN H 130 67.32 25.14 -3.19
N THR H 131 66.49 24.10 -3.08
CA THR H 131 65.78 23.57 -4.23
C THR H 131 64.60 24.47 -4.59
N ASP H 132 64.05 24.25 -5.78
CA ASP H 132 62.93 25.03 -6.28
C ASP H 132 61.63 24.29 -5.95
N PHE H 133 60.87 24.83 -5.00
CA PHE H 133 59.56 24.26 -4.67
C PHE H 133 58.50 24.63 -5.68
N GLY H 134 58.78 25.58 -6.57
CA GLY H 134 57.77 25.98 -7.55
C GLY H 134 57.38 24.87 -8.49
N THR H 135 58.36 24.11 -8.98
CA THR H 135 58.06 22.98 -9.87
C THR H 135 57.25 21.90 -9.17
N LEU H 136 57.61 21.56 -7.93
CA LEU H 136 56.86 20.55 -7.18
C LEU H 136 55.43 21.01 -6.94
N ALA H 137 55.24 22.27 -6.54
CA ALA H 137 53.90 22.80 -6.35
C ALA H 137 53.11 22.85 -7.65
N TYR H 138 53.76 23.18 -8.76
CA TYR H 138 53.07 23.18 -10.05
C TYR H 138 52.62 21.78 -10.44
N ARG H 139 53.49 20.78 -10.29
CA ARG H 139 53.15 19.41 -10.63
C ARG H 139 52.06 18.83 -9.73
N TYR H 140 52.11 19.10 -8.42
CA TYR H 140 51.09 18.58 -7.52
C TYR H 140 49.72 19.13 -7.87
N VAL H 141 49.63 20.44 -8.15
CA VAL H 141 48.36 21.04 -8.54
C VAL H 141 47.93 20.56 -9.92
N TYR H 142 48.87 20.36 -10.85
CA TYR H 142 48.52 19.90 -12.19
C TYR H 142 47.97 18.48 -12.17
N ASN H 143 48.49 17.62 -11.29
CA ASN H 143 47.95 16.26 -11.20
C ASN H 143 46.50 16.26 -10.77
N ILE H 144 46.04 17.31 -10.09
CA ILE H 144 44.64 17.42 -9.72
C ILE H 144 43.84 18.12 -10.81
N ALA H 145 44.38 19.19 -11.38
CA ALA H 145 43.65 19.98 -12.37
C ALA H 145 43.45 19.21 -13.67
N ALA H 146 44.50 18.55 -14.17
CA ALA H 146 44.39 17.83 -15.43
C ALA H 146 43.45 16.63 -15.32
N GLY H 147 43.28 16.09 -14.12
CA GLY H 147 42.37 14.99 -13.93
C GLY H 147 43.04 13.64 -13.84
N ARG H 148 44.17 13.56 -13.14
CA ARG H 148 44.80 12.28 -12.88
C ARG H 148 44.35 11.68 -11.56
N THR H 149 43.79 12.49 -10.67
CA THR H 149 43.33 12.00 -9.38
C THR H 149 42.19 11.00 -9.53
N LEU H 150 41.42 11.09 -10.61
CA LEU H 150 40.35 10.14 -10.85
C LEU H 150 40.84 9.06 -11.80
N TRP H 151 40.69 7.81 -11.38
CA TRP H 151 41.18 6.62 -12.06
C TRP H 151 40.22 6.20 -13.18
N ARG H 152 40.24 4.91 -13.53
CA ARG H 152 39.72 4.35 -14.78
C ARG H 152 38.34 4.87 -15.16
N ASN H 153 37.63 5.52 -14.24
CA ASN H 153 36.45 6.29 -14.62
C ASN H 153 36.75 7.34 -15.70
N ARG H 154 38.02 7.63 -15.96
CA ARG H 154 38.38 8.62 -16.97
C ARG H 154 37.94 8.19 -18.36
N VAL H 155 38.16 6.92 -18.71
CA VAL H 155 37.93 6.45 -20.08
C VAL H 155 36.44 6.46 -20.38
N GLY H 156 36.10 6.69 -21.65
CA GLY H 156 34.72 6.75 -22.08
C GLY H 156 34.05 8.08 -21.89
N ALA H 157 34.75 9.10 -21.42
CA ALA H 157 34.18 10.42 -21.19
C ALA H 157 34.65 11.39 -22.27
N GLU H 158 33.69 12.07 -22.89
CA GLU H 158 33.99 13.04 -23.95
C GLU H 158 34.24 14.44 -23.43
N SER H 159 34.01 14.69 -22.13
CA SER H 159 34.22 16.01 -21.56
C SER H 159 34.40 15.87 -20.05
N ILE H 160 35.53 16.36 -19.55
CA ILE H 160 35.83 16.34 -18.11
C ILE H 160 36.01 17.78 -17.66
N GLU H 161 35.26 18.17 -16.63
CA GLU H 161 35.31 19.52 -16.09
C GLU H 161 35.75 19.45 -14.63
N THR H 162 36.69 20.32 -14.26
CA THR H 162 37.22 20.36 -12.89
C THR H 162 36.93 21.73 -12.29
N VAL H 163 36.32 21.75 -11.11
CA VAL H 163 36.06 22.98 -10.38
C VAL H 163 36.87 22.92 -9.10
N ILE H 164 37.74 23.90 -8.90
CA ILE H 164 38.63 23.94 -7.75
C ILE H 164 38.39 25.23 -6.99
N THR H 165 38.26 25.13 -5.67
CA THR H 165 37.93 26.26 -4.82
C THR H 165 38.97 26.41 -3.72
N VAL H 166 39.48 27.62 -3.54
CA VAL H 166 40.44 27.92 -2.48
C VAL H 166 40.40 29.42 -2.21
N ASN H 167 40.34 29.79 -0.93
CA ASN H 167 40.33 31.19 -0.49
C ASN H 167 39.24 32.00 -1.19
N ASP H 168 38.07 31.40 -1.35
CA ASP H 168 36.92 32.03 -2.01
C ASP H 168 37.32 32.57 -3.38
N GLN H 169 37.91 31.70 -4.19
CA GLN H 169 38.34 32.07 -5.55
C GLN H 169 38.33 30.80 -6.38
N THR H 170 37.28 30.62 -7.18
CA THR H 170 37.07 29.38 -7.91
C THR H 170 37.75 29.42 -9.27
N PHE H 171 38.20 28.26 -9.72
CA PHE H 171 38.78 28.09 -11.05
C PHE H 171 38.16 26.88 -11.72
N THR H 172 38.00 26.98 -13.04
CA THR H 172 37.41 25.92 -13.84
C THR H 172 38.42 25.47 -14.89
N PHE H 173 38.59 24.16 -15.02
CA PHE H 173 39.55 23.57 -15.94
C PHE H 173 38.87 22.55 -16.84
N SER H 174 39.28 22.56 -18.11
CA SER H 174 38.93 21.54 -19.09
C SER H 174 40.19 21.06 -19.79
N ASP H 175 41.24 20.85 -19.01
CA ASP H 175 42.58 20.61 -19.55
C ASP H 175 42.75 19.14 -19.93
N LEU H 176 43.28 18.91 -21.12
CA LEU H 176 43.65 17.58 -21.61
C LEU H 176 45.15 17.38 -21.37
N LEU H 177 45.70 16.30 -21.94
CA LEU H 177 47.13 15.99 -21.88
C LEU H 177 47.60 15.87 -20.43
N VAL H 178 47.08 14.82 -19.77
CA VAL H 178 47.43 14.57 -18.38
C VAL H 178 48.93 14.33 -18.24
N ASN H 179 49.53 13.65 -19.21
CA ASN H 179 50.98 13.48 -19.21
C ASN H 179 51.66 14.68 -19.88
N GLU H 180 52.99 14.71 -19.80
CA GLU H 180 53.80 15.77 -20.39
C GLU H 180 53.38 17.14 -19.85
N PHE H 181 53.65 17.32 -18.55
CA PHE H 181 53.30 18.54 -17.84
C PHE H 181 53.72 19.77 -18.63
N ASP H 182 52.74 20.58 -19.03
CA ASP H 182 52.96 21.75 -19.86
C ASP H 182 52.63 23.01 -19.08
N GLU H 183 53.08 24.14 -19.61
CA GLU H 183 52.86 25.44 -18.99
C GLU H 183 51.41 25.88 -19.14
N ASP H 184 50.82 26.34 -18.04
CA ASP H 184 49.46 26.83 -18.04
C ASP H 184 49.40 28.13 -17.26
N VAL H 185 48.42 28.98 -17.61
CA VAL H 185 48.31 30.28 -16.97
C VAL H 185 47.51 30.25 -15.67
N ASP H 186 46.42 29.48 -15.62
CA ASP H 186 45.57 29.45 -14.44
C ASP H 186 46.16 28.62 -13.31
N VAL H 187 47.01 27.63 -13.61
CA VAL H 187 47.56 26.77 -12.58
C VAL H 187 48.63 27.51 -11.78
N ALA H 188 49.21 28.57 -12.35
CA ALA H 188 50.26 29.33 -11.66
C ALA H 188 49.76 30.00 -10.38
N GLU H 189 48.54 30.55 -10.40
CA GLU H 189 47.99 31.23 -9.24
C GLU H 189 47.71 30.28 -8.08
N ILE H 190 47.73 28.98 -8.31
CA ILE H 190 47.64 28.01 -7.21
C ILE H 190 49.01 27.44 -6.87
N ALA H 191 49.86 27.26 -7.90
CA ALA H 191 51.20 26.75 -7.68
C ALA H 191 52.03 27.70 -6.83
N ASP H 192 51.93 29.01 -7.07
CA ASP H 192 52.66 29.97 -6.25
C ASP H 192 52.21 29.95 -4.80
N MET H 193 50.91 29.82 -4.53
CA MET H 193 50.43 29.71 -3.16
C MET H 193 50.92 28.43 -2.50
N VAL H 194 50.89 27.30 -3.22
CA VAL H 194 51.35 26.04 -2.64
C VAL H 194 52.84 26.09 -2.36
N ALA H 195 53.62 26.73 -3.23
CA ALA H 195 55.05 26.88 -3.00
C ALA H 195 55.35 27.66 -1.73
N GLY H 196 54.60 28.74 -1.46
CA GLY H 196 54.76 29.46 -0.21
C GLY H 196 54.44 28.64 1.02
N VAL H 197 53.39 27.82 0.95
CA VAL H 197 53.07 26.92 2.06
C VAL H 197 54.16 25.88 2.28
N LEU H 198 54.72 25.33 1.20
CA LEU H 198 55.70 24.25 1.34
C LEU H 198 56.95 24.71 2.08
N SER H 199 57.48 25.88 1.77
CA SER H 199 58.70 26.37 2.44
C SER H 199 58.38 27.23 3.65
N GLY H 200 57.47 26.75 4.50
CA GLY H 200 57.22 27.34 5.80
C GLY H 200 56.06 28.30 5.82
N GLU H 201 54.89 27.81 6.23
CA GLU H 201 53.66 28.60 6.38
C GLU H 201 52.70 27.77 7.22
N GLY H 202 51.43 28.17 7.23
CA GLY H 202 50.41 27.43 7.93
C GLY H 202 49.79 26.34 7.09
N PHE H 203 48.49 26.43 6.82
CA PHE H 203 47.80 25.40 6.06
C PHE H 203 46.86 26.05 5.05
N VAL H 204 46.62 25.34 3.95
CA VAL H 204 45.65 25.74 2.94
C VAL H 204 44.78 24.54 2.60
N THR H 205 43.56 24.84 2.14
CA THR H 205 42.58 23.81 1.81
C THR H 205 42.03 24.07 0.42
N LEU H 206 41.91 23.00 -0.37
CA LEU H 206 41.42 23.07 -1.73
C LEU H 206 40.26 22.08 -1.90
N LYS H 207 39.12 22.58 -2.35
CA LYS H 207 37.93 21.76 -2.58
C LYS H 207 37.85 21.45 -4.07
N VAL H 208 37.79 20.17 -4.42
CA VAL H 208 37.88 19.72 -5.80
C VAL H 208 36.61 18.97 -6.17
N GLU H 209 36.04 19.32 -7.32
CA GLU H 209 34.87 18.65 -7.86
C GLU H 209 35.14 18.31 -9.33
N HIS H 210 34.73 17.11 -9.73
CA HIS H 210 34.92 16.63 -11.09
C HIS H 210 33.59 16.20 -11.70
N TYR H 211 33.33 16.68 -12.92
CA TYR H 211 32.16 16.31 -13.70
C TYR H 211 32.61 15.61 -14.96
N MET H 212 31.87 14.56 -15.34
CA MET H 212 32.18 13.78 -16.53
C MET H 212 30.92 13.58 -17.34
N LEU H 213 31.08 13.01 -18.53
CA LEU H 213 29.98 12.79 -19.47
C LEU H 213 29.99 11.34 -19.94
N LEU H 214 30.06 10.40 -19.00
CA LEU H 214 30.11 8.99 -19.34
C LEU H 214 28.88 8.55 -20.12
N GLY H 215 27.70 8.98 -19.68
CA GLY H 215 26.46 8.61 -20.33
C GLY H 215 25.45 8.01 -19.39
N GLU H 216 24.30 7.61 -19.93
CA GLU H 216 23.23 7.03 -19.12
C GLU H 216 23.47 5.53 -18.95
N GLY H 217 23.51 5.08 -17.70
CA GLY H 217 23.74 3.68 -17.40
C GLY H 217 25.18 3.24 -17.45
N SER H 218 26.13 4.15 -17.61
CA SER H 218 27.53 3.78 -17.67
C SER H 218 28.01 3.30 -16.31
N GLU H 219 28.93 2.33 -16.34
CA GLU H 219 29.47 1.74 -15.13
C GLU H 219 30.56 2.62 -14.54
N VAL H 220 30.56 2.74 -13.22
CA VAL H 220 31.59 3.50 -12.50
C VAL H 220 32.43 2.52 -11.70
N PHE H 221 33.64 2.96 -11.35
CA PHE H 221 34.64 2.10 -10.73
C PHE H 221 35.11 2.70 -9.42
N PRO H 222 34.43 2.42 -8.31
CA PRO H 222 34.89 2.85 -7.00
C PRO H 222 36.06 1.98 -6.53
N SER H 223 36.59 2.31 -5.37
CA SER H 223 37.74 1.61 -4.82
C SER H 223 37.34 0.21 -4.33
N GLN H 224 38.26 -0.74 -4.47
CA GLN H 224 38.06 -2.07 -3.95
C GLN H 224 38.75 -2.23 -2.60
N GLU H 225 38.60 -3.43 -2.03
CA GLU H 225 39.21 -3.74 -0.73
C GLU H 225 39.80 -5.14 -0.77
N PHE H 226 40.85 -5.35 0.01
CA PHE H 226 41.42 -6.68 0.20
C PHE H 226 40.84 -7.29 1.48
N VAL H 227 39.89 -8.20 1.33
CA VAL H 227 39.17 -8.81 2.45
C VAL H 227 39.24 -10.32 2.28
N GLU H 228 39.37 -11.02 3.40
CA GLU H 228 39.44 -12.47 3.42
C GLU H 228 38.13 -13.02 2.83
N ASN H 229 38.15 -14.27 2.37
CA ASN H 229 37.05 -14.84 1.61
C ASN H 229 35.74 -14.74 2.38
N SER H 230 34.69 -14.32 1.69
CA SER H 230 33.37 -14.13 2.28
C SER H 230 32.34 -14.60 1.26
N LYS H 231 31.08 -14.21 1.48
CA LYS H 231 30.01 -14.59 0.56
C LYS H 231 30.14 -13.90 -0.80
N LEU H 232 31.00 -12.89 -0.91
CA LEU H 232 31.19 -12.17 -2.16
C LEU H 232 32.57 -12.45 -2.74
N SER H 233 32.73 -12.16 -4.03
CA SER H 233 34.00 -12.32 -4.71
C SER H 233 34.68 -11.00 -5.03
N LYS H 234 33.92 -9.91 -5.10
CA LYS H 234 34.49 -8.59 -5.36
C LYS H 234 33.65 -7.57 -4.60
N GLN H 235 34.22 -7.01 -3.53
CA GLN H 235 33.53 -6.06 -2.68
C GLN H 235 34.10 -4.66 -2.87
N LEU H 236 33.19 -3.70 -3.09
CA LEU H 236 33.57 -2.32 -3.34
C LEU H 236 33.40 -1.49 -2.07
N PHE H 237 34.28 -0.51 -1.92
CA PHE H 237 34.26 0.39 -0.76
C PHE H 237 33.02 1.27 -0.81
N ASP H 238 32.39 1.47 0.34
CA ASP H 238 31.21 2.33 0.45
C ASP H 238 31.14 2.92 1.84
N LEU H 239 30.42 4.04 1.95
CA LEU H 239 30.20 4.72 3.22
C LEU H 239 28.70 4.89 3.42
N ASN H 240 28.12 4.01 4.25
CA ASN H 240 26.68 4.00 4.51
C ASN H 240 25.90 3.86 3.21
N GLY H 241 26.26 2.87 2.40
CA GLY H 241 25.52 2.54 1.20
C GLY H 241 25.85 3.37 -0.02
N GLN H 242 26.80 4.30 0.07
CA GLN H 242 27.17 5.16 -1.04
C GLN H 242 28.60 4.88 -1.46
N ALA H 243 28.81 4.72 -2.77
CA ALA H 243 30.13 4.40 -3.29
C ALA H 243 31.09 5.56 -3.04
N ALA H 244 32.32 5.22 -2.65
CA ALA H 244 33.36 6.20 -2.36
C ALA H 244 34.72 5.62 -2.73
N MET H 245 35.76 6.42 -2.55
CA MET H 245 37.13 6.01 -2.85
C MET H 245 38.02 6.24 -1.64
N HIS H 246 39.00 5.36 -1.48
CA HIS H 246 39.93 5.46 -0.36
C HIS H 246 40.81 6.70 -0.49
N ASP H 247 41.21 7.24 0.66
CA ASP H 247 42.11 8.38 0.67
C ASP H 247 43.52 8.03 0.22
N GLN H 248 43.98 6.80 0.48
CA GLN H 248 45.28 6.37 -0.02
C GLN H 248 45.32 6.38 -1.54
N LYS H 249 44.26 5.90 -2.18
CA LYS H 249 44.18 5.92 -3.63
C LYS H 249 44.19 7.34 -4.19
N ILE H 250 43.48 8.26 -3.54
CA ILE H 250 43.49 9.66 -3.98
C ILE H 250 44.89 10.25 -3.83
N GLY H 251 45.54 9.97 -2.70
CA GLY H 251 46.87 10.53 -2.45
C GLY H 251 47.95 9.94 -3.33
N ASN H 252 47.80 8.69 -3.76
CA ASN H 252 48.82 8.07 -4.60
C ASN H 252 48.96 8.77 -5.95
N ALA H 253 47.84 9.16 -6.56
CA ALA H 253 47.87 9.78 -7.87
C ALA H 253 48.43 11.20 -7.84
N ILE H 254 48.39 11.87 -6.70
CA ILE H 254 48.86 13.24 -6.63
C ILE H 254 50.37 13.33 -6.79
N ARG H 255 51.11 12.39 -6.18
CA ARG H 255 52.57 12.44 -6.15
C ARG H 255 53.21 11.62 -7.26
N THR H 256 52.55 11.48 -8.42
CA THR H 256 53.14 10.79 -9.56
C THR H 256 53.89 11.80 -10.44
N ILE H 257 55.04 12.22 -9.95
CA ILE H 257 55.84 13.26 -10.58
C ILE H 257 57.28 12.84 -10.82
N ASP H 258 57.64 11.58 -10.55
CA ASP H 258 59.02 11.14 -10.66
C ASP H 258 59.39 10.99 -12.13
N THR H 259 59.83 12.09 -12.74
CA THR H 259 60.25 12.13 -14.13
C THR H 259 61.78 12.19 -14.23
N TRP H 260 62.45 12.25 -13.09
CA TRP H 260 63.85 12.64 -12.99
C TRP H 260 64.80 11.44 -12.94
N TYR H 261 64.48 10.37 -13.66
CA TYR H 261 65.40 9.25 -13.82
C TYR H 261 65.69 9.05 -15.31
N GLU H 262 66.48 8.01 -15.61
CA GLU H 262 67.12 7.90 -16.91
C GLU H 262 66.16 7.73 -18.07
N ASP H 263 65.05 7.01 -17.88
CA ASP H 263 64.20 6.60 -18.99
C ASP H 263 62.76 6.53 -18.50
N ALA H 264 61.92 5.81 -19.24
CA ALA H 264 60.56 5.47 -18.83
C ALA H 264 59.70 6.73 -18.61
N THR H 265 59.45 7.41 -19.73
CA THR H 265 58.49 8.51 -19.77
C THR H 265 57.12 7.99 -19.32
N THR H 266 56.15 8.89 -19.11
CA THR H 266 54.92 8.61 -18.38
C THR H 266 55.28 8.25 -16.96
N PRO H 267 55.67 9.23 -16.14
CA PRO H 267 56.33 8.96 -14.86
C PRO H 267 55.50 8.19 -13.84
N ILE H 268 56.13 7.88 -12.71
CA ILE H 268 55.52 7.10 -11.65
C ILE H 268 55.51 7.89 -10.35
N ALA H 269 54.98 7.30 -9.29
CA ALA H 269 54.92 7.96 -8.00
C ALA H 269 56.27 7.93 -7.31
N VAL H 270 56.53 8.96 -6.50
CA VAL H 270 57.80 9.08 -5.79
C VAL H 270 57.76 8.19 -4.55
N GLU H 271 58.65 7.20 -4.50
CA GLU H 271 58.81 6.32 -3.35
C GLU H 271 60.29 6.02 -3.19
N PRO H 272 60.75 5.74 -1.96
CA PRO H 272 62.11 5.23 -1.80
C PRO H 272 62.25 3.89 -2.51
N TYR H 273 63.35 3.72 -3.24
CA TYR H 273 63.52 2.61 -4.17
C TYR H 273 62.31 2.52 -5.10
N GLY H 274 62.14 3.58 -5.88
CA GLY H 274 60.93 3.78 -6.66
C GLY H 274 60.54 2.59 -7.52
N SER H 275 59.48 1.91 -7.13
CA SER H 275 59.08 0.66 -7.75
C SER H 275 57.59 0.66 -8.02
N VAL H 276 57.18 -0.10 -9.04
CA VAL H 276 55.78 -0.28 -9.40
C VAL H 276 55.48 -1.77 -9.27
N VAL H 277 54.92 -2.17 -8.13
CA VAL H 277 54.66 -3.58 -7.87
C VAL H 277 53.62 -4.14 -8.83
N ARG H 278 52.72 -3.31 -9.35
CA ARG H 278 51.76 -3.80 -10.35
C ARG H 278 52.46 -4.29 -11.60
N ASN H 279 53.47 -3.57 -12.06
CA ASN H 279 54.20 -3.95 -13.27
C ASN H 279 55.35 -4.90 -13.00
N GLY H 280 55.71 -5.11 -11.73
CA GLY H 280 56.78 -6.03 -11.39
C GLY H 280 58.18 -5.48 -11.57
N VAL H 281 58.33 -4.21 -11.93
CA VAL H 281 59.63 -3.61 -12.16
C VAL H 281 59.92 -2.61 -11.05
N ALA H 282 61.20 -2.41 -10.78
CA ALA H 282 61.66 -1.49 -9.74
C ALA H 282 62.73 -0.59 -10.32
N TYR H 283 62.36 0.65 -10.66
CA TYR H 283 63.34 1.63 -11.07
C TYR H 283 64.14 2.10 -9.87
N ARG H 284 65.18 2.89 -10.13
CA ARG H 284 66.09 3.39 -9.10
C ARG H 284 66.62 2.24 -8.25
N ALA H 285 67.08 1.19 -8.93
CA ALA H 285 67.61 0.00 -8.29
C ALA H 285 69.03 0.24 -7.80
N GLY H 286 69.76 -0.82 -7.49
CA GLY H 286 71.11 -0.66 -7.00
C GLY H 286 72.09 -0.23 -8.08
N ASN H 287 71.88 0.97 -8.62
CA ASN H 287 72.79 1.57 -9.58
C ASN H 287 73.14 2.99 -9.14
N LYS H 288 73.39 3.17 -7.85
CA LYS H 288 73.88 4.43 -7.27
C LYS H 288 72.91 5.59 -7.47
N THR H 289 71.61 5.31 -7.55
CA THR H 289 70.58 6.36 -7.52
C THR H 289 69.41 5.87 -6.66
N ASP H 290 69.50 6.13 -5.36
CA ASP H 290 68.49 5.77 -4.39
C ASP H 290 68.16 6.98 -3.52
N LEU H 291 67.11 6.87 -2.71
CA LEU H 291 66.84 7.91 -1.73
C LEU H 291 67.92 7.96 -0.67
N PHE H 292 68.28 6.80 -0.11
CA PHE H 292 69.25 6.74 0.98
C PHE H 292 70.65 7.09 0.53
N THR H 293 71.07 6.66 -0.67
CA THR H 293 72.39 7.03 -1.16
C THR H 293 72.52 8.54 -1.35
N LEU H 294 71.52 9.16 -1.97
CA LEU H 294 71.55 10.62 -2.14
C LEU H 294 71.46 11.34 -0.80
N MET H 295 70.65 10.83 0.13
CA MET H 295 70.56 11.45 1.45
C MET H 295 71.89 11.41 2.18
N ASP H 296 72.59 10.27 2.12
CA ASP H 296 73.91 10.19 2.74
C ASP H 296 74.92 11.07 2.04
N GLY H 297 74.88 11.15 0.70
CA GLY H 297 75.83 11.96 -0.02
C GLY H 297 75.62 13.45 0.12
N ALA H 298 74.38 13.88 0.36
CA ALA H 298 74.11 15.31 0.47
C ALA H 298 74.71 15.89 1.74
N VAL H 299 74.61 15.18 2.86
CA VAL H 299 75.13 15.69 4.12
C VAL H 299 76.63 15.48 4.25
N ASN H 300 77.22 14.56 3.49
CA ASN H 300 78.64 14.27 3.58
C ASN H 300 79.40 15.03 2.51
N GLY H 301 79.36 16.35 2.62
CA GLY H 301 80.16 17.20 1.77
C GLY H 301 79.53 17.60 0.45
N LYS H 302 79.89 16.89 -0.62
CA LYS H 302 79.49 17.25 -1.96
C LYS H 302 77.98 17.33 -2.09
N SER H 303 77.49 18.40 -2.72
CA SER H 303 76.06 18.58 -2.94
C SER H 303 75.62 17.78 -4.16
N LEU H 304 74.32 17.78 -4.42
CA LEU H 304 73.72 17.05 -5.52
C LEU H 304 73.31 18.01 -6.63
N THR H 305 72.80 17.45 -7.72
CA THR H 305 72.31 18.23 -8.84
C THR H 305 70.87 18.66 -8.56
N GLU H 306 70.30 19.47 -9.46
CA GLU H 306 68.95 20.00 -9.25
C GLU H 306 67.91 18.89 -9.18
N GLU H 307 68.00 17.91 -10.09
CA GLU H 307 67.04 16.81 -10.10
C GLU H 307 67.10 15.99 -8.82
N ASP H 308 68.29 15.75 -8.28
CA ASP H 308 68.43 14.97 -7.06
C ASP H 308 67.81 15.65 -5.86
N GLN H 309 68.07 16.95 -5.65
CA GLN H 309 67.42 17.65 -4.56
C GLN H 309 65.92 17.75 -4.76
N MET H 310 65.46 18.00 -5.99
CA MET H 310 64.03 18.04 -6.26
C MET H 310 63.34 16.72 -5.97
N PHE H 311 64.03 15.60 -6.15
CA PHE H 311 63.49 14.29 -5.82
C PHE H 311 63.54 14.01 -4.32
N VAL H 312 64.65 14.36 -3.66
CA VAL H 312 64.78 14.09 -2.23
C VAL H 312 63.78 14.91 -1.43
N THR H 313 63.63 16.19 -1.77
CA THR H 313 62.64 17.02 -1.08
C THR H 313 61.22 16.52 -1.32
N ALA H 314 60.91 16.14 -2.57
CA ALA H 314 59.59 15.62 -2.88
C ALA H 314 59.29 14.33 -2.12
N ASN H 315 60.27 13.44 -1.98
CA ASN H 315 60.09 12.22 -1.22
C ASN H 315 59.99 12.48 0.28
N LEU H 316 60.74 13.46 0.80
CA LEU H 316 60.59 13.86 2.19
C LEU H 316 59.25 14.51 2.49
N ILE H 317 58.62 15.15 1.51
CA ILE H 317 57.26 15.64 1.70
C ILE H 317 56.33 14.47 1.99
N ARG H 318 56.47 13.38 1.25
CA ARG H 318 55.78 12.15 1.59
C ARG H 318 56.34 11.59 2.90
N GLY H 319 55.45 11.09 3.75
CA GLY H 319 55.83 10.58 5.05
C GLY H 319 56.50 9.23 4.98
N GLY H 320 56.82 8.69 6.15
CA GLY H 320 57.42 7.37 6.25
C GLY H 320 58.53 7.35 7.28
N VAL H 321 58.89 6.13 7.67
CA VAL H 321 59.96 5.88 8.62
C VAL H 321 61.09 5.17 7.88
N PHE H 322 62.31 5.68 8.06
CA PHE H 322 63.49 5.15 7.39
C PHE H 322 64.45 4.63 8.44
N GLY H 323 64.89 3.38 8.27
CA GLY H 323 65.78 2.76 9.23
C GLY H 323 66.27 1.39 8.82
N GLY H 324 67.27 0.88 9.53
CA GLY H 324 67.82 -0.42 9.23
C GLY H 324 69.31 -0.52 9.54
#